data_5ABG
#
_entry.id   5ABG
#
_cell.length_a   51.531
_cell.length_b   161.184
_cell.length_c   223.980
_cell.angle_alpha   90.00
_cell.angle_beta   90.00
_cell.angle_gamma   90.00
#
_symmetry.space_group_name_H-M   'P 2 21 21'
#
loop_
_entity.id
_entity.type
_entity.pdbx_description
1 polymer 'O-GLCNACASE BT_4395'
2 non-polymer 1,2-ETHANEDIOL
3 non-polymer 2-[(2R,3S,4R,5R)-1-[3-(4-fluorophenyl)propyl]-5-(hydroxymethyl)-3,4-bis(oxidanyl)pyrrolidin-2-yl]-N-methyl-ethanamide
4 non-polymer 'CALCIUM ION'
5 water water
#
_entity_poly.entity_id   1
_entity_poly.type   'polypeptide(L)'
_entity_poly.pdbx_seq_one_letter_code
;MGSSHHHHHHQNVSLQPPPQQLIVQNKTIDLPAVYQLNGGEEANPHAVKVLKELLSGKQSSKKGMLISIGEKGDKSVRKY
SRQIPDHKEGYYLSVNEKEIVLAGNDERGTYYALQTFAQLLKDGKLPEVEIKDYPSVRYRGVVEGFYGTPWSHQARLSQL
KFYGKNKMNTYIYGPKDDPYHSAPNWRLPYPDKEAAQLQELVAVANENEVDFVWAIHPGQDIKWNKEDRDLLLAKFEKMY
QLGVRSFAVFFDDISGEGTNPQKQAELLNYIDEKFAQVKPDINQLVMCPTEYNKSWSNPNGNYLTTLGDKLNPSIQIMWT
GDRVISDITRDGISWINERIKRPAYIWWNFPVSDYVRDHLLLGPVYGNDTTIAKEMSGFVTNPMEHAESSKIAIYSVASY
AWNPAKYDTWQTWKDAIRTILPSAAEELECFAMHNSDLGPNGHGYRREESMDIQPAAERFLKAFKEGKNYDKADFETLQY
TFERMKESADILLMNTENKPLIVEITPWVHQFKLTAEMGEEVLKMVEGRNESYFLRKYNHVKALQQQMFYIDQTSNQNPY
QPGVKTATRVIKPLIDRTFATVVKFFNQKFNAHLDATTDYMPHKMISNVEQIKNLPLQVKANRVLISPANEVVKWAAGNS
VEIELDAIYPGENIQINFGKDAPCTWGRLEISTDGKEWKTVDLKQKESRLSAGLQKAPVKFVRFTNVSDEEQQVYLRQFV
LTIEKK
;
_entity_poly.pdbx_strand_id   A,B
#
# COMPACT_ATOMS: atom_id res chain seq x y z
N SER A 14 -17.42 -23.42 27.94
CA SER A 14 -17.74 -23.73 26.55
C SER A 14 -16.77 -24.78 26.00
N LEU A 15 -17.33 -25.81 25.35
CA LEU A 15 -16.54 -26.88 24.77
C LEU A 15 -16.89 -27.07 23.30
N GLN A 16 -15.86 -27.22 22.47
CA GLN A 16 -16.04 -27.40 21.03
C GLN A 16 -15.16 -28.54 20.50
N PRO A 17 -15.77 -29.56 19.88
CA PRO A 17 -17.22 -29.78 19.74
C PRO A 17 -17.89 -30.03 21.08
N PRO A 18 -19.19 -29.70 21.20
CA PRO A 18 -19.90 -29.99 22.45
C PRO A 18 -20.04 -31.50 22.67
N PRO A 19 -19.69 -31.99 23.87
CA PRO A 19 -19.75 -33.45 24.07
C PRO A 19 -21.18 -34.00 24.08
N GLN A 20 -21.32 -35.30 23.88
CA GLN A 20 -22.63 -35.95 23.84
C GLN A 20 -23.35 -35.85 25.18
N GLN A 21 -22.63 -36.16 26.26
CA GLN A 21 -23.18 -36.07 27.61
C GLN A 21 -22.24 -35.27 28.50
N LEU A 22 -22.83 -34.41 29.33
CA LEU A 22 -22.06 -33.52 30.20
C LEU A 22 -22.80 -33.26 31.51
N ILE A 23 -22.09 -33.40 32.62
CA ILE A 23 -22.62 -33.10 33.94
C ILE A 23 -21.66 -32.18 34.68
N VAL A 24 -22.09 -30.96 34.95
CA VAL A 24 -21.26 -29.95 35.62
C VAL A 24 -21.73 -29.71 37.04
N GLN A 25 -20.77 -29.44 37.92
CA GLN A 25 -21.06 -29.10 39.32
C GLN A 25 -20.71 -27.64 39.56
N ASN A 26 -20.35 -27.31 40.79
CA ASN A 26 -19.87 -25.97 41.15
C ASN A 26 -18.49 -26.01 41.80
N LYS A 27 -17.93 -27.21 41.92
CA LYS A 27 -16.65 -27.39 42.57
C LYS A 27 -15.49 -27.00 41.65
N THR A 28 -14.48 -26.36 42.23
CA THR A 28 -13.28 -25.96 41.50
C THR A 28 -12.09 -26.78 41.96
N ILE A 29 -11.55 -27.59 41.06
CA ILE A 29 -10.38 -28.41 41.35
C ILE A 29 -9.13 -27.73 40.83
N ASP A 30 -8.13 -27.62 41.69
CA ASP A 30 -6.84 -27.08 41.28
C ASP A 30 -6.07 -28.13 40.49
N LEU A 31 -5.42 -27.72 39.41
CA LEU A 31 -4.52 -28.62 38.70
C LEU A 31 -3.44 -29.01 39.68
N PRO A 32 -3.47 -30.27 40.15
CA PRO A 32 -2.70 -30.65 41.34
C PRO A 32 -1.21 -30.34 41.24
N ALA A 33 -0.67 -29.72 42.28
CA ALA A 33 0.77 -29.52 42.38
C ALA A 33 1.45 -30.88 42.28
N VAL A 34 0.95 -31.83 43.07
CA VAL A 34 1.48 -33.19 43.10
C VAL A 34 0.49 -34.17 42.48
N TYR A 35 0.96 -34.96 41.52
CA TYR A 35 0.11 -35.93 40.84
C TYR A 35 0.80 -37.29 40.69
N GLN A 36 -0.01 -38.34 40.63
CA GLN A 36 0.47 -39.69 40.35
C GLN A 36 -0.12 -40.18 39.03
N LEU A 37 0.73 -40.29 38.02
CA LEU A 37 0.26 -40.71 36.70
C LEU A 37 0.12 -42.23 36.63
N ASN A 38 -1.06 -42.66 36.20
CA ASN A 38 -1.36 -44.09 36.08
C ASN A 38 -1.71 -44.49 34.65
N GLY A 39 -0.81 -45.26 34.03
CA GLY A 39 -1.04 -45.75 32.68
C GLY A 39 -0.32 -44.94 31.62
N GLY A 40 0.71 -44.21 32.02
CA GLY A 40 1.48 -43.39 31.10
C GLY A 40 2.22 -44.22 30.06
N GLU A 41 2.57 -45.45 30.44
CA GLU A 41 3.29 -46.34 29.56
C GLU A 41 2.36 -47.11 28.62
N GLU A 42 1.07 -47.13 28.96
CA GLU A 42 0.09 -47.92 28.23
C GLU A 42 -0.70 -47.10 27.23
N ALA A 43 -1.06 -45.88 27.62
CA ALA A 43 -1.97 -45.05 26.84
C ALA A 43 -1.37 -44.57 25.53
N ASN A 44 -2.23 -44.01 24.69
CA ASN A 44 -1.81 -43.38 23.43
C ASN A 44 -0.68 -42.38 23.67
N PRO A 45 0.52 -42.65 23.14
CA PRO A 45 1.65 -41.74 23.32
C PRO A 45 1.35 -40.29 22.96
N HIS A 46 0.52 -40.09 21.93
CA HIS A 46 0.13 -38.75 21.53
C HIS A 46 -0.69 -38.08 22.63
N ALA A 47 -1.57 -38.86 23.25
CA ALA A 47 -2.41 -38.35 24.34
C ALA A 47 -1.57 -38.06 25.58
N VAL A 48 -0.63 -38.94 25.87
CA VAL A 48 0.24 -38.77 27.02
C VAL A 48 1.10 -37.52 26.87
N LYS A 49 1.57 -37.27 25.65
CA LYS A 49 2.42 -36.11 25.38
C LYS A 49 1.66 -34.81 25.65
N VAL A 50 0.38 -34.78 25.27
CA VAL A 50 -0.46 -33.63 25.55
C VAL A 50 -0.56 -33.43 27.05
N LEU A 51 -0.83 -34.52 27.77
CA LEU A 51 -1.02 -34.44 29.22
C LEU A 51 0.23 -33.90 29.92
N LYS A 52 1.37 -34.56 29.70
CA LYS A 52 2.62 -34.17 30.34
C LYS A 52 2.97 -32.71 30.05
N GLU A 53 2.57 -32.23 28.87
CA GLU A 53 2.80 -30.84 28.51
C GLU A 53 1.95 -29.92 29.38
N LEU A 54 0.75 -30.36 29.72
CA LEU A 54 -0.14 -29.59 30.59
C LEU A 54 0.32 -29.62 32.05
N LEU A 55 1.17 -30.59 32.39
CA LEU A 55 1.61 -30.77 33.77
C LEU A 55 3.04 -30.29 33.98
N SER A 56 3.26 -28.99 33.86
CA SER A 56 4.56 -28.41 34.19
C SER A 56 4.71 -28.33 35.71
N GLY A 57 3.59 -28.55 36.43
CA GLY A 57 3.64 -28.74 37.86
C GLY A 57 4.31 -30.07 38.13
N LYS A 58 5.62 -30.10 37.91
CA LYS A 58 6.38 -31.35 37.76
C LYS A 58 6.45 -32.21 39.01
N GLN A 59 5.83 -31.77 40.11
CA GLN A 59 5.76 -32.63 41.28
C GLN A 59 4.96 -33.88 40.88
N SER A 60 5.66 -34.97 40.66
CA SER A 60 5.05 -36.20 40.17
C SER A 60 5.48 -37.41 40.98
N SER A 61 4.91 -37.54 42.18
CA SER A 61 5.18 -38.68 43.04
C SER A 61 3.90 -39.47 43.26
N LYS A 62 4.00 -40.55 44.03
CA LYS A 62 2.83 -41.38 44.32
C LYS A 62 2.00 -40.71 45.42
N LYS A 63 2.57 -39.71 46.06
CA LYS A 63 1.89 -39.00 47.14
C LYS A 63 0.84 -38.01 46.63
N GLY A 64 0.74 -37.88 45.31
CA GLY A 64 -0.11 -36.87 44.70
C GLY A 64 -1.44 -37.39 44.20
N MET A 65 -2.22 -36.47 43.61
CA MET A 65 -3.52 -36.81 43.05
C MET A 65 -3.38 -37.76 41.87
N LEU A 66 -4.03 -38.91 41.96
CA LEU A 66 -3.95 -39.92 40.91
C LEU A 66 -4.59 -39.42 39.62
N ILE A 67 -3.96 -39.74 38.48
CA ILE A 67 -4.48 -39.37 37.16
C ILE A 67 -4.46 -40.60 36.26
N SER A 68 -5.65 -41.15 36.00
CA SER A 68 -5.78 -42.39 35.25
C SER A 68 -5.99 -42.12 33.76
N ILE A 69 -5.07 -42.63 32.94
CA ILE A 69 -5.18 -42.52 31.49
C ILE A 69 -4.92 -43.88 30.84
N GLY A 70 -5.61 -44.15 29.74
CA GLY A 70 -5.46 -45.40 29.03
C GLY A 70 -6.67 -45.72 28.16
N GLU A 71 -6.54 -46.74 27.33
CA GLU A 71 -7.63 -47.19 26.49
C GLU A 71 -8.38 -48.32 27.18
N LYS A 72 -9.62 -48.56 26.76
CA LYS A 72 -10.43 -49.62 27.36
C LYS A 72 -9.73 -50.97 27.22
N GLY A 73 -9.49 -51.62 28.35
CA GLY A 73 -8.75 -52.88 28.39
C GLY A 73 -7.42 -52.70 29.11
N ASP A 74 -6.96 -51.45 29.20
CA ASP A 74 -5.75 -51.15 29.94
C ASP A 74 -5.97 -51.28 31.43
N LYS A 75 -4.91 -51.62 32.17
CA LYS A 75 -5.01 -51.78 33.62
C LYS A 75 -5.36 -50.46 34.31
N SER A 76 -4.96 -49.36 33.70
CA SER A 76 -5.13 -48.04 34.32
C SER A 76 -6.59 -47.64 34.47
N VAL A 77 -7.45 -48.13 33.58
CA VAL A 77 -8.84 -47.71 33.53
C VAL A 77 -9.80 -48.89 33.51
N ARG A 78 -9.40 -49.99 34.13
CA ARG A 78 -10.25 -51.18 34.17
C ARG A 78 -11.50 -50.92 35.01
N LYS A 79 -11.36 -50.08 36.02
CA LYS A 79 -12.46 -49.71 36.90
C LYS A 79 -13.62 -49.05 36.14
N TYR A 80 -13.29 -48.06 35.32
CA TYR A 80 -14.28 -47.24 34.65
C TYR A 80 -14.70 -47.83 33.31
N SER A 81 -14.49 -49.12 33.15
CA SER A 81 -14.81 -49.82 31.91
C SER A 81 -16.26 -49.64 31.47
N ARG A 82 -17.16 -49.53 32.46
CA ARG A 82 -18.59 -49.48 32.17
C ARG A 82 -19.05 -48.08 31.76
N GLN A 83 -18.30 -47.06 32.15
CA GLN A 83 -18.65 -45.68 31.84
C GLN A 83 -18.14 -45.27 30.45
N ILE A 84 -17.11 -45.96 29.96
CA ILE A 84 -16.55 -45.65 28.65
C ILE A 84 -17.55 -46.00 27.55
N PRO A 85 -17.92 -45.00 26.71
CA PRO A 85 -18.85 -45.30 25.61
C PRO A 85 -18.30 -46.34 24.66
N ASP A 86 -19.17 -47.24 24.19
CA ASP A 86 -18.75 -48.28 23.25
C ASP A 86 -18.94 -47.81 21.81
N HIS A 87 -18.34 -46.67 21.50
CA HIS A 87 -18.33 -46.13 20.15
C HIS A 87 -16.88 -45.90 19.73
N LYS A 88 -16.61 -46.00 18.44
CA LYS A 88 -15.29 -45.67 17.91
C LYS A 88 -14.97 -44.21 18.21
N GLU A 89 -13.76 -43.96 18.67
CA GLU A 89 -13.29 -42.62 19.01
C GLU A 89 -14.03 -42.01 20.20
N GLY A 90 -14.81 -42.84 20.90
CA GLY A 90 -15.50 -42.39 22.09
C GLY A 90 -14.56 -42.34 23.28
N TYR A 91 -14.99 -41.70 24.37
CA TYR A 91 -14.17 -41.63 25.57
C TYR A 91 -14.98 -41.22 26.81
N TYR A 92 -14.39 -41.46 27.97
CA TYR A 92 -14.95 -41.07 29.24
C TYR A 92 -13.97 -40.16 29.97
N LEU A 93 -14.47 -39.05 30.49
CA LEU A 93 -13.64 -38.10 31.21
C LEU A 93 -14.33 -37.74 32.52
N SER A 94 -13.55 -37.73 33.60
CA SER A 94 -14.06 -37.37 34.91
C SER A 94 -13.04 -36.56 35.69
N VAL A 95 -13.52 -35.52 36.35
CA VAL A 95 -12.70 -34.71 37.24
C VAL A 95 -13.47 -34.45 38.53
N ASN A 96 -12.88 -34.82 39.65
CA ASN A 96 -13.43 -34.49 40.96
C ASN A 96 -12.32 -34.32 41.97
N GLU A 97 -12.68 -34.21 43.24
CA GLU A 97 -11.72 -33.91 44.29
C GLU A 97 -10.62 -34.95 44.41
N LYS A 98 -10.96 -36.23 44.19
CA LYS A 98 -10.02 -37.31 44.46
C LYS A 98 -9.15 -37.68 43.26
N GLU A 99 -9.76 -37.88 42.09
CA GLU A 99 -9.05 -38.43 40.94
C GLU A 99 -9.51 -37.85 39.60
N ILE A 100 -8.60 -37.87 38.63
CA ILE A 100 -8.92 -37.52 37.24
C ILE A 100 -8.85 -38.78 36.38
N VAL A 101 -9.86 -38.97 35.54
CA VAL A 101 -9.91 -40.11 34.63
C VAL A 101 -9.93 -39.62 33.18
N LEU A 102 -9.08 -40.23 32.36
CA LEU A 102 -9.01 -39.93 30.93
C LEU A 102 -8.97 -41.23 30.14
N ALA A 103 -10.12 -41.85 30.00
CA ALA A 103 -10.22 -43.19 29.43
C ALA A 103 -10.96 -43.17 28.09
N GLY A 104 -10.24 -43.56 27.04
CA GLY A 104 -10.81 -43.63 25.70
C GLY A 104 -11.25 -45.05 25.37
N ASN A 105 -12.21 -45.16 24.45
CA ASN A 105 -12.61 -46.48 23.97
C ASN A 105 -11.52 -47.05 23.08
N ASP A 106 -10.76 -46.15 22.46
CA ASP A 106 -9.58 -46.53 21.68
C ASP A 106 -8.52 -45.44 21.83
N GLU A 107 -7.37 -45.63 21.20
CA GLU A 107 -6.25 -44.70 21.36
C GLU A 107 -6.61 -43.29 20.88
N ARG A 108 -7.41 -43.21 19.82
CA ARG A 108 -7.84 -41.92 19.30
C ARG A 108 -8.87 -41.30 20.24
N GLY A 109 -9.65 -42.15 20.89
CA GLY A 109 -10.61 -41.70 21.88
C GLY A 109 -9.92 -41.07 23.07
N THR A 110 -8.81 -41.67 23.48
CA THR A 110 -8.01 -41.14 24.59
C THR A 110 -7.45 -39.78 24.23
N TYR A 111 -6.98 -39.66 23.00
CA TYR A 111 -6.43 -38.40 22.50
C TYR A 111 -7.50 -37.31 22.53
N TYR A 112 -8.71 -37.67 22.13
CA TYR A 112 -9.83 -36.73 22.10
C TYR A 112 -10.27 -36.34 23.52
N ALA A 113 -10.07 -37.25 24.47
CA ALA A 113 -10.37 -36.94 25.86
C ALA A 113 -9.45 -35.83 26.36
N LEU A 114 -8.20 -35.86 25.92
CA LEU A 114 -7.21 -34.86 26.31
C LEU A 114 -7.51 -33.51 25.68
N GLN A 115 -8.04 -33.53 24.46
CA GLN A 115 -8.37 -32.29 23.76
C GLN A 115 -9.51 -31.57 24.46
N THR A 116 -10.44 -32.34 25.02
CA THR A 116 -11.53 -31.78 25.81
C THR A 116 -10.98 -31.31 27.16
N PHE A 117 -10.10 -32.13 27.74
CA PHE A 117 -9.50 -31.82 29.02
C PHE A 117 -8.73 -30.50 28.97
N ALA A 118 -8.12 -30.22 27.83
CA ALA A 118 -7.33 -29.00 27.66
C ALA A 118 -8.22 -27.77 27.64
N GLN A 119 -9.44 -27.93 27.15
CA GLN A 119 -10.40 -26.83 27.11
C GLN A 119 -10.98 -26.57 28.51
N LEU A 120 -11.04 -27.60 29.33
CA LEU A 120 -11.57 -27.49 30.68
C LEU A 120 -10.59 -26.79 31.61
N LEU A 121 -9.31 -26.89 31.28
CA LEU A 121 -8.26 -26.28 32.10
C LEU A 121 -8.23 -24.77 31.90
N LYS A 122 -8.70 -24.05 32.93
CA LYS A 122 -8.81 -22.60 32.87
C LYS A 122 -8.20 -21.97 34.12
N ASP A 123 -7.25 -21.08 33.92
CA ASP A 123 -6.57 -20.39 35.03
C ASP A 123 -5.83 -21.38 35.91
N GLY A 124 -5.50 -22.54 35.35
CA GLY A 124 -4.80 -23.58 36.08
C GLY A 124 -5.70 -24.31 37.06
N LYS A 125 -7.00 -24.30 36.79
CA LYS A 125 -7.97 -24.95 37.66
C LYS A 125 -9.09 -25.59 36.84
N LEU A 126 -9.47 -26.81 37.24
CA LEU A 126 -10.44 -27.61 36.50
C LEU A 126 -11.82 -27.58 37.14
N PRO A 127 -12.88 -27.73 36.33
CA PRO A 127 -14.23 -27.90 36.88
C PRO A 127 -14.52 -29.35 37.23
N GLU A 128 -15.43 -29.57 38.18
CA GLU A 128 -15.85 -30.93 38.53
C GLU A 128 -16.88 -31.41 37.52
N VAL A 129 -16.45 -32.27 36.60
CA VAL A 129 -17.28 -32.67 35.47
C VAL A 129 -17.29 -34.17 35.19
N GLU A 130 -18.41 -34.64 34.65
CA GLU A 130 -18.53 -36.00 34.13
C GLU A 130 -18.90 -35.93 32.65
N ILE A 131 -18.05 -36.53 31.81
CA ILE A 131 -18.24 -36.46 30.36
C ILE A 131 -18.20 -37.85 29.72
N LYS A 132 -19.25 -38.16 28.98
CA LYS A 132 -19.27 -39.31 28.08
C LYS A 132 -19.53 -38.81 26.67
N ASP A 133 -18.58 -39.05 25.78
CA ASP A 133 -18.57 -38.38 24.48
C ASP A 133 -18.11 -39.28 23.35
N TYR A 134 -18.56 -38.95 22.14
CA TYR A 134 -18.24 -39.72 20.94
C TYR A 134 -18.80 -38.97 19.73
N PRO A 135 -18.25 -39.25 18.55
CA PRO A 135 -18.73 -38.57 17.33
C PRO A 135 -20.01 -39.18 16.79
N SER A 136 -20.86 -38.35 16.20
CA SER A 136 -22.09 -38.83 15.56
C SER A 136 -21.84 -39.22 14.10
N VAL A 137 -20.75 -38.71 13.54
CA VAL A 137 -20.34 -39.04 12.18
C VAL A 137 -18.93 -39.64 12.21
N ARG A 138 -18.78 -40.78 11.54
CA ARG A 138 -17.54 -41.55 11.64
C ARG A 138 -16.32 -40.79 11.12
N TYR A 139 -16.46 -40.20 9.93
CA TYR A 139 -15.34 -39.47 9.31
C TYR A 139 -15.68 -38.00 9.15
N ARG A 140 -14.79 -37.16 9.68
CA ARG A 140 -15.03 -35.73 9.76
C ARG A 140 -13.74 -34.98 9.44
N GLY A 141 -13.80 -34.01 8.54
CA GLY A 141 -12.63 -33.21 8.27
C GLY A 141 -12.70 -32.33 7.05
N VAL A 142 -11.60 -32.33 6.29
CA VAL A 142 -11.40 -31.39 5.19
C VAL A 142 -10.88 -32.11 3.96
N VAL A 143 -11.42 -31.74 2.80
CA VAL A 143 -10.85 -32.17 1.53
C VAL A 143 -10.28 -30.94 0.81
N GLU A 144 -8.96 -30.89 0.69
CA GLU A 144 -8.33 -29.87 -0.13
C GLU A 144 -8.55 -30.27 -1.57
N GLY A 145 -9.69 -29.89 -2.13
CA GLY A 145 -10.10 -30.36 -3.45
C GLY A 145 -10.48 -29.24 -4.40
N PHE A 146 -9.92 -28.05 -4.18
CA PHE A 146 -10.31 -26.88 -4.95
C PHE A 146 -9.37 -26.60 -6.12
N TYR A 147 -9.84 -25.74 -7.04
CA TYR A 147 -8.98 -25.17 -8.07
C TYR A 147 -8.33 -23.90 -7.52
N GLY A 148 -7.08 -23.66 -7.91
CA GLY A 148 -6.35 -22.50 -7.47
C GLY A 148 -5.03 -22.90 -6.86
N THR A 149 -4.32 -21.93 -6.26
CA THR A 149 -3.04 -22.21 -5.62
C THR A 149 -3.23 -23.19 -4.47
N PRO A 150 -2.62 -24.38 -4.55
CA PRO A 150 -2.76 -25.31 -3.43
C PRO A 150 -2.16 -24.74 -2.15
N TRP A 151 -2.67 -25.19 -1.00
CA TRP A 151 -2.14 -24.76 0.30
C TRP A 151 -0.64 -24.96 0.39
N SER A 152 0.04 -23.97 0.96
CA SER A 152 1.47 -24.08 1.20
C SER A 152 1.73 -25.19 2.22
N HIS A 153 2.97 -25.66 2.27
CA HIS A 153 3.35 -26.71 3.20
C HIS A 153 3.11 -26.26 4.64
N GLN A 154 3.52 -25.04 4.95
CA GLN A 154 3.37 -24.52 6.30
C GLN A 154 1.89 -24.37 6.67
N ALA A 155 1.07 -24.01 5.69
CA ALA A 155 -0.37 -23.91 5.92
C ALA A 155 -0.93 -25.28 6.29
N ARG A 156 -0.52 -26.31 5.55
CA ARG A 156 -1.00 -27.67 5.76
C ARG A 156 -0.58 -28.20 7.13
N LEU A 157 0.64 -27.88 7.56
CA LEU A 157 1.09 -28.27 8.89
C LEU A 157 0.22 -27.64 9.97
N SER A 158 -0.11 -26.37 9.79
CA SER A 158 -0.97 -25.66 10.72
C SER A 158 -2.37 -26.28 10.74
N GLN A 159 -2.86 -26.64 9.56
CA GLN A 159 -4.19 -27.24 9.42
C GLN A 159 -4.31 -28.53 10.21
N LEU A 160 -3.31 -29.41 10.08
CA LEU A 160 -3.36 -30.71 10.71
C LEU A 160 -3.43 -30.63 12.23
N LYS A 161 -2.69 -29.68 12.80
CA LYS A 161 -2.70 -29.49 14.25
C LYS A 161 -4.04 -28.91 14.69
N PHE A 162 -4.65 -28.12 13.82
CA PHE A 162 -5.97 -27.54 14.07
C PHE A 162 -7.04 -28.64 14.08
N TYR A 163 -6.88 -29.61 13.18
CA TYR A 163 -7.84 -30.70 13.07
C TYR A 163 -7.84 -31.56 14.33
N GLY A 164 -6.65 -31.89 14.82
CA GLY A 164 -6.51 -32.69 16.02
C GLY A 164 -7.16 -32.04 17.22
N LYS A 165 -7.02 -30.73 17.33
CA LYS A 165 -7.60 -29.99 18.44
C LYS A 165 -9.12 -30.01 18.41
N ASN A 166 -9.69 -30.08 17.21
CA ASN A 166 -11.14 -30.03 17.04
C ASN A 166 -11.72 -31.39 16.63
N LYS A 167 -10.94 -32.44 16.82
CA LYS A 167 -11.41 -33.81 16.65
C LYS A 167 -11.85 -34.13 15.23
N MET A 168 -11.20 -33.51 14.24
CA MET A 168 -11.37 -33.89 12.85
C MET A 168 -10.35 -34.97 12.51
N ASN A 169 -10.83 -36.13 12.07
CA ASN A 169 -9.97 -37.29 11.88
C ASN A 169 -9.58 -37.56 10.42
N THR A 170 -9.95 -36.64 9.52
CA THR A 170 -9.74 -36.86 8.10
C THR A 170 -9.23 -35.62 7.36
N TYR A 171 -8.20 -35.84 6.57
CA TYR A 171 -7.72 -34.82 5.63
C TYR A 171 -7.49 -35.48 4.29
N ILE A 172 -8.28 -35.08 3.29
CA ILE A 172 -8.17 -35.66 1.96
C ILE A 172 -7.42 -34.70 1.03
N TYR A 173 -6.22 -35.10 0.66
CA TYR A 173 -5.37 -34.31 -0.21
C TYR A 173 -5.75 -34.50 -1.67
N GLY A 174 -6.23 -33.45 -2.31
CA GLY A 174 -6.55 -33.51 -3.73
C GLY A 174 -6.65 -32.18 -4.43
N PRO A 175 -5.62 -31.32 -4.29
CA PRO A 175 -5.65 -30.03 -5.00
C PRO A 175 -5.74 -30.24 -6.52
N LYS A 176 -6.77 -29.69 -7.15
CA LYS A 176 -7.00 -29.89 -8.57
C LYS A 176 -5.81 -29.49 -9.43
N ASP A 177 -5.04 -28.51 -8.97
CA ASP A 177 -3.94 -27.95 -9.75
C ASP A 177 -2.57 -28.49 -9.32
N ASP A 178 -2.57 -29.55 -8.51
CA ASP A 178 -1.34 -30.29 -8.25
C ASP A 178 -1.10 -31.23 -9.43
N PRO A 179 -0.01 -31.02 -10.20
CA PRO A 179 0.16 -31.80 -11.43
C PRO A 179 0.36 -33.29 -11.20
N TYR A 180 0.80 -33.67 -10.00
CA TYR A 180 1.04 -35.08 -9.67
C TYR A 180 -0.18 -35.73 -9.03
N HIS A 181 -1.23 -34.93 -8.84
CA HIS A 181 -2.52 -35.43 -8.38
C HIS A 181 -3.45 -35.68 -9.57
N SER A 182 -3.40 -34.77 -10.55
CA SER A 182 -4.30 -34.82 -11.70
C SER A 182 -3.53 -35.08 -12.99
N ALA A 183 -4.21 -34.88 -14.12
CA ALA A 183 -3.63 -35.21 -15.42
C ALA A 183 -2.63 -34.15 -15.86
N PRO A 184 -1.58 -34.55 -16.60
CA PRO A 184 -1.26 -35.91 -17.02
C PRO A 184 -0.30 -36.64 -16.08
N ASN A 185 0.33 -35.89 -15.17
CA ASN A 185 1.43 -36.43 -14.38
C ASN A 185 1.02 -37.15 -13.11
N TRP A 186 -0.24 -37.57 -13.05
CA TRP A 186 -0.68 -38.42 -11.94
C TRP A 186 0.03 -39.78 -12.04
N ARG A 187 0.58 -40.07 -13.22
CA ARG A 187 1.33 -41.30 -13.46
C ARG A 187 2.73 -41.24 -12.86
N LEU A 188 3.22 -40.03 -12.60
CA LEU A 188 4.60 -39.82 -12.14
C LEU A 188 4.68 -39.71 -10.62
N PRO A 189 5.75 -40.28 -10.02
CA PRO A 189 5.94 -40.08 -8.58
C PRO A 189 6.33 -38.63 -8.28
N TYR A 190 6.07 -38.17 -7.05
CA TYR A 190 6.44 -36.82 -6.66
C TYR A 190 7.96 -36.66 -6.67
N PRO A 191 8.46 -35.48 -7.06
CA PRO A 191 9.91 -35.23 -6.94
C PRO A 191 10.36 -35.30 -5.49
N ASP A 192 11.66 -35.42 -5.27
CA ASP A 192 12.21 -35.66 -3.94
C ASP A 192 11.76 -34.62 -2.92
N LYS A 193 11.72 -33.35 -3.33
CA LYS A 193 11.31 -32.27 -2.43
C LYS A 193 9.87 -32.46 -1.96
N GLU A 194 8.96 -32.55 -2.92
CA GLU A 194 7.54 -32.72 -2.62
C GLU A 194 7.30 -34.01 -1.82
N ALA A 195 8.02 -35.06 -2.17
CA ALA A 195 7.87 -36.35 -1.50
C ALA A 195 8.26 -36.24 -0.02
N ALA A 196 9.38 -35.58 0.24
CA ALA A 196 9.84 -35.38 1.61
C ALA A 196 8.84 -34.54 2.40
N GLN A 197 8.22 -33.59 1.74
CA GLN A 197 7.22 -32.74 2.38
C GLN A 197 5.96 -33.53 2.73
N LEU A 198 5.50 -34.35 1.78
CA LEU A 198 4.35 -35.20 2.02
C LEU A 198 4.62 -36.20 3.13
N GLN A 199 5.84 -36.72 3.17
CA GLN A 199 6.24 -37.64 4.22
C GLN A 199 6.10 -36.98 5.59
N GLU A 200 6.47 -35.70 5.67
CA GLU A 200 6.35 -34.95 6.90
C GLU A 200 4.89 -34.72 7.26
N LEU A 201 4.07 -34.37 6.28
CA LEU A 201 2.65 -34.13 6.51
C LEU A 201 1.98 -35.36 7.11
N VAL A 202 2.26 -36.52 6.55
CA VAL A 202 1.68 -37.77 7.04
C VAL A 202 2.11 -38.01 8.48
N ALA A 203 3.37 -37.75 8.77
CA ALA A 203 3.90 -37.89 10.13
C ALA A 203 3.17 -36.95 11.10
N VAL A 204 3.03 -35.69 10.71
CA VAL A 204 2.35 -34.71 11.55
C VAL A 204 0.87 -35.06 11.68
N ALA A 205 0.29 -35.60 10.62
CA ALA A 205 -1.11 -36.04 10.66
C ALA A 205 -1.29 -37.15 11.69
N ASN A 206 -0.35 -38.10 11.71
CA ASN A 206 -0.40 -39.21 12.65
C ASN A 206 -0.27 -38.73 14.10
N GLU A 207 0.61 -37.76 14.32
CA GLU A 207 0.81 -37.19 15.64
C GLU A 207 -0.43 -36.48 16.17
N ASN A 208 -1.29 -36.06 15.24
CA ASN A 208 -2.52 -35.35 15.59
C ASN A 208 -3.78 -36.19 15.35
N GLU A 209 -3.58 -37.50 15.19
CA GLU A 209 -4.69 -38.44 15.00
C GLU A 209 -5.56 -38.09 13.80
N VAL A 210 -4.93 -37.68 12.70
CA VAL A 210 -5.64 -37.40 11.46
C VAL A 210 -5.28 -38.43 10.38
N ASP A 211 -6.29 -38.99 9.72
CA ASP A 211 -6.07 -39.85 8.57
C ASP A 211 -5.72 -39.03 7.34
N PHE A 212 -4.48 -39.16 6.87
CA PHE A 212 -4.06 -38.51 5.63
C PHE A 212 -4.51 -39.36 4.44
N VAL A 213 -5.52 -38.89 3.73
CA VAL A 213 -6.04 -39.59 2.56
C VAL A 213 -5.49 -38.96 1.28
N TRP A 214 -4.61 -39.66 0.58
CA TRP A 214 -4.09 -39.15 -0.68
C TRP A 214 -5.02 -39.53 -1.83
N ALA A 215 -5.53 -38.52 -2.53
CA ALA A 215 -6.42 -38.75 -3.66
C ALA A 215 -5.68 -38.63 -4.98
N ILE A 216 -6.15 -39.38 -5.98
CA ILE A 216 -5.63 -39.30 -7.34
C ILE A 216 -6.79 -38.95 -8.27
N HIS A 217 -6.49 -38.22 -9.34
CA HIS A 217 -7.51 -37.69 -10.25
C HIS A 217 -7.12 -38.00 -11.69
N PRO A 218 -7.27 -39.27 -12.10
CA PRO A 218 -6.74 -39.76 -13.37
C PRO A 218 -7.75 -39.78 -14.52
N GLY A 219 -8.99 -39.39 -14.24
CA GLY A 219 -10.09 -39.65 -15.15
C GLY A 219 -10.01 -39.05 -16.55
N GLN A 220 -9.40 -37.87 -16.67
CA GLN A 220 -9.49 -37.12 -17.91
C GLN A 220 -8.78 -37.80 -19.08
N ASP A 221 -7.69 -38.51 -18.81
CA ASP A 221 -6.91 -39.14 -19.87
C ASP A 221 -6.58 -40.61 -19.59
N ILE A 222 -7.28 -41.21 -18.64
CA ILE A 222 -7.03 -42.61 -18.31
C ILE A 222 -7.47 -43.52 -19.45
N LYS A 223 -6.66 -44.52 -19.75
CA LYS A 223 -7.07 -45.59 -20.66
C LYS A 223 -7.46 -46.78 -19.81
N TRP A 224 -8.55 -47.44 -20.18
CA TRP A 224 -8.98 -48.62 -19.45
C TRP A 224 -8.20 -49.85 -19.91
N ASN A 225 -6.88 -49.81 -19.70
CA ASN A 225 -6.01 -50.92 -20.04
C ASN A 225 -5.09 -51.26 -18.86
N LYS A 226 -4.21 -52.24 -19.08
CA LYS A 226 -3.32 -52.72 -18.04
C LYS A 226 -2.26 -51.69 -17.66
N GLU A 227 -1.80 -50.92 -18.64
CA GLU A 227 -0.71 -49.98 -18.42
C GLU A 227 -1.10 -48.89 -17.42
N ASP A 228 -2.22 -48.23 -17.67
CA ASP A 228 -2.67 -47.14 -16.80
C ASP A 228 -3.11 -47.68 -15.44
N ARG A 229 -3.72 -48.85 -15.44
CA ARG A 229 -4.10 -49.52 -14.20
C ARG A 229 -2.86 -49.73 -13.33
N ASP A 230 -1.84 -50.35 -13.92
CA ASP A 230 -0.60 -50.64 -13.20
C ASP A 230 0.10 -49.37 -12.73
N LEU A 231 0.07 -48.32 -13.55
CA LEU A 231 0.70 -47.06 -13.19
C LEU A 231 0.01 -46.41 -12.00
N LEU A 232 -1.30 -46.54 -11.94
CA LEU A 232 -2.06 -46.01 -10.82
C LEU A 232 -1.68 -46.74 -9.53
N LEU A 233 -1.62 -48.07 -9.61
CA LEU A 233 -1.23 -48.88 -8.46
C LEU A 233 0.22 -48.59 -8.06
N ALA A 234 1.07 -48.38 -9.04
CA ALA A 234 2.46 -48.04 -8.78
C ALA A 234 2.55 -46.71 -8.04
N LYS A 235 1.70 -45.76 -8.43
CA LYS A 235 1.66 -44.46 -7.77
C LYS A 235 1.19 -44.63 -6.32
N PHE A 236 0.12 -45.40 -6.13
CA PHE A 236 -0.39 -45.68 -4.79
C PHE A 236 0.67 -46.35 -3.92
N GLU A 237 1.41 -47.29 -4.50
CA GLU A 237 2.48 -47.97 -3.78
C GLU A 237 3.54 -46.98 -3.32
N LYS A 238 3.86 -46.01 -4.17
CA LYS A 238 4.83 -44.99 -3.82
C LYS A 238 4.37 -44.15 -2.64
N MET A 239 3.10 -43.73 -2.67
CA MET A 239 2.54 -42.94 -1.58
C MET A 239 2.55 -43.75 -0.29
N TYR A 240 2.32 -45.05 -0.41
CA TYR A 240 2.34 -45.94 0.74
C TYR A 240 3.72 -45.95 1.39
N GLN A 241 4.76 -45.94 0.57
CA GLN A 241 6.13 -45.90 1.07
C GLN A 241 6.42 -44.58 1.77
N LEU A 242 5.67 -43.54 1.42
CA LEU A 242 5.80 -42.24 2.08
C LEU A 242 4.99 -42.18 3.38
N GLY A 243 4.24 -43.23 3.66
CA GLY A 243 3.50 -43.35 4.91
C GLY A 243 1.98 -43.28 4.76
N VAL A 244 1.51 -43.03 3.55
CA VAL A 244 0.08 -42.91 3.31
C VAL A 244 -0.63 -44.24 3.56
N ARG A 245 -1.75 -44.19 4.27
CA ARG A 245 -2.50 -45.40 4.62
C ARG A 245 -3.99 -45.29 4.28
N SER A 246 -4.38 -44.17 3.68
CA SER A 246 -5.73 -44.02 3.14
C SER A 246 -5.62 -43.41 1.75
N PHE A 247 -6.52 -43.82 0.85
CA PHE A 247 -6.41 -43.47 -0.56
C PHE A 247 -7.76 -43.12 -1.16
N ALA A 248 -7.74 -42.33 -2.23
CA ALA A 248 -8.97 -41.95 -2.92
C ALA A 248 -8.75 -41.84 -4.43
N VAL A 249 -9.80 -42.10 -5.20
CA VAL A 249 -9.79 -41.91 -6.65
C VAL A 249 -10.95 -40.99 -7.04
N PHE A 250 -10.62 -39.83 -7.56
CA PHE A 250 -11.62 -38.84 -7.95
C PHE A 250 -11.92 -38.88 -9.44
N PHE A 251 -13.20 -38.88 -9.79
CA PHE A 251 -13.64 -38.85 -11.18
C PHE A 251 -14.53 -37.63 -11.44
N ASP A 252 -14.31 -36.56 -10.69
CA ASP A 252 -15.12 -35.35 -10.81
C ASP A 252 -14.60 -34.40 -11.89
N ASP A 253 -15.53 -33.75 -12.59
CA ASP A 253 -15.21 -32.76 -13.64
C ASP A 253 -14.39 -33.34 -14.77
N ILE A 254 -14.91 -34.38 -15.41
CA ILE A 254 -14.24 -35.00 -16.55
C ILE A 254 -15.24 -35.41 -17.63
N SER A 255 -14.74 -35.55 -18.85
CA SER A 255 -15.52 -36.06 -19.97
C SER A 255 -14.75 -37.18 -20.66
N GLY A 256 -15.48 -38.04 -21.39
CA GLY A 256 -14.87 -39.11 -22.14
C GLY A 256 -14.99 -40.46 -21.47
N GLU A 257 -14.09 -41.37 -21.84
CA GLU A 257 -14.14 -42.76 -21.38
C GLU A 257 -14.01 -42.89 -19.87
N GLY A 258 -13.35 -41.92 -19.23
CA GLY A 258 -13.13 -41.95 -17.79
C GLY A 258 -14.41 -41.88 -16.98
N THR A 259 -15.52 -41.54 -17.64
CA THR A 259 -16.80 -41.39 -16.95
C THR A 259 -17.57 -42.71 -16.86
N ASN A 260 -16.97 -43.78 -17.38
CA ASN A 260 -17.65 -45.08 -17.41
C ASN A 260 -17.82 -45.66 -16.01
N PRO A 261 -19.07 -45.80 -15.54
CA PRO A 261 -19.27 -46.26 -14.16
C PRO A 261 -18.80 -47.70 -13.93
N GLN A 262 -19.04 -48.57 -14.92
CA GLN A 262 -18.60 -49.95 -14.84
C GLN A 262 -17.08 -50.03 -14.66
N LYS A 263 -16.36 -49.30 -15.50
CA LYS A 263 -14.90 -49.29 -15.46
C LYS A 263 -14.38 -48.68 -14.16
N GLN A 264 -15.02 -47.60 -13.70
CA GLN A 264 -14.66 -46.97 -12.44
C GLN A 264 -14.79 -47.96 -11.28
N ALA A 265 -15.94 -48.62 -11.20
CA ALA A 265 -16.21 -49.57 -10.13
C ALA A 265 -15.22 -50.74 -10.17
N GLU A 266 -14.92 -51.21 -11.37
CA GLU A 266 -13.98 -52.32 -11.54
C GLU A 266 -12.58 -51.92 -11.09
N LEU A 267 -12.16 -50.70 -11.43
CA LEU A 267 -10.86 -50.19 -11.01
C LEU A 267 -10.77 -50.09 -9.49
N LEU A 268 -11.77 -49.48 -8.87
CA LEU A 268 -11.77 -49.32 -7.42
C LEU A 268 -11.79 -50.67 -6.70
N ASN A 269 -12.55 -51.62 -7.24
CA ASN A 269 -12.60 -52.95 -6.65
C ASN A 269 -11.27 -53.68 -6.82
N TYR A 270 -10.59 -53.43 -7.92
CA TYR A 270 -9.26 -54.00 -8.13
C TYR A 270 -8.30 -53.43 -7.11
N ILE A 271 -8.32 -52.10 -6.94
CA ILE A 271 -7.51 -51.44 -5.93
C ILE A 271 -7.80 -52.00 -4.55
N ASP A 272 -9.08 -52.21 -4.26
CA ASP A 272 -9.48 -52.73 -2.97
C ASP A 272 -8.90 -54.13 -2.74
N GLU A 273 -9.13 -55.03 -3.69
CA GLU A 273 -8.79 -56.44 -3.51
C GLU A 273 -7.30 -56.75 -3.66
N LYS A 274 -6.60 -56.00 -4.51
CA LYS A 274 -5.20 -56.29 -4.79
C LYS A 274 -4.20 -55.39 -4.05
N PHE A 275 -4.70 -54.39 -3.33
CA PHE A 275 -3.84 -53.42 -2.67
C PHE A 275 -4.34 -53.09 -1.26
N ALA A 276 -5.58 -52.59 -1.17
CA ALA A 276 -6.13 -52.15 0.12
C ALA A 276 -6.25 -53.30 1.12
N GLN A 277 -6.67 -54.47 0.66
CA GLN A 277 -6.85 -55.62 1.54
C GLN A 277 -5.55 -56.41 1.71
N VAL A 278 -4.65 -56.29 0.74
CA VAL A 278 -3.38 -57.01 0.78
C VAL A 278 -2.44 -56.36 1.79
N LYS A 279 -2.45 -55.03 1.85
CA LYS A 279 -1.67 -54.32 2.86
C LYS A 279 -2.30 -54.56 4.24
N PRO A 280 -1.47 -54.53 5.30
CA PRO A 280 -1.96 -54.88 6.63
C PRO A 280 -2.67 -53.75 7.37
N ASP A 281 -2.55 -52.52 6.89
CA ASP A 281 -2.93 -51.36 7.69
C ASP A 281 -3.53 -50.18 6.89
N ILE A 282 -4.26 -50.49 5.82
CA ILE A 282 -4.93 -49.45 5.05
C ILE A 282 -6.35 -49.21 5.58
N ASN A 283 -6.67 -47.95 5.86
CA ASN A 283 -7.95 -47.59 6.47
C ASN A 283 -9.02 -47.21 5.44
N GLN A 284 -9.04 -45.94 5.03
CA GLN A 284 -10.10 -45.44 4.17
C GLN A 284 -9.80 -45.64 2.69
N LEU A 285 -10.82 -46.06 1.94
CA LEU A 285 -10.76 -46.07 0.48
C LEU A 285 -12.02 -45.38 -0.05
N VAL A 286 -11.80 -44.28 -0.77
CA VAL A 286 -12.88 -43.37 -1.15
C VAL A 286 -12.86 -43.09 -2.65
N MET A 287 -14.03 -42.86 -3.23
CA MET A 287 -14.10 -42.44 -4.63
C MET A 287 -15.11 -41.31 -4.80
N CYS A 288 -14.80 -40.40 -5.72
CA CYS A 288 -15.71 -39.32 -6.07
C CYS A 288 -16.29 -39.59 -7.45
N PRO A 289 -17.62 -39.74 -7.55
CA PRO A 289 -18.23 -40.10 -8.84
C PRO A 289 -18.23 -38.93 -9.82
N THR A 290 -18.44 -39.25 -11.10
CA THR A 290 -18.58 -38.22 -12.13
C THR A 290 -19.86 -37.42 -11.89
N GLU A 291 -20.94 -38.14 -11.59
CA GLU A 291 -22.19 -37.52 -11.17
C GLU A 291 -22.21 -37.41 -9.65
N TYR A 292 -21.74 -36.28 -9.13
CA TYR A 292 -21.56 -36.13 -7.69
C TYR A 292 -22.62 -35.20 -7.06
N ASN A 293 -23.64 -34.85 -7.83
CA ASN A 293 -24.80 -34.14 -7.29
C ASN A 293 -26.03 -34.46 -8.13
N LYS A 294 -27.20 -34.34 -7.51
CA LYS A 294 -28.45 -34.73 -8.15
C LYS A 294 -28.69 -34.00 -9.47
N SER A 295 -28.33 -32.73 -9.52
CA SER A 295 -28.60 -31.90 -10.70
C SER A 295 -27.79 -32.34 -11.92
N TRP A 296 -26.59 -32.87 -11.68
CA TRP A 296 -25.74 -33.35 -12.77
C TRP A 296 -26.00 -34.82 -13.07
N SER A 297 -26.81 -35.47 -12.24
CA SER A 297 -27.17 -36.86 -12.47
C SER A 297 -28.21 -36.97 -13.58
N ASN A 298 -27.88 -37.71 -14.63
CA ASN A 298 -28.79 -37.86 -15.77
C ASN A 298 -29.74 -39.05 -15.54
N PRO A 299 -31.04 -38.77 -15.40
CA PRO A 299 -32.00 -39.86 -15.15
C PRO A 299 -32.20 -40.76 -16.38
N ASN A 300 -31.88 -40.24 -17.55
CA ASN A 300 -32.01 -41.01 -18.79
C ASN A 300 -31.12 -42.24 -18.78
N GLY A 301 -30.04 -42.18 -18.00
CA GLY A 301 -29.14 -43.30 -17.84
C GLY A 301 -29.26 -43.92 -16.46
N ASN A 302 -28.19 -44.56 -16.01
CA ASN A 302 -28.17 -45.22 -14.71
C ASN A 302 -26.75 -45.33 -14.17
N TYR A 303 -26.09 -44.18 -14.05
CA TYR A 303 -24.70 -44.12 -13.60
C TYR A 303 -24.57 -44.47 -12.12
N LEU A 304 -25.39 -43.86 -11.29
CA LEU A 304 -25.28 -44.01 -9.84
C LEU A 304 -25.68 -45.40 -9.36
N THR A 305 -26.70 -45.99 -9.98
CA THR A 305 -27.16 -47.32 -9.58
C THR A 305 -26.16 -48.40 -10.01
N THR A 306 -25.34 -48.10 -11.02
CA THR A 306 -24.28 -49.01 -11.45
C THR A 306 -23.16 -49.02 -10.41
N LEU A 307 -22.75 -47.83 -9.96
CA LEU A 307 -21.73 -47.72 -8.92
C LEU A 307 -22.18 -48.40 -7.64
N GLY A 308 -23.41 -48.10 -7.21
CA GLY A 308 -23.96 -48.64 -5.98
C GLY A 308 -23.95 -50.15 -5.94
N ASP A 309 -24.25 -50.77 -7.07
CA ASP A 309 -24.34 -52.22 -7.16
C ASP A 309 -22.97 -52.89 -7.37
N LYS A 310 -22.13 -52.28 -8.19
CA LYS A 310 -20.86 -52.89 -8.57
C LYS A 310 -19.73 -52.60 -7.59
N LEU A 311 -19.70 -51.38 -7.06
CA LEU A 311 -18.62 -50.97 -6.16
C LEU A 311 -18.72 -51.73 -4.83
N ASN A 312 -17.60 -52.28 -4.38
CA ASN A 312 -17.56 -52.99 -3.10
C ASN A 312 -18.12 -52.09 -1.99
N PRO A 313 -18.88 -52.67 -1.06
CA PRO A 313 -19.62 -51.86 -0.08
C PRO A 313 -18.74 -51.05 0.87
N SER A 314 -17.54 -51.53 1.18
CA SER A 314 -16.65 -50.83 2.10
C SER A 314 -16.15 -49.51 1.51
N ILE A 315 -16.21 -49.39 0.18
CA ILE A 315 -15.68 -48.21 -0.49
C ILE A 315 -16.66 -47.05 -0.40
N GLN A 316 -16.15 -45.89 -0.02
CA GLN A 316 -17.00 -44.71 0.16
C GLN A 316 -17.28 -44.03 -1.17
N ILE A 317 -18.43 -43.39 -1.25
CA ILE A 317 -18.83 -42.63 -2.44
C ILE A 317 -19.22 -41.22 -2.04
N MET A 318 -18.56 -40.24 -2.64
CA MET A 318 -18.73 -38.85 -2.24
C MET A 318 -19.89 -38.18 -2.99
N TRP A 319 -20.40 -37.10 -2.40
CA TRP A 319 -21.65 -36.49 -2.85
C TRP A 319 -21.73 -35.07 -2.30
N THR A 320 -22.10 -34.10 -3.15
CA THR A 320 -22.16 -32.70 -2.75
C THR A 320 -23.58 -32.19 -2.52
N GLY A 321 -24.56 -33.09 -2.61
CA GLY A 321 -25.95 -32.74 -2.38
C GLY A 321 -26.75 -32.66 -3.66
N ASP A 322 -27.82 -31.86 -3.64
CA ASP A 322 -28.72 -31.75 -4.77
C ASP A 322 -28.12 -30.93 -5.91
N ARG A 323 -27.09 -30.15 -5.59
CA ARG A 323 -26.39 -29.34 -6.58
C ARG A 323 -24.90 -29.31 -6.27
N VAL A 324 -24.11 -28.77 -7.20
CA VAL A 324 -22.67 -28.65 -7.02
C VAL A 324 -22.37 -27.94 -5.70
N ILE A 325 -23.01 -26.79 -5.52
CA ILE A 325 -22.97 -26.08 -4.25
C ILE A 325 -24.34 -26.17 -3.59
N SER A 326 -24.42 -26.90 -2.48
CA SER A 326 -25.69 -27.07 -1.79
C SER A 326 -25.49 -27.54 -0.36
N ASP A 327 -26.52 -27.33 0.46
CA ASP A 327 -26.52 -27.80 1.82
C ASP A 327 -27.25 -29.14 1.86
N ILE A 328 -26.89 -29.98 2.84
CA ILE A 328 -27.41 -31.34 2.88
C ILE A 328 -28.73 -31.42 3.64
N THR A 329 -29.73 -32.01 2.99
CA THR A 329 -31.07 -32.17 3.56
C THR A 329 -31.41 -33.65 3.74
N ARG A 330 -32.49 -33.93 4.47
CA ARG A 330 -32.90 -35.31 4.72
C ARG A 330 -33.37 -35.96 3.42
N ASP A 331 -34.20 -35.26 2.66
CA ASP A 331 -34.72 -35.78 1.40
C ASP A 331 -33.60 -35.97 0.39
N GLY A 332 -32.62 -35.08 0.43
CA GLY A 332 -31.52 -35.11 -0.51
C GLY A 332 -30.62 -36.31 -0.30
N ILE A 333 -30.29 -36.60 0.96
CA ILE A 333 -29.36 -37.68 1.27
C ILE A 333 -30.04 -39.03 1.14
N SER A 334 -31.36 -39.07 1.37
CA SER A 334 -32.13 -40.28 1.18
C SER A 334 -32.20 -40.62 -0.31
N TRP A 335 -32.20 -39.58 -1.13
CA TRP A 335 -32.26 -39.75 -2.58
C TRP A 335 -31.01 -40.45 -3.11
N ILE A 336 -29.84 -39.97 -2.68
CA ILE A 336 -28.59 -40.56 -3.15
C ILE A 336 -28.36 -41.93 -2.53
N ASN A 337 -28.62 -42.05 -1.23
CA ASN A 337 -28.39 -43.29 -0.50
C ASN A 337 -29.14 -44.48 -1.09
N GLU A 338 -30.36 -44.25 -1.56
CA GLU A 338 -31.15 -45.30 -2.18
C GLU A 338 -30.48 -45.84 -3.44
N ARG A 339 -29.69 -45.00 -4.10
CA ARG A 339 -29.09 -45.35 -5.37
C ARG A 339 -27.68 -45.95 -5.23
N ILE A 340 -26.85 -45.39 -4.36
CA ILE A 340 -25.50 -45.90 -4.16
C ILE A 340 -25.46 -47.03 -3.13
N LYS A 341 -26.62 -47.37 -2.57
CA LYS A 341 -26.76 -48.54 -1.69
C LYS A 341 -25.87 -48.45 -0.44
N ARG A 342 -25.60 -47.24 0.01
CA ARG A 342 -24.77 -47.03 1.19
C ARG A 342 -24.90 -45.57 1.64
N PRO A 343 -24.50 -45.28 2.89
CA PRO A 343 -24.60 -43.87 3.33
C PRO A 343 -23.56 -43.00 2.61
N ALA A 344 -24.01 -41.88 2.07
CA ALA A 344 -23.13 -40.98 1.32
C ALA A 344 -22.04 -40.38 2.18
N TYR A 345 -20.89 -40.16 1.55
CA TYR A 345 -19.73 -39.53 2.18
C TYR A 345 -19.69 -38.06 1.75
N ILE A 346 -20.30 -37.18 2.52
CA ILE A 346 -20.57 -35.81 2.04
C ILE A 346 -19.32 -34.99 1.76
N TRP A 347 -19.31 -34.42 0.55
CA TRP A 347 -18.33 -33.45 0.13
C TRP A 347 -19.03 -32.09 0.06
N TRP A 348 -18.89 -31.28 1.09
CA TRP A 348 -19.61 -30.02 1.17
C TRP A 348 -18.79 -28.89 0.55
N ASN A 349 -19.31 -28.29 -0.51
CA ASN A 349 -18.58 -27.25 -1.24
C ASN A 349 -18.77 -25.87 -0.61
N PHE A 350 -18.33 -25.75 0.64
CA PHE A 350 -18.25 -24.48 1.33
C PHE A 350 -17.15 -24.60 2.38
N PRO A 351 -16.34 -23.54 2.55
CA PRO A 351 -16.37 -22.21 1.94
C PRO A 351 -15.55 -22.05 0.65
N VAL A 352 -15.38 -23.11 -0.13
CA VAL A 352 -14.61 -23.01 -1.38
C VAL A 352 -15.11 -21.84 -2.22
N SER A 353 -14.17 -21.04 -2.72
CA SER A 353 -14.49 -19.78 -3.40
C SER A 353 -13.82 -19.67 -4.76
N ASP A 354 -13.43 -20.80 -5.35
CA ASP A 354 -12.67 -20.77 -6.59
C ASP A 354 -13.52 -20.40 -7.80
N TYR A 355 -14.81 -20.17 -7.57
CA TYR A 355 -15.70 -19.64 -8.61
C TYR A 355 -16.17 -18.24 -8.28
N VAL A 356 -15.73 -17.71 -7.14
CA VAL A 356 -15.99 -16.33 -6.76
C VAL A 356 -14.74 -15.79 -6.06
N ARG A 357 -13.62 -15.86 -6.77
CA ARG A 357 -12.30 -15.67 -6.17
C ARG A 357 -12.03 -14.25 -5.67
N ASP A 358 -12.91 -13.31 -5.99
CA ASP A 358 -12.76 -11.94 -5.50
C ASP A 358 -13.52 -11.73 -4.19
N HIS A 359 -14.14 -12.80 -3.67
CA HIS A 359 -14.84 -12.76 -2.39
C HIS A 359 -14.16 -13.65 -1.35
N LEU A 360 -14.17 -13.19 -0.09
CA LEU A 360 -13.86 -14.06 1.04
C LEU A 360 -15.17 -14.52 1.66
N LEU A 361 -15.25 -15.81 1.98
CA LEU A 361 -16.46 -16.38 2.58
C LEU A 361 -16.20 -16.75 4.03
N LEU A 362 -16.43 -15.77 4.92
CA LEU A 362 -16.06 -15.88 6.32
C LEU A 362 -17.28 -16.00 7.24
N GLY A 363 -18.45 -16.22 6.66
CA GLY A 363 -19.68 -16.33 7.44
C GLY A 363 -19.80 -17.65 8.16
N PRO A 364 -20.87 -17.80 8.97
CA PRO A 364 -21.09 -19.03 9.73
C PRO A 364 -21.50 -20.20 8.84
N VAL A 365 -21.36 -21.40 9.39
CA VAL A 365 -21.74 -22.63 8.69
C VAL A 365 -23.18 -23.00 9.04
N TYR A 366 -24.03 -23.11 8.04
CA TYR A 366 -25.43 -23.44 8.28
C TYR A 366 -26.11 -24.00 7.03
N GLY A 367 -27.31 -24.54 7.21
CA GLY A 367 -28.13 -25.04 6.12
C GLY A 367 -28.22 -26.56 6.07
N ASN A 368 -27.25 -27.23 6.68
CA ASN A 368 -27.19 -28.69 6.66
C ASN A 368 -28.06 -29.29 7.76
N ASP A 369 -28.88 -30.28 7.39
CA ASP A 369 -29.80 -30.92 8.33
C ASP A 369 -29.04 -31.47 9.53
N THR A 370 -29.64 -31.32 10.70
CA THR A 370 -28.95 -31.62 11.97
C THR A 370 -29.31 -32.98 12.56
N THR A 371 -30.20 -33.73 11.90
CA THR A 371 -30.73 -34.97 12.45
C THR A 371 -30.33 -36.21 11.64
N ILE A 372 -29.45 -36.03 10.66
CA ILE A 372 -29.18 -37.08 9.67
C ILE A 372 -27.77 -37.68 9.79
N ALA A 373 -27.20 -37.66 11.00
CA ALA A 373 -25.84 -38.15 11.21
C ALA A 373 -25.67 -39.61 10.81
N LYS A 374 -26.70 -40.41 11.07
CA LYS A 374 -26.64 -41.84 10.75
C LYS A 374 -26.81 -42.10 9.26
N GLU A 375 -27.17 -41.07 8.51
CA GLU A 375 -27.44 -41.22 7.08
C GLU A 375 -26.23 -40.89 6.21
N MET A 376 -25.12 -40.49 6.84
CA MET A 376 -23.89 -40.19 6.12
C MET A 376 -22.71 -40.96 6.68
N SER A 377 -21.82 -41.40 5.78
CA SER A 377 -20.62 -42.12 6.16
C SER A 377 -19.55 -41.16 6.64
N GLY A 378 -19.56 -39.96 6.08
CA GLY A 378 -18.59 -38.95 6.42
C GLY A 378 -19.07 -37.56 6.02
N PHE A 379 -18.33 -36.56 6.47
CA PHE A 379 -18.63 -35.17 6.12
C PHE A 379 -17.34 -34.37 6.10
N VAL A 380 -16.93 -33.94 4.91
CA VAL A 380 -15.75 -33.11 4.76
C VAL A 380 -16.10 -31.81 4.05
N THR A 381 -15.36 -30.76 4.38
CA THR A 381 -15.55 -29.46 3.78
C THR A 381 -14.45 -29.14 2.77
N ASN A 382 -14.85 -28.62 1.60
CA ASN A 382 -13.93 -28.11 0.60
C ASN A 382 -13.72 -26.61 0.84
N PRO A 383 -12.50 -26.22 1.26
CA PRO A 383 -12.27 -24.83 1.72
C PRO A 383 -11.76 -23.88 0.65
N MET A 384 -11.52 -22.62 1.05
CA MET A 384 -10.88 -21.63 0.19
C MET A 384 -9.40 -21.96 0.07
N GLU A 385 -8.75 -21.41 -0.95
CA GLU A 385 -7.30 -21.58 -1.07
C GLU A 385 -6.61 -20.74 0.01
N HIS A 386 -7.37 -19.86 0.65
CA HIS A 386 -6.93 -19.19 1.87
C HIS A 386 -7.13 -20.13 3.06
N ALA A 387 -6.06 -20.78 3.49
CA ALA A 387 -6.15 -21.83 4.51
C ALA A 387 -6.58 -21.31 5.89
N GLU A 388 -5.91 -20.27 6.37
CA GLU A 388 -6.19 -19.76 7.71
C GLU A 388 -7.60 -19.19 7.78
N SER A 389 -7.99 -18.43 6.76
CA SER A 389 -9.32 -17.86 6.69
C SER A 389 -10.40 -18.94 6.71
N SER A 390 -10.06 -20.11 6.20
CA SER A 390 -11.01 -21.22 6.13
C SER A 390 -11.24 -21.88 7.49
N LYS A 391 -10.39 -21.57 8.47
CA LYS A 391 -10.50 -22.18 9.79
C LYS A 391 -11.81 -21.84 10.48
N ILE A 392 -12.42 -20.72 10.11
CA ILE A 392 -13.71 -20.35 10.67
C ILE A 392 -14.76 -21.41 10.32
N ALA A 393 -14.84 -21.74 9.04
CA ALA A 393 -15.78 -22.76 8.57
C ALA A 393 -15.37 -24.16 9.03
N ILE A 394 -14.08 -24.46 8.98
CA ILE A 394 -13.56 -25.78 9.35
C ILE A 394 -13.90 -26.09 10.81
N TYR A 395 -13.59 -25.15 11.69
CA TYR A 395 -13.91 -25.24 13.11
C TYR A 395 -15.39 -25.53 13.34
N SER A 396 -16.24 -24.90 12.52
CA SER A 396 -17.67 -25.07 12.63
C SER A 396 -18.14 -26.44 12.14
N VAL A 397 -17.56 -26.90 11.03
CA VAL A 397 -17.91 -28.21 10.48
C VAL A 397 -17.49 -29.31 11.45
N ALA A 398 -16.35 -29.12 12.10
CA ALA A 398 -15.87 -30.07 13.10
C ALA A 398 -16.88 -30.18 14.25
N SER A 399 -17.41 -29.05 14.66
CA SER A 399 -18.43 -29.00 15.70
C SER A 399 -19.71 -29.68 15.23
N TYR A 400 -20.17 -29.30 14.04
CA TYR A 400 -21.37 -29.88 13.46
C TYR A 400 -21.26 -31.38 13.28
N ALA A 401 -20.12 -31.83 12.75
CA ALA A 401 -19.93 -33.23 12.40
C ALA A 401 -19.85 -34.12 13.65
N TRP A 402 -19.28 -33.59 14.73
CA TRP A 402 -19.12 -34.37 15.95
C TRP A 402 -20.44 -34.50 16.71
N ASN A 403 -21.12 -33.37 16.91
CA ASN A 403 -22.39 -33.36 17.63
C ASN A 403 -23.41 -32.49 16.90
N PRO A 404 -23.96 -33.01 15.79
CA PRO A 404 -24.91 -32.22 15.00
C PRO A 404 -26.19 -31.89 15.77
N ALA A 405 -26.57 -32.74 16.71
CA ALA A 405 -27.82 -32.55 17.46
C ALA A 405 -27.84 -31.24 18.25
N LYS A 406 -26.66 -30.77 18.67
CA LYS A 406 -26.55 -29.55 19.46
C LYS A 406 -25.67 -28.51 18.76
N TYR A 407 -25.62 -28.58 17.44
CA TYR A 407 -24.84 -27.62 16.67
C TYR A 407 -25.46 -26.23 16.76
N ASP A 408 -24.65 -25.29 17.26
CA ASP A 408 -25.08 -23.92 17.42
C ASP A 408 -24.36 -23.05 16.39
N THR A 409 -25.08 -22.65 15.36
CA THR A 409 -24.50 -21.94 14.22
C THR A 409 -23.66 -20.73 14.63
N TRP A 410 -24.29 -19.80 15.32
CA TRP A 410 -23.66 -18.52 15.61
C TRP A 410 -22.67 -18.61 16.77
N GLN A 411 -22.99 -19.40 17.79
CA GLN A 411 -22.09 -19.57 18.93
C GLN A 411 -20.76 -20.18 18.48
N THR A 412 -20.84 -21.13 17.56
CA THR A 412 -19.66 -21.82 17.07
C THR A 412 -18.83 -20.90 16.16
N TRP A 413 -19.51 -20.08 15.37
CA TRP A 413 -18.85 -19.08 14.54
C TRP A 413 -18.04 -18.11 15.41
N LYS A 414 -18.65 -17.65 16.49
CA LYS A 414 -17.97 -16.76 17.43
C LYS A 414 -16.82 -17.48 18.14
N ASP A 415 -17.05 -18.72 18.55
CA ASP A 415 -16.01 -19.52 19.20
C ASP A 415 -14.81 -19.74 18.27
N ALA A 416 -15.09 -19.99 17.00
CA ALA A 416 -14.05 -20.16 15.99
C ALA A 416 -13.16 -18.92 15.90
N ILE A 417 -13.79 -17.77 15.76
CA ILE A 417 -13.08 -16.51 15.62
C ILE A 417 -12.24 -16.19 16.85
N ARG A 418 -12.79 -16.48 18.02
CA ARG A 418 -12.09 -16.22 19.27
C ARG A 418 -10.91 -17.16 19.46
N THR A 419 -11.00 -18.34 18.85
CA THR A 419 -9.91 -19.32 18.89
C THR A 419 -8.80 -18.93 17.92
N ILE A 420 -9.21 -18.57 16.71
CA ILE A 420 -8.27 -18.23 15.64
C ILE A 420 -7.52 -16.92 15.90
N LEU A 421 -8.20 -15.95 16.51
CA LEU A 421 -7.61 -14.63 16.73
C LEU A 421 -8.12 -14.00 18.02
N PRO A 422 -7.74 -14.59 19.17
CA PRO A 422 -8.26 -14.10 20.46
C PRO A 422 -7.87 -12.65 20.77
N SER A 423 -6.77 -12.17 20.22
CA SER A 423 -6.30 -10.81 20.50
C SER A 423 -7.13 -9.75 19.77
N ALA A 424 -7.91 -10.17 18.78
CA ALA A 424 -8.71 -9.23 18.00
C ALA A 424 -9.99 -9.88 17.50
N ALA A 425 -10.63 -10.66 18.37
CA ALA A 425 -11.81 -11.44 18.00
C ALA A 425 -12.96 -10.55 17.53
N GLU A 426 -13.25 -9.49 18.28
CA GLU A 426 -14.34 -8.59 17.93
C GLU A 426 -14.09 -7.90 16.58
N GLU A 427 -12.84 -7.57 16.30
CA GLU A 427 -12.49 -6.95 15.03
C GLU A 427 -12.67 -7.93 13.88
N LEU A 428 -12.35 -9.20 14.12
CA LEU A 428 -12.48 -10.23 13.10
C LEU A 428 -13.95 -10.58 12.88
N GLU A 429 -14.75 -10.54 13.93
CA GLU A 429 -16.20 -10.72 13.82
C GLU A 429 -16.78 -9.65 12.91
N CYS A 430 -16.42 -8.40 13.18
CA CYS A 430 -16.87 -7.27 12.37
C CYS A 430 -16.54 -7.48 10.90
N PHE A 431 -15.27 -7.77 10.63
CA PHE A 431 -14.81 -8.01 9.27
C PHE A 431 -15.56 -9.18 8.62
N ALA A 432 -15.72 -10.27 9.38
CA ALA A 432 -16.31 -11.49 8.85
C ALA A 432 -17.81 -11.36 8.57
N MET A 433 -18.53 -10.63 9.43
N MET A 433 -18.54 -10.61 9.40
CA MET A 433 -19.97 -10.42 9.29
CA MET A 433 -19.98 -10.52 9.23
C MET A 433 -20.29 -9.79 7.95
C MET A 433 -20.35 -9.69 8.00
N HIS A 434 -19.39 -8.94 7.47
CA HIS A 434 -19.58 -8.19 6.24
C HIS A 434 -18.75 -8.77 5.10
N ASN A 435 -18.35 -10.03 5.25
CA ASN A 435 -17.59 -10.74 4.22
C ASN A 435 -17.98 -12.21 4.19
N SER A 436 -19.24 -12.47 3.88
CA SER A 436 -19.78 -13.84 3.95
C SER A 436 -20.59 -14.21 2.70
N ASP A 437 -21.14 -13.21 2.01
CA ASP A 437 -21.91 -13.48 0.80
C ASP A 437 -20.97 -13.70 -0.38
N LEU A 438 -21.42 -14.49 -1.34
CA LEU A 438 -20.61 -14.84 -2.50
C LEU A 438 -20.81 -13.87 -3.64
N GLY A 439 -21.88 -13.08 -3.57
CA GLY A 439 -22.30 -12.27 -4.70
C GLY A 439 -22.88 -13.17 -5.77
N PRO A 440 -23.40 -12.58 -6.85
CA PRO A 440 -23.98 -13.35 -7.95
C PRO A 440 -23.00 -14.36 -8.55
N ASN A 441 -23.47 -15.56 -8.84
CA ASN A 441 -22.64 -16.59 -9.45
C ASN A 441 -23.47 -17.64 -10.17
N GLY A 442 -22.80 -18.45 -11.00
CA GLY A 442 -23.47 -19.42 -11.82
C GLY A 442 -24.19 -20.51 -11.04
N HIS A 443 -23.72 -20.80 -9.83
CA HIS A 443 -24.31 -21.86 -9.01
C HIS A 443 -25.52 -21.34 -8.23
N GLY A 444 -25.70 -20.02 -8.21
CA GLY A 444 -26.83 -19.41 -7.52
C GLY A 444 -26.77 -19.60 -6.02
N TYR A 445 -25.58 -19.86 -5.49
CA TYR A 445 -25.40 -20.08 -4.06
C TYR A 445 -25.07 -18.77 -3.36
N ARG A 446 -25.85 -18.45 -2.33
CA ARG A 446 -25.68 -17.20 -1.59
C ARG A 446 -25.66 -17.46 -0.08
N ARG A 447 -25.05 -16.56 0.66
CA ARG A 447 -25.05 -16.61 2.12
C ARG A 447 -25.51 -15.26 2.67
N GLU A 448 -26.06 -15.27 3.87
CA GLU A 448 -26.48 -14.04 4.53
C GLU A 448 -25.26 -13.16 4.82
N GLU A 449 -25.48 -11.86 4.83
CA GLU A 449 -24.41 -10.90 5.13
C GLU A 449 -25.00 -9.61 5.68
N SER A 450 -24.32 -9.03 6.66
CA SER A 450 -24.69 -7.74 7.22
C SER A 450 -26.16 -7.68 7.67
N MET A 451 -26.66 -8.78 8.24
CA MET A 451 -28.07 -8.84 8.62
C MET A 451 -28.36 -7.96 9.83
N ASP A 452 -27.34 -7.70 10.64
CA ASP A 452 -27.47 -6.84 11.82
C ASP A 452 -27.99 -5.44 11.46
N ILE A 453 -27.49 -4.91 10.34
CA ILE A 453 -27.79 -3.53 9.95
C ILE A 453 -28.69 -3.45 8.72
N GLN A 454 -29.01 -4.60 8.15
CA GLN A 454 -29.87 -4.68 6.96
C GLN A 454 -31.18 -3.90 7.12
N PRO A 455 -31.90 -4.08 8.25
CA PRO A 455 -33.18 -3.37 8.41
C PRO A 455 -33.04 -1.85 8.44
N ALA A 456 -32.02 -1.34 9.11
CA ALA A 456 -31.83 0.11 9.21
C ALA A 456 -31.38 0.71 7.88
N ALA A 457 -30.65 -0.07 7.09
CA ALA A 457 -30.20 0.37 5.78
C ALA A 457 -31.35 0.44 4.80
N GLU A 458 -32.22 -0.57 4.83
CA GLU A 458 -33.36 -0.65 3.93
C GLU A 458 -34.35 0.49 4.18
N ARG A 459 -34.62 0.78 5.45
CA ARG A 459 -35.53 1.85 5.81
C ARG A 459 -34.95 3.23 5.47
N PHE A 460 -33.67 3.42 5.76
CA PHE A 460 -33.01 4.70 5.53
C PHE A 460 -33.03 5.06 4.05
N LEU A 461 -32.68 4.10 3.22
CA LEU A 461 -32.58 4.35 1.78
C LEU A 461 -33.95 4.63 1.17
N LYS A 462 -34.96 3.91 1.62
CA LYS A 462 -36.31 4.08 1.07
C LYS A 462 -36.86 5.45 1.45
N ALA A 463 -36.61 5.86 2.69
CA ALA A 463 -37.06 7.16 3.16
C ALA A 463 -36.30 8.29 2.45
N PHE A 464 -35.00 8.10 2.29
CA PHE A 464 -34.16 9.12 1.66
C PHE A 464 -34.56 9.31 0.20
N LYS A 465 -34.74 8.21 -0.53
CA LYS A 465 -35.14 8.27 -1.93
C LYS A 465 -36.50 8.94 -2.11
N GLU A 466 -37.45 8.58 -1.25
CA GLU A 466 -38.80 9.14 -1.33
C GLU A 466 -38.86 10.56 -0.76
N GLY A 467 -37.73 11.07 -0.30
CA GLY A 467 -37.67 12.41 0.25
C GLY A 467 -38.32 12.52 1.62
N LYS A 468 -38.64 11.38 2.21
CA LYS A 468 -39.22 11.35 3.56
C LYS A 468 -38.12 11.42 4.60
N ASN A 469 -38.50 11.67 5.85
CA ASN A 469 -37.54 11.75 6.94
C ASN A 469 -37.13 10.39 7.45
N TYR A 470 -35.84 10.08 7.33
CA TYR A 470 -35.30 8.84 7.88
C TYR A 470 -35.19 8.95 9.39
N ASP A 471 -35.28 7.81 10.07
CA ASP A 471 -35.13 7.76 11.51
C ASP A 471 -33.69 8.04 11.90
N LYS A 472 -33.51 8.89 12.91
CA LYS A 472 -32.17 9.24 13.39
C LYS A 472 -31.44 7.99 13.85
N ALA A 473 -32.17 7.06 14.44
CA ALA A 473 -31.60 5.81 14.94
C ALA A 473 -30.94 5.02 13.82
N ASP A 474 -31.61 4.94 12.67
CA ASP A 474 -31.07 4.22 11.52
C ASP A 474 -29.82 4.91 11.00
N PHE A 475 -29.83 6.23 10.97
CA PHE A 475 -28.67 7.00 10.50
C PHE A 475 -27.46 6.77 11.40
N GLU A 476 -27.69 6.74 12.70
CA GLU A 476 -26.63 6.58 13.68
C GLU A 476 -26.07 5.17 13.69
N THR A 477 -26.91 4.19 13.39
CA THR A 477 -26.47 2.81 13.25
C THR A 477 -25.47 2.68 12.11
N LEU A 478 -25.77 3.35 11.00
CA LEU A 478 -24.89 3.31 9.84
C LEU A 478 -23.55 3.98 10.17
N GLN A 479 -23.61 5.12 10.84
CA GLN A 479 -22.41 5.82 11.29
C GLN A 479 -21.56 4.94 12.19
N TYR A 480 -22.18 4.31 13.18
CA TYR A 480 -21.49 3.40 14.09
C TYR A 480 -20.82 2.27 13.33
N THR A 481 -21.55 1.71 12.37
CA THR A 481 -21.04 0.58 11.60
C THR A 481 -19.77 0.97 10.85
N PHE A 482 -19.83 2.08 10.13
CA PHE A 482 -18.68 2.53 9.36
C PHE A 482 -17.49 2.83 10.27
N GLU A 483 -17.76 3.44 11.42
CA GLU A 483 -16.71 3.72 12.40
C GLU A 483 -16.08 2.41 12.89
N ARG A 484 -16.91 1.43 13.20
CA ARG A 484 -16.43 0.15 13.70
C ARG A 484 -15.58 -0.57 12.66
N MET A 485 -16.02 -0.51 11.41
CA MET A 485 -15.31 -1.13 10.30
C MET A 485 -13.88 -0.59 10.17
N LYS A 486 -13.72 0.72 10.32
CA LYS A 486 -12.40 1.34 10.20
C LYS A 486 -11.47 0.86 11.30
N GLU A 487 -11.98 0.85 12.54
CA GLU A 487 -11.23 0.37 13.68
C GLU A 487 -10.77 -1.06 13.44
N SER A 488 -11.71 -1.90 13.03
CA SER A 488 -11.45 -3.31 12.81
C SER A 488 -10.41 -3.52 11.72
N ALA A 489 -10.55 -2.75 10.63
CA ALA A 489 -9.64 -2.86 9.50
C ALA A 489 -8.20 -2.52 9.90
N ASP A 490 -8.04 -1.43 10.64
CA ASP A 490 -6.71 -0.96 11.02
C ASP A 490 -6.06 -1.86 12.06
N ILE A 491 -6.85 -2.40 12.97
CA ILE A 491 -6.34 -3.29 14.00
C ILE A 491 -5.92 -4.63 13.42
N LEU A 492 -6.70 -5.13 12.46
CA LEU A 492 -6.41 -6.41 11.84
C LEU A 492 -5.15 -6.34 10.99
N LEU A 493 -4.92 -5.20 10.33
CA LEU A 493 -3.74 -5.01 9.50
C LEU A 493 -2.45 -5.21 10.30
N MET A 494 -2.47 -4.74 11.55
CA MET A 494 -1.26 -4.70 12.37
C MET A 494 -1.17 -5.87 13.35
N ASN A 495 -2.13 -6.78 13.29
CA ASN A 495 -2.15 -7.91 14.22
C ASN A 495 -1.02 -8.89 13.94
N THR A 496 -0.28 -9.25 14.99
CA THR A 496 0.89 -10.12 14.86
C THR A 496 0.67 -11.49 15.48
N GLU A 497 -0.54 -11.78 15.94
CA GLU A 497 -0.82 -13.07 16.56
C GLU A 497 -0.89 -14.18 15.51
N ASN A 498 -1.66 -13.92 14.45
CA ASN A 498 -1.79 -14.86 13.33
C ASN A 498 -1.38 -14.16 12.04
N LYS A 499 -0.09 -14.02 11.83
CA LYS A 499 0.43 -13.31 10.66
C LYS A 499 0.01 -13.95 9.34
N PRO A 500 0.05 -15.28 9.24
CA PRO A 500 -0.43 -15.92 8.00
C PRO A 500 -1.87 -15.54 7.65
N LEU A 501 -2.74 -15.45 8.65
CA LEU A 501 -4.13 -15.04 8.43
C LEU A 501 -4.21 -13.64 7.83
N ILE A 502 -3.45 -12.72 8.42
CA ILE A 502 -3.51 -11.32 8.01
C ILE A 502 -2.98 -11.16 6.58
N VAL A 503 -1.98 -11.94 6.21
CA VAL A 503 -1.45 -11.92 4.85
C VAL A 503 -2.56 -12.27 3.85
N GLU A 504 -3.35 -13.29 4.19
CA GLU A 504 -4.43 -13.75 3.32
C GLU A 504 -5.49 -12.68 3.08
N ILE A 505 -5.92 -12.00 4.14
CA ILE A 505 -7.08 -11.11 4.07
C ILE A 505 -6.74 -9.64 3.85
N THR A 506 -5.46 -9.28 3.93
CA THR A 506 -5.02 -7.89 3.90
C THR A 506 -5.61 -7.07 2.74
N PRO A 507 -5.59 -7.62 1.51
CA PRO A 507 -6.17 -6.85 0.39
C PRO A 507 -7.64 -6.53 0.61
N TRP A 508 -8.38 -7.48 1.17
CA TRP A 508 -9.79 -7.26 1.47
C TRP A 508 -9.96 -6.30 2.64
N VAL A 509 -9.04 -6.35 3.59
CA VAL A 509 -9.08 -5.43 4.73
C VAL A 509 -8.82 -4.00 4.26
N HIS A 510 -7.95 -3.84 3.28
CA HIS A 510 -7.70 -2.52 2.70
C HIS A 510 -8.99 -2.00 2.04
N GLN A 511 -9.62 -2.86 1.25
CA GLN A 511 -10.84 -2.51 0.54
C GLN A 511 -11.99 -2.28 1.53
N PHE A 512 -11.93 -3.01 2.63
CA PHE A 512 -12.92 -2.93 3.70
C PHE A 512 -12.88 -1.54 4.35
N LYS A 513 -11.68 -1.04 4.61
CA LYS A 513 -11.51 0.26 5.22
C LYS A 513 -11.98 1.37 4.29
N LEU A 514 -11.63 1.25 3.01
CA LEU A 514 -12.04 2.23 2.01
C LEU A 514 -13.56 2.30 1.91
N THR A 515 -14.21 1.15 1.99
CA THR A 515 -15.66 1.11 1.95
C THR A 515 -16.23 1.89 3.13
N ALA A 516 -15.64 1.69 4.31
CA ALA A 516 -16.09 2.37 5.52
C ALA A 516 -15.86 3.87 5.44
N GLU A 517 -14.68 4.27 4.95
CA GLU A 517 -14.34 5.68 4.79
C GLU A 517 -15.30 6.37 3.84
N MET A 518 -15.59 5.69 2.73
CA MET A 518 -16.51 6.21 1.73
C MET A 518 -17.91 6.36 2.33
N GLY A 519 -18.31 5.38 3.13
CA GLY A 519 -19.61 5.42 3.78
C GLY A 519 -19.75 6.62 4.70
N GLU A 520 -18.71 6.89 5.48
CA GLU A 520 -18.72 8.05 6.37
C GLU A 520 -18.89 9.34 5.57
N GLU A 521 -18.12 9.48 4.51
CA GLU A 521 -18.14 10.70 3.71
C GLU A 521 -19.48 10.91 3.02
N VAL A 522 -20.10 9.83 2.57
CA VAL A 522 -21.40 9.94 1.91
C VAL A 522 -22.49 10.33 2.91
N LEU A 523 -22.41 9.82 4.13
CA LEU A 523 -23.36 10.21 5.16
C LEU A 523 -23.23 11.69 5.50
N LYS A 524 -22.01 12.22 5.40
CA LYS A 524 -21.79 13.63 5.63
C LYS A 524 -22.39 14.46 4.51
N MET A 525 -22.43 13.90 3.31
CA MET A 525 -23.08 14.56 2.19
C MET A 525 -24.58 14.63 2.40
N VAL A 526 -25.13 13.61 3.07
CA VAL A 526 -26.55 13.60 3.42
C VAL A 526 -26.84 14.66 4.46
N GLU A 527 -25.96 14.77 5.45
CA GLU A 527 -26.10 15.78 6.51
C GLU A 527 -25.76 17.17 6.00
N GLY A 528 -25.09 17.24 4.85
CA GLY A 528 -24.62 18.49 4.28
C GLY A 528 -25.67 19.58 4.23
N ARG A 529 -25.30 20.76 4.74
CA ARG A 529 -26.22 21.89 4.82
C ARG A 529 -25.69 23.11 4.06
N ASN A 530 -24.52 22.97 3.44
CA ASN A 530 -23.96 24.04 2.62
C ASN A 530 -23.16 23.47 1.45
N GLU A 531 -22.99 24.29 0.41
CA GLU A 531 -22.47 23.82 -0.86
C GLU A 531 -20.97 23.48 -0.82
N SER A 532 -20.18 24.35 -0.20
CA SER A 532 -18.73 24.17 -0.17
C SER A 532 -18.33 22.87 0.52
N TYR A 533 -19.00 22.57 1.63
CA TYR A 533 -18.71 21.36 2.39
C TYR A 533 -19.13 20.12 1.61
N PHE A 534 -20.27 20.21 0.94
CA PHE A 534 -20.77 19.10 0.13
C PHE A 534 -19.77 18.74 -0.95
N LEU A 535 -19.22 19.75 -1.63
CA LEU A 535 -18.29 19.54 -2.72
C LEU A 535 -16.98 18.91 -2.23
N ARG A 536 -16.53 19.33 -1.06
CA ARG A 536 -15.34 18.72 -0.45
C ARG A 536 -15.55 17.23 -0.25
N LYS A 537 -16.70 16.87 0.31
CA LYS A 537 -17.04 15.46 0.54
C LYS A 537 -17.15 14.71 -0.78
N TYR A 538 -17.82 15.34 -1.76
CA TYR A 538 -18.01 14.74 -3.08
C TYR A 538 -16.68 14.39 -3.74
N ASN A 539 -15.73 15.31 -3.68
CA ASN A 539 -14.41 15.08 -4.25
C ASN A 539 -13.65 13.99 -3.51
N HIS A 540 -13.87 13.92 -2.20
CA HIS A 540 -13.22 12.89 -1.39
C HIS A 540 -13.75 11.51 -1.76
N VAL A 541 -15.06 11.41 -1.95
CA VAL A 541 -15.68 10.15 -2.34
C VAL A 541 -15.11 9.67 -3.68
N LYS A 542 -15.03 10.58 -4.65
CA LYS A 542 -14.52 10.25 -5.96
C LYS A 542 -13.08 9.73 -5.89
N ALA A 543 -12.28 10.33 -5.02
CA ALA A 543 -10.91 9.89 -4.81
C ALA A 543 -10.88 8.49 -4.19
N LEU A 544 -11.80 8.24 -3.25
CA LEU A 544 -11.89 6.93 -2.62
C LEU A 544 -12.28 5.86 -3.62
N GLN A 545 -13.21 6.20 -4.51
CA GLN A 545 -13.61 5.29 -5.58
C GLN A 545 -12.39 4.87 -6.40
N GLN A 546 -11.55 5.86 -6.72
CA GLN A 546 -10.34 5.62 -7.50
C GLN A 546 -9.38 4.70 -6.75
N GLN A 547 -9.31 4.87 -5.43
CA GLN A 547 -8.45 4.02 -4.59
C GLN A 547 -8.94 2.59 -4.57
N MET A 548 -10.26 2.40 -4.53
CA MET A 548 -10.83 1.06 -4.52
C MET A 548 -10.59 0.38 -5.86
N PHE A 549 -10.63 1.17 -6.93
CA PHE A 549 -10.32 0.68 -8.26
C PHE A 549 -8.88 0.18 -8.31
N TYR A 550 -7.97 0.98 -7.77
CA TYR A 550 -6.55 0.63 -7.73
C TYR A 550 -6.31 -0.72 -7.05
N ILE A 551 -6.93 -0.93 -5.89
CA ILE A 551 -6.77 -2.19 -5.17
C ILE A 551 -7.39 -3.33 -5.98
N ASP A 552 -8.53 -3.05 -6.61
CA ASP A 552 -9.24 -4.05 -7.40
C ASP A 552 -8.42 -4.49 -8.61
N GLN A 553 -7.46 -3.66 -9.03
CA GLN A 553 -6.67 -3.93 -10.23
C GLN A 553 -5.24 -4.40 -9.91
N THR A 554 -4.81 -4.27 -8.66
CA THR A 554 -3.44 -4.61 -8.28
C THR A 554 -3.36 -5.76 -7.27
N SER A 555 -4.48 -6.13 -6.66
CA SER A 555 -4.52 -7.24 -5.70
C SER A 555 -5.32 -8.43 -6.23
N ASN A 556 -4.91 -9.62 -5.84
CA ASN A 556 -5.62 -10.85 -6.18
C ASN A 556 -5.91 -10.97 -7.67
N GLN A 557 -4.90 -10.71 -8.49
CA GLN A 557 -5.07 -10.72 -9.93
C GLN A 557 -4.98 -12.14 -10.50
N ASN A 558 -5.99 -12.94 -10.17
CA ASN A 558 -6.11 -14.28 -10.73
C ASN A 558 -6.83 -14.24 -12.08
N PRO A 559 -6.74 -15.32 -12.87
CA PRO A 559 -7.29 -15.29 -14.23
C PRO A 559 -8.82 -15.33 -14.33
N TYR A 560 -9.52 -15.58 -13.23
CA TYR A 560 -10.93 -15.94 -13.32
C TYR A 560 -11.86 -14.89 -12.71
N GLN A 561 -11.63 -14.53 -11.44
CA GLN A 561 -12.33 -13.41 -10.82
C GLN A 561 -11.31 -12.54 -10.11
N PRO A 562 -10.53 -11.76 -10.88
CA PRO A 562 -9.50 -10.91 -10.28
C PRO A 562 -10.10 -9.82 -9.40
N GLY A 563 -9.29 -9.30 -8.49
CA GLY A 563 -9.68 -8.15 -7.71
C GLY A 563 -10.20 -8.48 -6.32
N VAL A 564 -10.77 -7.47 -5.67
CA VAL A 564 -11.12 -7.55 -4.27
C VAL A 564 -12.48 -6.91 -4.03
N LYS A 565 -13.45 -7.74 -3.64
CA LYS A 565 -14.79 -7.26 -3.32
C LYS A 565 -15.12 -7.57 -1.86
N THR A 566 -15.73 -6.62 -1.18
CA THR A 566 -16.05 -6.76 0.24
C THR A 566 -17.35 -6.04 0.57
N ALA A 567 -18.10 -6.58 1.53
CA ALA A 567 -19.35 -5.95 1.99
C ALA A 567 -20.29 -5.67 0.81
N THR A 568 -20.50 -6.67 -0.03
CA THR A 568 -21.19 -6.48 -1.30
C THR A 568 -22.70 -6.62 -1.22
N ARG A 569 -23.19 -7.35 -0.23
CA ARG A 569 -24.61 -7.69 -0.20
C ARG A 569 -25.49 -6.50 0.20
N VAL A 570 -25.07 -5.78 1.24
CA VAL A 570 -25.90 -4.74 1.84
C VAL A 570 -25.22 -3.37 1.83
N ILE A 571 -23.95 -3.33 2.24
CA ILE A 571 -23.29 -2.06 2.51
C ILE A 571 -22.88 -1.29 1.25
N LYS A 572 -22.26 -1.95 0.28
CA LYS A 572 -21.83 -1.27 -0.93
CA LYS A 572 -21.82 -1.27 -0.94
C LYS A 572 -23.02 -0.74 -1.72
N PRO A 573 -24.09 -1.56 -1.85
CA PRO A 573 -25.28 -1.02 -2.54
C PRO A 573 -25.88 0.19 -1.82
N LEU A 574 -25.90 0.15 -0.49
CA LEU A 574 -26.41 1.26 0.31
C LEU A 574 -25.65 2.55 0.00
N ILE A 575 -24.32 2.47 0.07
CA ILE A 575 -23.48 3.63 -0.14
C ILE A 575 -23.61 4.13 -1.58
N ASP A 576 -23.55 3.22 -2.54
CA ASP A 576 -23.68 3.57 -3.94
C ASP A 576 -25.00 4.28 -4.22
N ARG A 577 -26.09 3.71 -3.72
CA ARG A 577 -27.42 4.25 -3.97
C ARG A 577 -27.65 5.55 -3.21
N THR A 578 -27.07 5.65 -2.03
CA THR A 578 -27.17 6.88 -1.24
C THR A 578 -26.36 7.99 -1.87
N PHE A 579 -25.18 7.64 -2.40
CA PHE A 579 -24.33 8.62 -3.07
C PHE A 579 -24.99 9.13 -4.34
N ALA A 580 -25.57 8.23 -5.12
CA ALA A 580 -26.24 8.60 -6.35
C ALA A 580 -27.44 9.50 -6.10
N THR A 581 -28.20 9.18 -5.05
CA THR A 581 -29.42 9.91 -4.74
C THR A 581 -29.12 11.34 -4.28
N VAL A 582 -28.14 11.49 -3.40
CA VAL A 582 -27.82 12.81 -2.84
C VAL A 582 -27.17 13.70 -3.89
N VAL A 583 -26.46 13.09 -4.84
CA VAL A 583 -25.87 13.85 -5.94
C VAL A 583 -26.97 14.33 -6.88
N LYS A 584 -27.98 13.50 -7.09
CA LYS A 584 -29.13 13.88 -7.89
C LYS A 584 -29.84 15.07 -7.24
N PHE A 585 -30.03 15.00 -5.93
CA PHE A 585 -30.66 16.07 -5.18
C PHE A 585 -29.84 17.36 -5.26
N PHE A 586 -28.52 17.24 -5.26
CA PHE A 586 -27.65 18.40 -5.32
C PHE A 586 -27.75 19.07 -6.69
N ASN A 587 -27.71 18.27 -7.75
CA ASN A 587 -27.82 18.79 -9.11
C ASN A 587 -29.15 19.48 -9.33
N GLN A 588 -30.22 18.91 -8.77
CA GLN A 588 -31.54 19.51 -8.83
C GLN A 588 -31.55 20.86 -8.13
N LYS A 589 -31.04 20.90 -6.91
CA LYS A 589 -31.10 22.08 -6.08
C LYS A 589 -30.26 23.23 -6.63
N PHE A 590 -29.00 22.94 -6.96
CA PHE A 590 -28.05 23.97 -7.38
C PHE A 590 -27.89 24.04 -8.89
N ASN A 591 -28.75 23.34 -9.63
CA ASN A 591 -28.71 23.35 -11.09
C ASN A 591 -27.33 22.91 -11.57
N ALA A 592 -26.76 21.93 -10.89
CA ALA A 592 -25.41 21.46 -11.19
C ALA A 592 -25.46 20.20 -12.04
N HIS A 593 -24.28 19.70 -12.42
CA HIS A 593 -24.17 18.49 -13.23
C HIS A 593 -23.04 17.61 -12.73
N LEU A 594 -23.06 17.31 -11.43
CA LEU A 594 -22.06 16.42 -10.84
C LEU A 594 -22.28 14.99 -11.31
N ASP A 595 -21.19 14.28 -11.51
CA ASP A 595 -21.23 12.89 -11.94
C ASP A 595 -21.64 11.99 -10.78
N ALA A 596 -22.72 11.22 -10.96
CA ALA A 596 -23.25 10.36 -9.91
C ALA A 596 -22.72 8.92 -10.03
N THR A 597 -21.65 8.75 -10.79
CA THR A 597 -21.02 7.43 -10.94
C THR A 597 -20.51 6.93 -9.60
N THR A 598 -20.70 5.63 -9.33
CA THR A 598 -20.38 5.05 -8.05
C THR A 598 -19.14 4.14 -8.10
N ASP A 599 -18.66 3.87 -9.31
CA ASP A 599 -17.45 3.08 -9.50
C ASP A 599 -16.56 3.75 -10.54
N TYR A 600 -15.32 4.05 -10.14
CA TYR A 600 -14.39 4.75 -11.02
C TYR A 600 -14.04 3.92 -12.24
N MET A 601 -13.94 4.60 -13.37
CA MET A 601 -13.61 3.95 -14.63
C MET A 601 -12.81 4.92 -15.50
N PRO A 602 -11.49 4.66 -15.66
CA PRO A 602 -10.67 5.63 -16.40
C PRO A 602 -11.05 5.75 -17.88
N HIS A 603 -11.61 4.68 -18.44
CA HIS A 603 -12.03 4.67 -19.83
C HIS A 603 -13.46 5.21 -19.95
N LYS A 604 -13.96 5.30 -21.18
CA LYS A 604 -15.32 5.78 -21.42
C LYS A 604 -16.02 4.94 -22.49
N MET A 605 -17.34 4.97 -22.48
CA MET A 605 -18.14 4.27 -23.48
C MET A 605 -19.49 4.95 -23.67
N ILE A 606 -19.56 5.84 -24.64
CA ILE A 606 -20.81 6.53 -24.98
C ILE A 606 -21.50 5.86 -26.14
N SER A 607 -22.83 5.87 -26.13
CA SER A 607 -23.61 5.25 -27.19
C SER A 607 -25.08 5.65 -27.10
N ILE A 612 -27.43 -0.21 -22.73
CA ILE A 612 -26.10 0.06 -23.26
C ILE A 612 -25.69 1.51 -22.97
N LYS A 613 -26.65 2.42 -23.04
CA LYS A 613 -26.39 3.82 -22.72
C LYS A 613 -25.83 3.96 -21.32
N ASN A 614 -26.27 3.09 -20.42
CA ASN A 614 -25.87 3.14 -19.01
C ASN A 614 -25.10 1.90 -18.54
N LEU A 615 -24.84 0.97 -19.45
CA LEU A 615 -24.03 -0.20 -19.10
C LEU A 615 -22.62 0.25 -18.76
N PRO A 616 -22.11 -0.16 -17.58
CA PRO A 616 -20.78 0.33 -17.18
C PRO A 616 -19.64 -0.51 -17.76
N LEU A 617 -18.50 0.11 -17.99
CA LEU A 617 -17.30 -0.61 -18.41
C LEU A 617 -16.67 -1.29 -17.20
N GLN A 618 -15.83 -2.29 -17.47
CA GLN A 618 -15.07 -2.96 -16.42
C GLN A 618 -13.66 -3.26 -16.91
N VAL A 619 -12.68 -3.01 -16.05
CA VAL A 619 -11.30 -3.40 -16.33
C VAL A 619 -10.97 -4.66 -15.55
N LYS A 620 -10.60 -5.71 -16.27
CA LYS A 620 -10.15 -6.95 -15.65
C LYS A 620 -8.83 -7.37 -16.29
N ALA A 621 -7.76 -7.32 -15.50
CA ALA A 621 -6.42 -7.54 -16.01
C ALA A 621 -6.15 -6.58 -17.17
N ASN A 622 -5.70 -7.12 -18.31
CA ASN A 622 -5.43 -6.30 -19.48
C ASN A 622 -6.61 -6.29 -20.44
N ARG A 623 -7.82 -6.39 -19.89
CA ARG A 623 -9.03 -6.41 -20.68
C ARG A 623 -9.99 -5.29 -20.30
N VAL A 624 -10.55 -4.65 -21.31
CA VAL A 624 -11.61 -3.65 -21.13
C VAL A 624 -12.86 -4.23 -21.77
N LEU A 625 -13.97 -4.24 -21.02
CA LEU A 625 -15.17 -4.94 -21.46
C LEU A 625 -16.46 -4.24 -21.03
N ILE A 626 -17.51 -4.47 -21.82
CA ILE A 626 -18.85 -4.01 -21.49
C ILE A 626 -19.54 -5.08 -20.65
N SER A 627 -20.26 -4.65 -19.61
CA SER A 627 -20.97 -5.57 -18.75
C SER A 627 -22.13 -6.23 -19.51
N PRO A 628 -22.13 -7.57 -19.62
CA PRO A 628 -23.26 -8.23 -20.28
C PRO A 628 -24.59 -7.99 -19.57
N VAL A 641 -22.16 1.96 -30.95
CA VAL A 641 -21.37 1.80 -29.73
C VAL A 641 -19.92 2.22 -29.97
N GLU A 642 -19.32 2.87 -28.98
CA GLU A 642 -17.92 3.29 -29.07
C GLU A 642 -17.24 3.33 -27.71
N ILE A 643 -16.03 2.77 -27.64
CA ILE A 643 -15.23 2.79 -26.42
C ILE A 643 -14.03 3.71 -26.61
N GLU A 644 -13.72 4.50 -25.59
CA GLU A 644 -12.53 5.34 -25.59
C GLU A 644 -11.66 5.01 -24.38
N LEU A 645 -10.43 4.59 -24.64
CA LEU A 645 -9.48 4.32 -23.58
C LEU A 645 -8.80 5.59 -23.12
N ASP A 646 -8.20 5.55 -21.92
CA ASP A 646 -7.56 6.73 -21.35
C ASP A 646 -6.23 7.04 -22.03
N ALA A 647 -5.81 6.17 -22.94
CA ALA A 647 -4.55 6.35 -23.66
C ALA A 647 -4.45 5.39 -24.84
N ILE A 648 -3.34 5.48 -25.56
CA ILE A 648 -3.08 4.59 -26.70
C ILE A 648 -2.33 3.34 -26.21
N TYR A 649 -2.90 2.18 -26.51
CA TYR A 649 -2.28 0.90 -26.16
C TYR A 649 -2.08 0.04 -27.41
N PRO A 650 -1.16 -0.93 -27.34
CA PRO A 650 -1.12 -1.95 -28.38
C PRO A 650 -2.28 -2.93 -28.22
N GLY A 651 -3.03 -3.17 -29.28
CA GLY A 651 -4.17 -4.06 -29.22
C GLY A 651 -3.79 -5.52 -29.42
N GLU A 652 -4.50 -6.42 -28.75
CA GLU A 652 -4.30 -7.86 -28.92
C GLU A 652 -5.40 -8.45 -29.78
N ASN A 653 -6.65 -8.24 -29.36
CA ASN A 653 -7.80 -8.77 -30.07
C ASN A 653 -9.09 -8.13 -29.56
N ILE A 654 -10.20 -8.39 -30.26
CA ILE A 654 -11.51 -7.92 -29.84
C ILE A 654 -12.53 -9.05 -29.97
N GLN A 655 -12.76 -9.75 -28.86
CA GLN A 655 -13.71 -10.85 -28.83
C GLN A 655 -15.12 -10.35 -28.60
N ILE A 656 -16.09 -11.02 -29.23
CA ILE A 656 -17.48 -10.55 -29.25
C ILE A 656 -18.45 -11.73 -29.19
N ASN A 657 -19.65 -11.47 -28.69
CA ASN A 657 -20.71 -12.48 -28.70
C ASN A 657 -22.09 -11.85 -28.59
N GLU A 670 -14.23 -1.29 -36.37
CA GLU A 670 -13.35 -0.17 -36.67
C GLU A 670 -12.48 0.17 -35.47
N ILE A 671 -11.21 0.48 -35.73
CA ILE A 671 -10.22 0.79 -34.71
C ILE A 671 -9.63 2.16 -35.00
N SER A 672 -9.14 2.84 -33.96
CA SER A 672 -8.56 4.17 -34.16
C SER A 672 -7.74 4.66 -32.96
N THR A 673 -6.84 5.60 -33.24
CA THR A 673 -6.06 6.28 -32.20
C THR A 673 -6.71 7.63 -31.88
N ASP A 674 -7.61 8.06 -32.74
CA ASP A 674 -8.37 9.30 -32.53
C ASP A 674 -9.58 9.32 -33.45
N GLY A 675 -10.59 10.13 -33.11
CA GLY A 675 -11.84 10.15 -33.84
C GLY A 675 -11.76 10.51 -35.32
N LYS A 676 -10.55 10.77 -35.81
CA LYS A 676 -10.35 11.18 -37.20
C LYS A 676 -10.22 9.97 -38.12
N GLU A 677 -9.14 9.21 -37.94
CA GLU A 677 -8.79 8.12 -38.84
C GLU A 677 -9.19 6.77 -38.25
N TRP A 678 -9.83 5.93 -39.07
CA TRP A 678 -10.33 4.64 -38.61
C TRP A 678 -9.89 3.50 -39.53
N LYS A 679 -9.99 2.27 -39.02
CA LYS A 679 -9.55 1.09 -39.74
C LYS A 679 -10.56 -0.05 -39.60
N LEU A 690 -16.70 -14.89 -34.83
CA LEU A 690 -17.24 -13.95 -33.86
C LEU A 690 -16.10 -13.36 -33.03
N SER A 691 -14.97 -13.12 -33.67
CA SER A 691 -13.78 -12.57 -33.02
C SER A 691 -12.73 -12.18 -34.06
N ALA A 692 -11.82 -11.29 -33.68
CA ALA A 692 -10.77 -10.83 -34.59
C ALA A 692 -9.56 -10.28 -33.83
N GLY A 693 -8.40 -10.29 -34.48
CA GLY A 693 -7.16 -9.84 -33.88
C GLY A 693 -6.81 -8.40 -34.23
N LEU A 694 -5.83 -7.86 -33.52
CA LEU A 694 -5.41 -6.46 -33.71
C LEU A 694 -3.93 -6.34 -34.09
N GLN A 695 -3.16 -7.38 -33.78
CA GLN A 695 -1.75 -7.45 -34.17
C GLN A 695 -0.93 -6.27 -33.64
N LYS A 696 -1.13 -5.96 -32.37
CA LYS A 696 -0.32 -4.96 -31.67
C LYS A 696 -0.48 -3.55 -32.25
N ALA A 697 -1.49 -3.35 -33.08
CA ALA A 697 -1.76 -2.04 -33.66
C ALA A 697 -2.16 -1.06 -32.55
N PRO A 698 -1.65 0.19 -32.61
CA PRO A 698 -2.07 1.18 -31.62
C PRO A 698 -3.59 1.40 -31.63
N VAL A 699 -4.20 1.39 -30.44
CA VAL A 699 -5.64 1.57 -30.32
C VAL A 699 -5.97 2.45 -29.12
N LYS A 700 -6.92 3.36 -29.33
CA LYS A 700 -7.47 4.16 -28.25
C LYS A 700 -8.99 4.16 -28.33
N PHE A 701 -9.52 4.06 -29.56
CA PHE A 701 -10.95 4.04 -29.81
C PHE A 701 -11.36 2.74 -30.52
N VAL A 702 -12.54 2.23 -30.16
CA VAL A 702 -13.13 1.08 -30.83
C VAL A 702 -14.57 1.41 -31.18
N ARG A 703 -15.09 0.83 -32.26
CA ARG A 703 -16.46 1.14 -32.69
C ARG A 703 -17.08 0.00 -33.49
N PHE A 704 -18.42 -0.06 -33.44
CA PHE A 704 -19.19 -1.07 -34.18
C PHE A 704 -20.45 -0.45 -34.76
N LEU A 716 -26.06 -8.85 -25.77
CA LEU A 716 -24.69 -8.69 -25.29
C LEU A 716 -24.31 -9.73 -24.26
N ARG A 717 -23.49 -10.69 -24.65
CA ARG A 717 -23.00 -11.72 -23.75
C ARG A 717 -21.51 -11.51 -23.46
N GLN A 718 -20.80 -10.94 -24.42
CA GLN A 718 -19.44 -10.47 -24.19
C GLN A 718 -18.99 -9.49 -25.26
N PHE A 719 -18.19 -8.50 -24.84
CA PHE A 719 -17.64 -7.50 -25.74
C PHE A 719 -16.34 -6.98 -25.12
N VAL A 720 -15.25 -7.69 -25.39
CA VAL A 720 -13.99 -7.48 -24.67
C VAL A 720 -12.84 -7.06 -25.58
N LEU A 721 -12.20 -5.95 -25.23
CA LEU A 721 -10.95 -5.52 -25.85
C LEU A 721 -9.78 -5.93 -24.99
N THR A 722 -8.86 -6.70 -25.56
CA THR A 722 -7.62 -7.07 -24.88
C THR A 722 -6.47 -6.21 -25.40
N ILE A 723 -5.67 -5.68 -24.47
CA ILE A 723 -4.55 -4.82 -24.81
C ILE A 723 -3.27 -5.34 -24.16
N GLU A 724 -2.13 -4.81 -24.59
CA GLU A 724 -0.84 -5.23 -24.06
C GLU A 724 -0.47 -4.43 -22.81
N LYS A 725 0.26 -5.07 -21.90
CA LYS A 725 0.75 -4.41 -20.69
C LYS A 725 2.27 -4.31 -20.71
N ASN B 12 -6.81 41.68 -12.19
CA ASN B 12 -7.44 40.41 -11.82
C ASN B 12 -6.57 39.23 -12.21
N VAL B 13 -5.31 39.50 -12.55
CA VAL B 13 -4.36 38.46 -12.94
C VAL B 13 -3.07 38.59 -12.13
N SER B 14 -2.58 37.45 -11.64
CA SER B 14 -1.36 37.42 -10.84
C SER B 14 -0.16 36.99 -11.66
N LEU B 15 0.41 37.93 -12.39
CA LEU B 15 1.59 37.67 -13.22
C LEU B 15 2.78 37.26 -12.37
N GLN B 16 3.47 36.22 -12.82
CA GLN B 16 4.66 35.71 -12.12
C GLN B 16 5.79 35.42 -13.10
N PRO B 17 6.96 36.05 -12.90
CA PRO B 17 7.24 37.10 -11.92
C PRO B 17 6.43 38.36 -12.19
N PRO B 18 6.22 39.19 -11.16
CA PRO B 18 5.49 40.44 -11.38
C PRO B 18 6.34 41.43 -12.18
N PRO B 19 5.78 42.04 -13.24
CA PRO B 19 6.58 42.97 -14.06
C PRO B 19 7.09 44.18 -13.29
N GLN B 20 8.14 44.81 -13.78
CA GLN B 20 8.70 46.00 -13.16
C GLN B 20 7.69 47.14 -13.19
N GLN B 21 7.10 47.37 -14.36
CA GLN B 21 6.09 48.41 -14.54
C GLN B 21 4.85 47.83 -15.18
N LEU B 22 3.68 48.17 -14.64
CA LEU B 22 2.42 47.62 -15.10
C LEU B 22 1.29 48.62 -14.93
N ILE B 23 0.60 48.90 -16.03
CA ILE B 23 -0.60 49.74 -16.02
C ILE B 23 -1.73 48.98 -16.67
N VAL B 24 -2.79 48.72 -15.89
CA VAL B 24 -3.93 47.94 -16.37
C VAL B 24 -5.16 48.85 -16.48
N GLN B 25 -5.94 48.62 -17.53
CA GLN B 25 -7.20 49.35 -17.71
C GLN B 25 -8.38 48.43 -17.41
N ASN B 26 -9.40 48.99 -16.77
CA ASN B 26 -10.62 48.23 -16.50
C ASN B 26 -11.37 47.95 -17.79
N LYS B 27 -10.75 47.15 -18.65
CA LYS B 27 -11.32 46.81 -19.95
C LYS B 27 -10.82 45.44 -20.38
N THR B 28 -11.57 44.79 -21.26
CA THR B 28 -11.25 43.43 -21.69
C THR B 28 -11.41 43.25 -23.19
N ILE B 29 -10.34 42.77 -23.83
CA ILE B 29 -10.34 42.49 -25.26
C ILE B 29 -10.43 40.99 -25.49
N ASP B 30 -11.21 40.59 -26.49
CA ASP B 30 -11.31 39.18 -26.85
C ASP B 30 -10.11 38.76 -27.68
N LEU B 31 -9.64 37.53 -27.46
CA LEU B 31 -8.59 36.96 -28.29
C LEU B 31 -9.08 36.97 -29.75
N PRO B 32 -8.33 37.63 -30.65
CA PRO B 32 -8.84 37.82 -32.01
C PRO B 32 -8.99 36.53 -32.81
N ALA B 33 -10.21 36.25 -33.25
CA ALA B 33 -10.48 35.10 -34.11
C ALA B 33 -9.74 35.27 -35.44
N VAL B 34 -9.60 36.52 -35.86
CA VAL B 34 -8.82 36.87 -37.04
C VAL B 34 -7.79 37.91 -36.63
N TYR B 35 -6.56 37.74 -37.09
CA TYR B 35 -5.47 38.64 -36.70
C TYR B 35 -4.43 38.79 -37.80
N GLN B 36 -3.71 39.91 -37.77
CA GLN B 36 -2.59 40.15 -38.66
C GLN B 36 -1.29 40.06 -37.86
N LEU B 37 -0.37 39.21 -38.32
CA LEU B 37 0.92 39.05 -37.64
C LEU B 37 2.03 39.81 -38.36
N ASN B 38 2.67 40.70 -37.62
CA ASN B 38 3.76 41.52 -38.14
C ASN B 38 5.07 41.20 -37.44
N GLY B 39 6.02 40.64 -38.19
CA GLY B 39 7.36 40.37 -37.69
C GLY B 39 7.64 38.93 -37.32
N GLY B 40 6.86 38.02 -37.87
CA GLY B 40 7.04 36.60 -37.60
C GLY B 40 8.37 36.06 -38.10
N GLU B 41 8.83 36.61 -39.22
CA GLU B 41 10.09 36.18 -39.82
C GLU B 41 11.29 36.96 -39.27
N GLU B 42 11.00 37.97 -38.45
CA GLU B 42 12.04 38.82 -37.88
C GLU B 42 12.31 38.49 -36.42
N ALA B 43 11.28 38.05 -35.71
CA ALA B 43 11.36 37.86 -34.26
C ALA B 43 12.01 36.53 -33.89
N ASN B 44 12.39 36.42 -32.62
CA ASN B 44 12.89 35.18 -32.05
C ASN B 44 11.97 34.01 -32.40
N PRO B 45 12.49 33.02 -33.17
CA PRO B 45 11.67 31.86 -33.53
C PRO B 45 11.10 31.13 -32.33
N HIS B 46 11.83 31.12 -31.22
CA HIS B 46 11.34 30.47 -30.00
C HIS B 46 10.12 31.21 -29.47
N ALA B 47 10.07 32.52 -29.69
CA ALA B 47 8.96 33.34 -29.23
C ALA B 47 7.78 33.24 -30.19
N VAL B 48 8.07 33.19 -31.49
CA VAL B 48 7.01 33.10 -32.50
C VAL B 48 6.26 31.78 -32.36
N LYS B 49 6.99 30.73 -31.99
CA LYS B 49 6.39 29.41 -31.80
C LYS B 49 5.32 29.47 -30.71
N VAL B 50 5.67 30.03 -29.56
CA VAL B 50 4.73 30.18 -28.46
C VAL B 50 3.50 30.96 -28.89
N LEU B 51 3.72 32.02 -29.66
CA LEU B 51 2.64 32.89 -30.10
C LEU B 51 1.62 32.14 -30.95
N LYS B 52 2.11 31.43 -31.96
CA LYS B 52 1.22 30.73 -32.88
C LYS B 52 0.55 29.52 -32.23
N GLU B 53 1.07 29.10 -31.08
CA GLU B 53 0.42 28.05 -30.30
C GLU B 53 -0.73 28.62 -29.51
N LEU B 54 -0.56 29.83 -28.99
CA LEU B 54 -1.60 30.52 -28.25
C LEU B 54 -2.76 30.90 -29.17
N LEU B 55 -2.43 31.28 -30.40
CA LEU B 55 -3.45 31.66 -31.37
C LEU B 55 -3.95 30.44 -32.12
N SER B 56 -5.26 30.41 -32.39
CA SER B 56 -5.89 29.29 -33.06
C SER B 56 -6.91 29.78 -34.10
N GLY B 57 -6.78 31.05 -34.48
CA GLY B 57 -7.59 31.62 -35.53
C GLY B 57 -6.72 31.79 -36.78
N LYS B 58 -7.36 32.00 -37.93
CA LYS B 58 -6.61 32.15 -39.17
C LYS B 58 -5.86 33.46 -39.16
N GLN B 59 -4.59 33.40 -39.58
CA GLN B 59 -3.81 34.62 -39.78
C GLN B 59 -4.21 35.25 -41.10
N SER B 60 -4.38 36.56 -41.10
CA SER B 60 -4.83 37.27 -42.29
C SER B 60 -4.10 38.60 -42.46
N SER B 61 -3.65 38.85 -43.69
CA SER B 61 -3.03 40.12 -44.03
C SER B 61 -4.07 41.23 -43.97
N LYS B 62 -5.30 40.87 -44.29
CA LYS B 62 -6.44 41.78 -44.20
C LYS B 62 -7.39 41.34 -43.10
N LYS B 63 -8.04 42.32 -42.47
CA LYS B 63 -8.96 42.06 -41.37
C LYS B 63 -8.23 41.53 -40.14
N GLY B 64 -8.90 41.59 -38.99
CA GLY B 64 -8.29 41.16 -37.75
C GLY B 64 -7.38 42.23 -37.19
N MET B 65 -7.11 42.16 -35.89
CA MET B 65 -6.27 43.16 -35.24
C MET B 65 -4.79 42.86 -35.45
N LEU B 66 -3.99 43.91 -35.41
CA LEU B 66 -2.55 43.78 -35.66
C LEU B 66 -1.84 43.25 -34.42
N ILE B 67 -0.96 42.28 -34.62
CA ILE B 67 -0.07 41.80 -33.58
C ILE B 67 1.37 41.93 -34.08
N SER B 68 2.13 42.80 -33.41
CA SER B 68 3.52 43.04 -33.78
C SER B 68 4.46 42.35 -32.82
N ILE B 69 5.39 41.57 -33.36
CA ILE B 69 6.40 40.89 -32.56
C ILE B 69 7.78 41.11 -33.17
N GLY B 70 8.77 41.31 -32.32
CA GLY B 70 10.12 41.55 -32.80
C GLY B 70 11.04 42.05 -31.71
N GLU B 71 12.34 42.14 -32.04
CA GLU B 71 13.33 42.68 -31.14
C GLU B 71 13.66 44.12 -31.52
N LYS B 72 14.22 44.87 -30.58
CA LYS B 72 14.72 46.21 -30.87
C LYS B 72 15.64 46.16 -32.09
N GLY B 73 15.26 46.89 -33.14
CA GLY B 73 16.00 46.91 -34.39
C GLY B 73 15.20 46.34 -35.54
N ASP B 74 14.28 45.43 -35.23
CA ASP B 74 13.38 44.87 -36.24
C ASP B 74 12.41 45.93 -36.73
N LYS B 75 12.09 45.89 -38.03
CA LYS B 75 11.13 46.83 -38.61
C LYS B 75 9.77 46.68 -37.95
N SER B 76 9.48 45.48 -37.45
CA SER B 76 8.16 45.14 -36.93
C SER B 76 7.79 45.95 -35.70
N VAL B 77 8.79 46.38 -34.92
CA VAL B 77 8.54 47.09 -33.67
C VAL B 77 9.24 48.44 -33.62
N ARG B 78 9.58 48.99 -34.79
CA ARG B 78 10.20 50.32 -34.84
C ARG B 78 9.31 51.35 -34.16
N LYS B 79 8.01 51.27 -34.40
CA LYS B 79 7.04 52.21 -33.86
C LYS B 79 7.11 52.32 -32.34
N TYR B 80 7.41 51.20 -31.67
CA TYR B 80 7.41 51.14 -30.21
C TYR B 80 8.80 51.00 -29.62
N SER B 81 9.83 51.26 -30.43
CA SER B 81 11.20 51.00 -30.03
C SER B 81 11.64 51.85 -28.83
N ARG B 82 11.04 53.02 -28.68
CA ARG B 82 11.37 53.92 -27.59
C ARG B 82 10.69 53.48 -26.28
N GLN B 83 9.77 52.51 -26.39
CA GLN B 83 9.07 51.98 -25.22
C GLN B 83 9.79 50.78 -24.63
N ILE B 84 10.69 50.20 -25.41
CA ILE B 84 11.42 49.00 -24.99
C ILE B 84 12.49 49.35 -23.95
N PRO B 85 12.44 48.73 -22.76
CA PRO B 85 13.47 49.01 -21.75
C PRO B 85 14.88 48.72 -22.25
N ASP B 86 15.83 49.59 -21.90
CA ASP B 86 17.22 49.45 -22.34
C ASP B 86 17.99 48.54 -21.39
N HIS B 87 17.45 47.33 -21.18
CA HIS B 87 18.06 46.35 -20.29
C HIS B 87 18.10 44.99 -20.97
N LYS B 88 19.13 44.21 -20.66
CA LYS B 88 19.22 42.83 -21.12
C LYS B 88 17.97 42.07 -20.67
N GLU B 89 17.38 41.33 -21.61
CA GLU B 89 16.21 40.49 -21.35
C GLU B 89 14.97 41.30 -20.99
N GLY B 90 15.00 42.59 -21.31
CA GLY B 90 13.85 43.45 -21.10
C GLY B 90 12.88 43.39 -22.26
N TYR B 91 11.64 43.85 -22.04
CA TYR B 91 10.65 43.87 -23.10
C TYR B 91 9.54 44.89 -22.85
N TYR B 92 8.84 45.25 -23.91
CA TYR B 92 7.65 46.07 -23.83
C TYR B 92 6.46 45.24 -24.31
N LEU B 93 5.37 45.26 -23.54
CA LEU B 93 4.16 44.55 -23.90
C LEU B 93 2.96 45.48 -23.79
N SER B 94 2.13 45.48 -24.83
CA SER B 94 0.94 46.32 -24.85
C SER B 94 -0.25 45.56 -25.43
N VAL B 95 -1.42 45.79 -24.85
CA VAL B 95 -2.66 45.19 -25.33
C VAL B 95 -3.77 46.24 -25.28
N ASN B 96 -4.45 46.42 -26.40
CA ASN B 96 -5.66 47.23 -26.44
C ASN B 96 -6.56 46.78 -27.59
N GLU B 97 -7.64 47.52 -27.83
CA GLU B 97 -8.59 47.16 -28.87
C GLU B 97 -7.99 47.20 -30.27
N LYS B 98 -6.97 48.04 -30.44
CA LYS B 98 -6.41 48.30 -31.77
C LYS B 98 -5.34 47.29 -32.18
N GLU B 99 -4.49 46.89 -31.23
CA GLU B 99 -3.37 46.01 -31.56
C GLU B 99 -2.68 45.42 -30.33
N ILE B 100 -1.78 44.47 -30.58
CA ILE B 100 -0.97 43.85 -29.55
C ILE B 100 0.50 44.01 -29.89
N VAL B 101 1.30 44.42 -28.91
CA VAL B 101 2.74 44.60 -29.10
C VAL B 101 3.52 43.68 -28.17
N LEU B 102 4.49 42.97 -28.76
CA LEU B 102 5.39 42.10 -28.01
C LEU B 102 6.82 42.37 -28.48
N ALA B 103 7.51 43.26 -27.77
CA ALA B 103 8.78 43.80 -28.25
C ALA B 103 9.89 43.66 -27.22
N GLY B 104 10.89 42.84 -27.54
CA GLY B 104 12.01 42.62 -26.65
C GLY B 104 13.18 43.55 -26.96
N ASN B 105 13.98 43.85 -25.93
CA ASN B 105 15.22 44.58 -26.12
C ASN B 105 16.21 43.69 -26.87
N ASP B 106 16.06 42.38 -26.66
CA ASP B 106 16.82 41.36 -27.35
C ASP B 106 15.92 40.15 -27.56
N GLU B 107 16.45 39.09 -28.18
CA GLU B 107 15.63 37.92 -28.50
C GLU B 107 15.04 37.24 -27.27
N ARG B 108 15.83 37.17 -26.19
CA ARG B 108 15.35 36.55 -24.96
C ARG B 108 14.26 37.42 -24.32
N GLY B 109 14.36 38.72 -24.51
CA GLY B 109 13.34 39.65 -24.04
C GLY B 109 12.01 39.37 -24.71
N THR B 110 12.03 39.13 -26.01
CA THR B 110 10.81 38.84 -26.76
C THR B 110 10.16 37.55 -26.27
N TYR B 111 10.98 36.55 -25.98
CA TYR B 111 10.49 35.28 -25.46
C TYR B 111 9.80 35.51 -24.13
N TYR B 112 10.41 36.33 -23.28
CA TYR B 112 9.86 36.64 -21.97
C TYR B 112 8.58 37.47 -22.08
N ALA B 113 8.48 38.31 -23.11
CA ALA B 113 7.26 39.05 -23.36
C ALA B 113 6.11 38.06 -23.61
N LEU B 114 6.41 36.99 -24.34
CA LEU B 114 5.41 35.98 -24.65
C LEU B 114 4.98 35.18 -23.42
N GLN B 115 5.91 34.96 -22.50
CA GLN B 115 5.59 34.20 -21.29
C GLN B 115 4.67 35.00 -20.38
N THR B 116 4.83 36.32 -20.40
CA THR B 116 3.90 37.20 -19.68
C THR B 116 2.57 37.22 -20.41
N PHE B 117 2.62 37.30 -21.73
CA PHE B 117 1.41 37.34 -22.54
C PHE B 117 0.57 36.09 -22.33
N ALA B 118 1.24 34.95 -22.14
CA ALA B 118 0.55 33.68 -21.94
C ALA B 118 -0.29 33.71 -20.67
N GLN B 119 0.21 34.39 -19.65
CA GLN B 119 -0.47 34.48 -18.36
C GLN B 119 -1.68 35.40 -18.43
N LEU B 120 -1.61 36.41 -19.28
CA LEU B 120 -2.69 37.38 -19.43
C LEU B 120 -3.93 36.71 -20.03
N LEU B 121 -3.70 35.76 -20.93
CA LEU B 121 -4.77 35.09 -21.65
C LEU B 121 -5.60 34.21 -20.72
N LYS B 122 -6.84 34.62 -20.49
CA LYS B 122 -7.76 33.91 -19.60
C LYS B 122 -9.14 33.75 -20.21
N ASP B 123 -9.53 32.51 -20.47
CA ASP B 123 -10.82 32.20 -21.09
C ASP B 123 -11.01 32.96 -22.40
N GLY B 124 -9.98 32.95 -23.24
CA GLY B 124 -10.05 33.53 -24.57
C GLY B 124 -10.13 35.04 -24.58
N LYS B 125 -9.93 35.66 -23.43
CA LYS B 125 -9.97 37.12 -23.31
C LYS B 125 -8.67 37.66 -22.73
N LEU B 126 -8.40 38.93 -23.00
CA LEU B 126 -7.19 39.60 -22.55
C LEU B 126 -7.53 40.93 -21.90
N PRO B 127 -6.82 41.28 -20.81
CA PRO B 127 -7.02 42.61 -20.23
C PRO B 127 -6.31 43.67 -21.05
N GLU B 128 -6.77 44.92 -20.96
CA GLU B 128 -6.10 46.03 -21.62
C GLU B 128 -4.91 46.46 -20.76
N VAL B 129 -3.70 46.19 -21.23
CA VAL B 129 -2.49 46.36 -20.43
C VAL B 129 -1.36 47.07 -21.17
N GLU B 130 -0.46 47.64 -20.39
CA GLU B 130 0.83 48.09 -20.89
C GLU B 130 1.90 47.75 -19.86
N ILE B 131 2.95 47.06 -20.32
CA ILE B 131 4.00 46.55 -19.43
C ILE B 131 5.39 46.90 -19.96
N LYS B 132 6.23 47.39 -19.05
CA LYS B 132 7.65 47.52 -19.28
C LYS B 132 8.36 46.70 -18.21
N ASP B 133 9.16 45.72 -18.63
CA ASP B 133 9.67 44.73 -17.71
C ASP B 133 11.11 44.33 -18.03
N TYR B 134 11.81 43.86 -17.01
CA TYR B 134 13.21 43.46 -17.11
C TYR B 134 13.63 42.87 -15.78
N PRO B 135 14.69 42.04 -15.77
CA PRO B 135 15.13 41.40 -14.53
C PRO B 135 16.00 42.30 -13.66
N SER B 136 15.88 42.17 -12.34
CA SER B 136 16.73 42.91 -11.41
C SER B 136 18.04 42.18 -11.15
N VAL B 137 18.04 40.86 -11.35
CA VAL B 137 19.23 40.04 -11.17
C VAL B 137 19.60 39.39 -12.51
N ARG B 138 20.88 39.47 -12.88
CA ARG B 138 21.31 39.06 -14.20
C ARG B 138 21.13 37.57 -14.46
N TYR B 139 21.59 36.74 -13.52
CA TYR B 139 21.48 35.29 -13.67
C TYR B 139 20.55 34.70 -12.61
N ARG B 140 19.54 33.98 -13.07
CA ARG B 140 18.49 33.46 -12.21
C ARG B 140 18.15 32.03 -12.60
N GLY B 141 18.14 31.12 -11.64
CA GLY B 141 17.76 29.76 -11.95
C GLY B 141 18.02 28.72 -10.89
N VAL B 142 18.52 27.58 -11.33
CA VAL B 142 18.67 26.39 -10.50
C VAL B 142 20.04 25.76 -10.67
N VAL B 143 20.62 25.32 -9.56
CA VAL B 143 21.82 24.49 -9.60
C VAL B 143 21.46 23.10 -9.07
N GLU B 144 21.53 22.10 -9.93
CA GLU B 144 21.36 20.73 -9.48
C GLU B 144 22.68 20.30 -8.87
N GLY B 145 22.88 20.67 -7.60
CA GLY B 145 24.16 20.45 -6.93
C GLY B 145 24.05 19.70 -5.62
N PHE B 146 23.03 18.85 -5.50
CA PHE B 146 22.77 18.14 -4.25
C PHE B 146 23.42 16.76 -4.19
N TYR B 147 23.47 16.21 -2.99
CA TYR B 147 23.81 14.80 -2.79
C TYR B 147 22.53 13.96 -2.87
N GLY B 148 22.63 12.78 -3.46
CA GLY B 148 21.49 11.89 -3.61
C GLY B 148 21.27 11.52 -5.06
N THR B 149 20.16 10.84 -5.33
CA THR B 149 19.82 10.41 -6.67
C THR B 149 19.67 11.63 -7.59
N PRO B 150 20.51 11.71 -8.64
CA PRO B 150 20.36 12.84 -9.56
C PRO B 150 19.00 12.83 -10.25
N TRP B 151 18.51 13.99 -10.65
CA TRP B 151 17.25 14.08 -11.39
C TRP B 151 17.26 13.20 -12.62
N SER B 152 16.12 12.58 -12.90
CA SER B 152 15.98 11.76 -14.09
C SER B 152 16.03 12.64 -15.33
N HIS B 153 16.30 12.04 -16.48
CA HIS B 153 16.33 12.77 -17.73
C HIS B 153 14.98 13.43 -18.00
N GLN B 154 13.90 12.69 -17.76
CA GLN B 154 12.55 13.21 -17.98
C GLN B 154 12.25 14.36 -17.04
N ALA B 155 12.75 14.26 -15.81
CA ALA B 155 12.54 15.32 -14.82
C ALA B 155 13.23 16.60 -15.30
N ARG B 156 14.45 16.46 -15.79
CA ARG B 156 15.22 17.62 -16.26
C ARG B 156 14.56 18.29 -17.46
N LEU B 157 14.00 17.50 -18.37
CA LEU B 157 13.28 18.05 -19.50
C LEU B 157 12.10 18.90 -19.03
N SER B 158 11.39 18.39 -18.02
CA SER B 158 10.27 19.12 -17.44
C SER B 158 10.73 20.40 -16.74
N GLN B 159 11.89 20.32 -16.08
CA GLN B 159 12.45 21.46 -15.37
C GLN B 159 12.78 22.61 -16.32
N LEU B 160 13.48 22.29 -17.41
CA LEU B 160 13.93 23.32 -18.35
C LEU B 160 12.76 24.10 -18.94
N LYS B 161 11.66 23.40 -19.23
CA LYS B 161 10.47 24.04 -19.77
C LYS B 161 9.83 24.93 -18.71
N PHE B 162 9.91 24.48 -17.46
CA PHE B 162 9.40 25.23 -16.33
C PHE B 162 10.19 26.53 -16.13
N TYR B 163 11.50 26.46 -16.32
CA TYR B 163 12.37 27.63 -16.15
C TYR B 163 12.03 28.72 -17.17
N GLY B 164 11.89 28.32 -18.43
CA GLY B 164 11.55 29.25 -19.50
C GLY B 164 10.25 29.98 -19.22
N LYS B 165 9.27 29.26 -18.68
CA LYS B 165 7.97 29.84 -18.38
C LYS B 165 8.05 30.91 -17.29
N ASN B 166 9.01 30.75 -16.37
CA ASN B 166 9.15 31.66 -15.24
C ASN B 166 10.39 32.52 -15.34
N LYS B 167 10.94 32.62 -16.54
CA LYS B 167 12.02 33.54 -16.86
C LYS B 167 13.31 33.27 -16.08
N MET B 168 13.55 32.01 -15.76
CA MET B 168 14.85 31.59 -15.25
C MET B 168 15.77 31.28 -16.43
N ASN B 169 16.93 31.92 -16.47
CA ASN B 169 17.82 31.81 -17.62
C ASN B 169 19.04 30.93 -17.36
N THR B 170 19.08 30.25 -16.22
CA THR B 170 20.26 29.49 -15.82
C THR B 170 19.91 28.13 -15.21
N TYR B 171 20.53 27.09 -15.75
CA TYR B 171 20.50 25.76 -15.15
C TYR B 171 21.93 25.24 -15.03
N ILE B 172 22.38 25.07 -13.79
CA ILE B 172 23.75 24.60 -13.55
C ILE B 172 23.74 23.12 -13.17
N TYR B 173 24.22 22.30 -14.10
CA TYR B 173 24.30 20.86 -13.91
C TYR B 173 25.52 20.49 -13.07
N GLY B 174 25.28 19.97 -11.87
CA GLY B 174 26.37 19.49 -11.04
C GLY B 174 25.99 18.52 -9.93
N PRO B 175 25.25 17.44 -10.28
CA PRO B 175 24.87 16.48 -9.23
C PRO B 175 26.10 15.85 -8.60
N LYS B 176 26.20 15.94 -7.28
CA LYS B 176 27.39 15.48 -6.56
C LYS B 176 27.68 13.99 -6.79
N ASP B 177 26.64 13.22 -7.08
CA ASP B 177 26.78 11.76 -7.21
C ASP B 177 26.86 11.30 -8.67
N ASP B 178 27.01 12.25 -9.59
CA ASP B 178 27.29 11.92 -10.99
C ASP B 178 28.79 11.67 -11.13
N PRO B 179 29.18 10.41 -11.43
CA PRO B 179 30.61 10.10 -11.42
C PRO B 179 31.41 10.79 -12.52
N TYR B 180 30.73 11.23 -13.58
CA TYR B 180 31.39 11.92 -14.67
C TYR B 180 31.42 13.43 -14.43
N HIS B 181 30.77 13.87 -13.36
CA HIS B 181 30.83 15.27 -12.94
C HIS B 181 31.88 15.45 -11.85
N SER B 182 31.95 14.47 -10.94
CA SER B 182 32.82 14.56 -9.77
C SER B 182 33.81 13.40 -9.75
N ALA B 183 34.35 13.10 -8.58
CA ALA B 183 35.30 12.00 -8.45
C ALA B 183 34.57 10.67 -8.67
N PRO B 184 35.25 9.70 -9.29
CA PRO B 184 36.62 9.71 -9.80
C PRO B 184 36.74 9.97 -11.30
N ASN B 185 35.62 9.96 -12.01
CA ASN B 185 35.64 9.93 -13.48
C ASN B 185 35.31 11.27 -14.14
N TRP B 186 35.64 12.37 -13.49
CA TRP B 186 35.47 13.68 -14.11
C TRP B 186 36.42 13.84 -15.29
N ARG B 187 37.46 13.01 -15.33
CA ARG B 187 38.42 13.03 -16.44
C ARG B 187 37.86 12.36 -17.70
N LEU B 188 36.83 11.52 -17.54
CA LEU B 188 36.32 10.73 -18.64
C LEU B 188 35.11 11.38 -19.30
N PRO B 189 34.99 11.26 -20.64
CA PRO B 189 33.79 11.76 -21.29
C PRO B 189 32.57 10.90 -20.93
N TYR B 190 31.38 11.45 -21.05
CA TYR B 190 30.17 10.69 -20.77
C TYR B 190 30.00 9.56 -21.77
N PRO B 191 29.45 8.41 -21.35
CA PRO B 191 29.15 7.36 -22.31
C PRO B 191 28.13 7.81 -23.34
N ASP B 192 27.98 7.06 -24.43
CA ASP B 192 27.11 7.46 -25.54
C ASP B 192 25.69 7.80 -25.10
N LYS B 193 25.10 6.96 -24.25
CA LYS B 193 23.72 7.15 -23.82
C LYS B 193 23.54 8.46 -23.07
N GLU B 194 24.36 8.68 -22.04
CA GLU B 194 24.28 9.91 -21.25
C GLU B 194 24.63 11.13 -22.10
N ALA B 195 25.55 10.94 -23.04
CA ALA B 195 26.01 12.03 -23.90
C ALA B 195 24.88 12.52 -24.81
N ALA B 196 24.16 11.58 -25.39
CA ALA B 196 23.03 11.92 -26.26
C ALA B 196 21.92 12.57 -25.45
N GLN B 197 21.76 12.13 -24.21
CA GLN B 197 20.76 12.72 -23.31
C GLN B 197 21.13 14.17 -22.98
N LEU B 198 22.38 14.40 -22.62
CA LEU B 198 22.86 15.75 -22.32
C LEU B 198 22.70 16.64 -23.54
N GLN B 199 22.99 16.10 -24.71
CA GLN B 199 22.83 16.82 -25.96
C GLN B 199 21.38 17.27 -26.14
N GLU B 200 20.44 16.41 -25.75
CA GLU B 200 19.03 16.74 -25.83
C GLU B 200 18.69 17.84 -24.83
N LEU B 201 19.23 17.74 -23.62
CA LEU B 201 18.97 18.73 -22.58
C LEU B 201 19.41 20.12 -23.03
N VAL B 202 20.59 20.20 -23.65
CA VAL B 202 21.12 21.48 -24.13
C VAL B 202 20.20 22.07 -25.19
N ALA B 203 19.73 21.23 -26.10
CA ALA B 203 18.84 21.68 -27.17
C ALA B 203 17.54 22.22 -26.59
N VAL B 204 16.94 21.47 -25.67
CA VAL B 204 15.70 21.89 -25.04
C VAL B 204 15.92 23.15 -24.22
N ALA B 205 17.07 23.24 -23.57
CA ALA B 205 17.43 24.44 -22.81
C ALA B 205 17.48 25.65 -23.73
N ASN B 206 18.11 25.48 -24.89
CA ASN B 206 18.19 26.56 -25.88
C ASN B 206 16.81 26.99 -26.36
N GLU B 207 15.93 26.01 -26.58
CA GLU B 207 14.58 26.29 -27.03
C GLU B 207 13.78 27.08 -25.99
N ASN B 208 14.15 26.93 -24.73
CA ASN B 208 13.46 27.61 -23.63
C ASN B 208 14.26 28.77 -23.06
N GLU B 209 15.27 29.23 -23.82
CA GLU B 209 16.05 30.40 -23.45
C GLU B 209 16.76 30.24 -22.10
N VAL B 210 17.20 29.02 -21.83
CA VAL B 210 17.95 28.72 -20.61
C VAL B 210 19.41 28.42 -20.95
N ASP B 211 20.33 29.08 -20.25
CA ASP B 211 21.75 28.75 -20.34
C ASP B 211 22.05 27.45 -19.60
N PHE B 212 22.38 26.40 -20.34
CA PHE B 212 22.82 25.15 -19.75
C PHE B 212 24.27 25.28 -19.34
N VAL B 213 24.51 25.32 -18.02
CA VAL B 213 25.86 25.43 -17.48
C VAL B 213 26.34 24.08 -16.96
N TRP B 214 27.31 23.46 -17.64
CA TRP B 214 27.86 22.20 -17.16
C TRP B 214 29.01 22.44 -16.20
N ALA B 215 28.86 21.92 -14.99
CA ALA B 215 29.88 22.07 -13.95
C ALA B 215 30.75 20.83 -13.83
N ILE B 216 31.98 21.02 -13.38
CA ILE B 216 32.89 19.91 -13.12
C ILE B 216 33.41 20.05 -11.69
N HIS B 217 33.63 18.92 -11.03
CA HIS B 217 33.99 18.90 -9.61
C HIS B 217 35.22 18.02 -9.40
N PRO B 218 36.40 18.54 -9.80
CA PRO B 218 37.64 17.73 -9.85
C PRO B 218 38.53 17.86 -8.62
N GLY B 219 38.17 18.73 -7.70
CA GLY B 219 39.09 19.17 -6.65
C GLY B 219 39.60 18.12 -5.68
N GLN B 220 38.86 17.03 -5.52
CA GLN B 220 39.24 16.04 -4.51
C GLN B 220 40.53 15.31 -4.85
N ASP B 221 40.71 14.98 -6.13
CA ASP B 221 41.87 14.20 -6.58
C ASP B 221 42.63 14.91 -7.70
N ILE B 222 42.41 16.21 -7.86
CA ILE B 222 43.11 16.96 -8.88
C ILE B 222 44.59 17.11 -8.52
N LYS B 223 45.44 17.05 -9.54
CA LYS B 223 46.86 17.35 -9.41
C LYS B 223 47.18 18.60 -10.21
N TRP B 224 47.91 19.53 -9.59
CA TRP B 224 48.23 20.79 -10.25
C TRP B 224 49.38 20.61 -11.22
N ASN B 225 49.12 19.89 -12.31
CA ASN B 225 50.12 19.67 -13.36
C ASN B 225 49.50 19.78 -14.74
N LYS B 226 50.30 19.52 -15.76
CA LYS B 226 49.85 19.57 -17.15
C LYS B 226 48.75 18.55 -17.42
N GLU B 227 48.94 17.34 -16.91
CA GLU B 227 48.07 16.21 -17.26
C GLU B 227 46.61 16.48 -16.93
N ASP B 228 46.34 16.81 -15.66
CA ASP B 228 44.98 17.04 -15.21
C ASP B 228 44.39 18.32 -15.80
N ARG B 229 45.24 19.31 -16.01
CA ARG B 229 44.80 20.57 -16.62
C ARG B 229 44.27 20.32 -18.03
N ASP B 230 45.06 19.62 -18.84
CA ASP B 230 44.66 19.31 -20.21
C ASP B 230 43.45 18.38 -20.24
N LEU B 231 43.37 17.46 -19.28
CA LEU B 231 42.24 16.54 -19.20
C LEU B 231 40.96 17.28 -18.90
N LEU B 232 41.05 18.30 -18.05
CA LEU B 232 39.88 19.12 -17.72
C LEU B 232 39.39 19.86 -18.95
N LEU B 233 40.33 20.48 -19.68
CA LEU B 233 39.97 21.21 -20.90
C LEU B 233 39.47 20.25 -21.97
N ALA B 234 40.04 19.05 -22.02
CA ALA B 234 39.58 18.02 -22.94
C ALA B 234 38.15 17.61 -22.61
N LYS B 235 37.83 17.56 -21.32
CA LYS B 235 36.47 17.25 -20.91
C LYS B 235 35.53 18.39 -21.31
N PHE B 236 35.94 19.63 -21.04
CA PHE B 236 35.16 20.80 -21.42
C PHE B 236 34.94 20.85 -22.93
N GLU B 237 35.97 20.47 -23.68
CA GLU B 237 35.88 20.44 -25.13
C GLU B 237 34.82 19.43 -25.59
N LYS B 238 34.77 18.29 -24.92
CA LYS B 238 33.76 17.27 -25.23
C LYS B 238 32.34 17.77 -24.96
N MET B 239 32.17 18.46 -23.84
CA MET B 239 30.87 19.05 -23.51
C MET B 239 30.48 20.12 -24.52
N TYR B 240 31.47 20.89 -24.97
CA TYR B 240 31.23 21.91 -25.99
C TYR B 240 30.68 21.28 -27.28
N GLN B 241 31.22 20.12 -27.63
CA GLN B 241 30.77 19.38 -28.81
C GLN B 241 29.34 18.89 -28.64
N LEU B 242 28.91 18.71 -27.40
CA LEU B 242 27.53 18.31 -27.12
C LEU B 242 26.59 19.52 -27.11
N GLY B 243 27.16 20.72 -27.22
CA GLY B 243 26.39 21.93 -27.34
C GLY B 243 26.50 22.87 -26.14
N VAL B 244 27.23 22.46 -25.11
CA VAL B 244 27.39 23.27 -23.92
C VAL B 244 28.15 24.55 -24.25
N ARG B 245 27.64 25.69 -23.78
CA ARG B 245 28.26 26.99 -24.04
C ARG B 245 28.46 27.80 -22.75
N SER B 246 28.21 27.16 -21.61
CA SER B 246 28.52 27.74 -20.31
C SER B 246 29.12 26.67 -19.43
N PHE B 247 30.10 27.06 -18.61
CA PHE B 247 30.88 26.09 -17.84
C PHE B 247 31.14 26.57 -16.43
N ALA B 248 31.33 25.61 -15.52
CA ALA B 248 31.66 25.93 -14.14
C ALA B 248 32.64 24.91 -13.56
N VAL B 249 33.40 25.35 -12.57
CA VAL B 249 34.30 24.48 -11.82
C VAL B 249 34.01 24.62 -10.33
N PHE B 250 33.56 23.53 -9.72
CA PHE B 250 33.25 23.52 -8.30
C PHE B 250 34.41 22.98 -7.46
N PHE B 251 34.71 23.67 -6.37
CA PHE B 251 35.74 23.22 -5.42
C PHE B 251 35.17 23.08 -4.01
N ASP B 252 33.87 22.79 -3.93
CA ASP B 252 33.19 22.69 -2.65
C ASP B 252 33.26 21.27 -2.08
N ASP B 253 33.31 21.17 -0.75
CA ASP B 253 33.36 19.89 -0.03
C ASP B 253 34.53 19.03 -0.47
N ILE B 254 35.73 19.60 -0.42
CA ILE B 254 36.95 18.85 -0.71
C ILE B 254 38.03 19.19 0.29
N SER B 255 39.06 18.35 0.33
CA SER B 255 40.24 18.60 1.16
C SER B 255 41.49 18.29 0.34
N GLY B 256 42.63 18.77 0.82
CA GLY B 256 43.90 18.50 0.17
C GLY B 256 44.36 19.62 -0.75
N GLU B 257 45.24 19.28 -1.67
CA GLU B 257 45.86 20.25 -2.57
C GLU B 257 44.86 21.01 -3.41
N GLY B 258 43.69 20.42 -3.63
CA GLY B 258 42.66 21.03 -4.46
C GLY B 258 42.09 22.32 -3.88
N THR B 259 42.34 22.55 -2.59
CA THR B 259 41.80 23.72 -1.90
C THR B 259 42.67 24.96 -2.08
N ASN B 260 43.82 24.80 -2.73
CA ASN B 260 44.75 25.91 -2.95
C ASN B 260 44.10 27.03 -3.76
N PRO B 261 43.85 28.21 -3.14
CA PRO B 261 43.16 29.29 -3.86
C PRO B 261 43.94 29.81 -5.06
N GLN B 262 45.26 29.93 -4.92
CA GLN B 262 46.11 30.40 -6.01
C GLN B 262 45.96 29.50 -7.23
N LYS B 263 46.06 28.20 -7.00
CA LYS B 263 45.97 27.22 -8.08
C LYS B 263 44.58 27.18 -8.70
N GLN B 264 43.56 27.35 -7.88
CA GLN B 264 42.19 27.40 -8.38
C GLN B 264 42.01 28.58 -9.32
N ALA B 265 42.54 29.73 -8.92
CA ALA B 265 42.43 30.95 -9.72
C ALA B 265 43.17 30.80 -11.05
N GLU B 266 44.38 30.28 -11.00
CA GLU B 266 45.18 30.07 -12.21
C GLU B 266 44.48 29.16 -13.20
N LEU B 267 43.89 28.08 -12.70
CA LEU B 267 43.16 27.14 -13.55
C LEU B 267 41.97 27.83 -14.21
N LEU B 268 41.20 28.57 -13.43
CA LEU B 268 40.05 29.29 -13.95
C LEU B 268 40.46 30.35 -14.97
N ASN B 269 41.54 31.07 -14.68
CA ASN B 269 42.06 32.06 -15.61
C ASN B 269 42.56 31.39 -16.88
N TYR B 270 43.15 30.21 -16.73
CA TYR B 270 43.63 29.45 -17.88
C TYR B 270 42.44 29.05 -18.75
N ILE B 271 41.41 28.50 -18.13
CA ILE B 271 40.18 28.13 -18.84
C ILE B 271 39.58 29.36 -19.50
N ASP B 272 39.64 30.49 -18.81
CA ASP B 272 39.07 31.72 -19.34
C ASP B 272 39.81 32.18 -20.60
N GLU B 273 41.13 32.22 -20.51
CA GLU B 273 41.95 32.79 -21.58
C GLU B 273 42.15 31.84 -22.77
N LYS B 274 42.31 30.54 -22.50
CA LYS B 274 42.66 29.58 -23.54
C LYS B 274 41.46 28.79 -24.09
N PHE B 275 40.27 29.04 -23.55
CA PHE B 275 39.07 28.29 -23.94
C PHE B 275 37.83 29.19 -24.06
N ALA B 276 37.49 29.87 -22.97
CA ALA B 276 36.30 30.71 -22.96
C ALA B 276 36.41 31.87 -23.94
N GLN B 277 37.64 32.35 -24.16
CA GLN B 277 37.87 33.50 -25.03
C GLN B 277 38.27 33.08 -26.44
N VAL B 278 38.72 31.85 -26.59
CA VAL B 278 39.09 31.33 -27.90
C VAL B 278 37.84 30.93 -28.67
N LYS B 279 36.89 30.30 -27.98
CA LYS B 279 35.61 29.97 -28.59
C LYS B 279 34.82 31.25 -28.85
N PRO B 280 33.98 31.26 -29.89
CA PRO B 280 33.26 32.49 -30.26
C PRO B 280 31.95 32.73 -29.51
N ASP B 281 31.48 31.75 -28.75
CA ASP B 281 30.11 31.78 -28.24
C ASP B 281 29.93 31.17 -26.85
N ILE B 282 30.93 31.30 -25.99
CA ILE B 282 30.81 30.85 -24.61
C ILE B 282 30.27 32.00 -23.74
N ASN B 283 29.31 31.68 -22.88
CA ASN B 283 28.62 32.69 -22.08
C ASN B 283 29.13 32.77 -20.64
N GLN B 284 28.56 31.96 -19.75
CA GLN B 284 28.92 32.01 -18.34
C GLN B 284 30.15 31.16 -18.02
N LEU B 285 31.02 31.72 -17.17
CA LEU B 285 32.11 30.97 -16.56
C LEU B 285 32.08 31.23 -15.05
N VAL B 286 31.77 30.18 -14.29
CA VAL B 286 31.48 30.29 -12.86
C VAL B 286 32.37 29.36 -12.06
N MET B 287 32.68 29.72 -10.83
CA MET B 287 33.40 28.81 -9.94
C MET B 287 32.82 28.86 -8.53
N CYS B 288 32.77 27.70 -7.89
CA CYS B 288 32.34 27.60 -6.50
C CYS B 288 33.57 27.43 -5.62
N PRO B 289 33.81 28.37 -4.68
CA PRO B 289 35.02 28.27 -3.86
C PRO B 289 34.93 27.16 -2.82
N THR B 290 36.06 26.80 -2.24
CA THR B 290 36.09 25.79 -1.18
C THR B 290 35.45 26.36 0.07
N GLU B 291 35.78 27.60 0.38
CA GLU B 291 35.10 28.34 1.44
C GLU B 291 33.95 29.13 0.83
N TYR B 292 32.77 28.54 0.83
CA TYR B 292 31.61 29.10 0.13
C TYR B 292 30.60 29.74 1.09
N ASN B 293 30.98 29.88 2.36
CA ASN B 293 30.16 30.61 3.32
C ASN B 293 31.03 31.20 4.43
N LYS B 294 30.49 32.17 5.15
CA LYS B 294 31.26 32.96 6.10
C LYS B 294 31.79 32.13 7.26
N SER B 295 30.93 31.29 7.83
CA SER B 295 31.29 30.55 9.05
C SER B 295 32.36 29.49 8.78
N TRP B 296 32.40 28.98 7.56
CA TRP B 296 33.41 27.99 7.17
C TRP B 296 34.63 28.67 6.56
N SER B 297 34.61 30.00 6.48
CA SER B 297 35.73 30.75 5.93
C SER B 297 36.83 30.87 6.96
N ASN B 298 38.08 30.98 6.49
CA ASN B 298 39.22 31.16 7.36
C ASN B 298 39.31 32.62 7.80
N PRO B 299 39.27 32.88 9.12
CA PRO B 299 39.32 34.28 9.58
C PRO B 299 40.65 34.95 9.27
N ASN B 300 41.74 34.28 9.58
CA ASN B 300 43.08 34.81 9.35
C ASN B 300 43.53 34.53 7.92
N GLY B 301 43.13 33.36 7.41
CA GLY B 301 43.49 32.95 6.07
C GLY B 301 43.05 33.95 5.02
N ASN B 302 43.71 33.91 3.87
CA ASN B 302 43.45 34.84 2.78
C ASN B 302 42.88 34.14 1.55
N TYR B 303 42.08 33.10 1.77
CA TYR B 303 41.51 32.33 0.68
C TYR B 303 40.64 33.19 -0.22
N LEU B 304 39.65 33.85 0.36
CA LEU B 304 38.68 34.61 -0.40
C LEU B 304 39.29 35.86 -1.05
N THR B 305 40.17 36.53 -0.32
CA THR B 305 40.82 37.72 -0.86
C THR B 305 41.77 37.36 -1.99
N THR B 306 42.36 36.17 -1.92
CA THR B 306 43.23 35.67 -2.98
C THR B 306 42.43 35.50 -4.26
N LEU B 307 41.29 34.82 -4.16
CA LEU B 307 40.39 34.66 -5.30
C LEU B 307 39.92 36.01 -5.82
N GLY B 308 39.64 36.92 -4.89
CA GLY B 308 39.18 38.25 -5.25
C GLY B 308 40.16 39.00 -6.12
N ASP B 309 41.45 38.88 -5.80
CA ASP B 309 42.49 39.60 -6.51
C ASP B 309 42.97 38.85 -7.75
N LYS B 310 43.15 37.54 -7.62
CA LYS B 310 43.79 36.75 -8.67
C LYS B 310 42.83 36.29 -9.77
N LEU B 311 41.57 36.03 -9.41
CA LEU B 311 40.61 35.53 -10.38
C LEU B 311 40.19 36.64 -11.34
N ASN B 312 40.22 36.34 -12.63
CA ASN B 312 39.81 37.30 -13.66
C ASN B 312 38.43 37.89 -13.35
N PRO B 313 38.21 39.17 -13.70
CA PRO B 313 37.01 39.87 -13.27
C PRO B 313 35.72 39.34 -13.89
N SER B 314 35.82 38.65 -15.02
CA SER B 314 34.64 38.15 -15.71
C SER B 314 34.10 36.86 -15.10
N ILE B 315 34.90 36.22 -14.26
CA ILE B 315 34.54 34.94 -13.67
C ILE B 315 33.69 35.12 -12.41
N GLN B 316 32.60 34.39 -12.33
CA GLN B 316 31.68 34.48 -11.20
C GLN B 316 32.18 33.62 -10.03
N ILE B 317 31.87 34.05 -8.81
CA ILE B 317 32.23 33.31 -7.61
C ILE B 317 30.98 33.05 -6.79
N MET B 318 30.72 31.78 -6.51
CA MET B 318 29.48 31.39 -5.84
C MET B 318 29.60 31.50 -4.31
N TRP B 319 28.46 31.57 -3.64
CA TRP B 319 28.41 31.87 -2.21
C TRP B 319 27.03 31.50 -1.64
N THR B 320 27.02 30.86 -0.48
CA THR B 320 25.76 30.38 0.11
C THR B 320 25.29 31.22 1.30
N GLY B 321 26.02 32.28 1.61
CA GLY B 321 25.65 33.18 2.69
C GLY B 321 26.56 33.05 3.90
N ASP B 322 26.05 33.40 5.07
CA ASP B 322 26.85 33.38 6.29
C ASP B 322 27.08 31.96 6.80
N ARG B 323 26.26 31.02 6.36
CA ARG B 323 26.40 29.61 6.71
C ARG B 323 26.08 28.73 5.52
N VAL B 324 26.28 27.42 5.67
CA VAL B 324 25.98 26.46 4.61
C VAL B 324 24.52 26.61 4.16
N ILE B 325 23.62 26.59 5.14
CA ILE B 325 22.21 26.86 4.91
C ILE B 325 21.86 28.18 5.57
N SER B 326 21.70 29.23 4.76
CA SER B 326 21.37 30.55 5.29
C SER B 326 20.62 31.38 4.28
N ASP B 327 19.96 32.42 4.78
CA ASP B 327 19.27 33.37 3.93
C ASP B 327 20.19 34.57 3.70
N ILE B 328 20.03 35.23 2.56
CA ILE B 328 20.94 36.30 2.16
C ILE B 328 20.50 37.64 2.72
N THR B 329 21.38 38.26 3.50
CA THR B 329 21.12 39.57 4.09
C THR B 329 21.99 40.64 3.43
N ARG B 330 21.76 41.90 3.76
CA ARG B 330 22.54 42.99 3.22
C ARG B 330 23.96 42.99 3.80
N ASP B 331 24.05 42.83 5.11
CA ASP B 331 25.35 42.80 5.78
C ASP B 331 26.16 41.58 5.36
N GLY B 332 25.47 40.50 5.02
CA GLY B 332 26.12 39.27 4.63
C GLY B 332 26.75 39.36 3.25
N ILE B 333 25.99 39.86 2.29
CA ILE B 333 26.48 39.96 0.92
C ILE B 333 27.54 41.06 0.81
N SER B 334 27.45 42.05 1.69
CA SER B 334 28.46 43.09 1.73
C SER B 334 29.79 42.52 2.23
N TRP B 335 29.68 41.58 3.17
CA TRP B 335 30.87 40.98 3.77
C TRP B 335 31.67 40.18 2.75
N ILE B 336 30.98 39.43 1.89
CA ILE B 336 31.66 38.62 0.89
C ILE B 336 32.14 39.49 -0.26
N ASN B 337 31.32 40.44 -0.69
CA ASN B 337 31.63 41.28 -1.84
C ASN B 337 32.92 42.09 -1.64
N GLU B 338 33.14 42.58 -0.43
CA GLU B 338 34.35 43.32 -0.11
C GLU B 338 35.60 42.50 -0.40
N ARG B 339 35.47 41.18 -0.28
CA ARG B 339 36.62 40.28 -0.31
C ARG B 339 36.86 39.68 -1.69
N ILE B 340 35.80 39.32 -2.40
CA ILE B 340 35.94 38.72 -3.74
C ILE B 340 35.93 39.79 -4.83
N LYS B 341 35.84 41.06 -4.43
CA LYS B 341 35.98 42.19 -5.34
C LYS B 341 34.96 42.18 -6.47
N ARG B 342 33.80 41.58 -6.22
CA ARG B 342 32.73 41.55 -7.21
C ARG B 342 31.43 41.13 -6.53
N PRO B 343 30.29 41.30 -7.21
CA PRO B 343 29.03 40.85 -6.62
C PRO B 343 28.90 39.33 -6.63
N ALA B 344 28.65 38.75 -5.46
CA ALA B 344 28.56 37.31 -5.32
C ALA B 344 27.47 36.70 -6.19
N TYR B 345 27.70 35.46 -6.60
CA TYR B 345 26.76 34.66 -7.39
C TYR B 345 26.08 33.67 -6.44
N ILE B 346 24.92 34.05 -5.89
CA ILE B 346 24.35 33.31 -4.78
C ILE B 346 23.93 31.88 -5.10
N TRP B 347 24.43 30.96 -4.28
CA TRP B 347 24.02 29.56 -4.29
C TRP B 347 23.19 29.31 -3.03
N TRP B 348 21.87 29.36 -3.17
CA TRP B 348 20.99 29.27 -2.01
C TRP B 348 20.56 27.83 -1.72
N ASN B 349 21.03 27.30 -0.58
CA ASN B 349 20.77 25.90 -0.23
C ASN B 349 19.37 25.69 0.36
N PHE B 350 18.36 25.98 -0.45
CA PHE B 350 16.98 25.66 -0.15
C PHE B 350 16.25 25.50 -1.49
N PRO B 351 15.35 24.51 -1.60
CA PRO B 351 14.84 23.55 -0.61
C PRO B 351 15.63 22.23 -0.51
N VAL B 352 16.91 22.22 -0.88
CA VAL B 352 17.71 20.99 -0.81
C VAL B 352 17.55 20.34 0.56
N SER B 353 17.30 19.02 0.55
CA SER B 353 16.96 18.29 1.75
C SER B 353 17.86 17.08 1.98
N ASP B 354 19.04 17.09 1.38
CA ASP B 354 19.92 15.92 1.42
C ASP B 354 20.56 15.71 2.79
N TYR B 355 20.27 16.60 3.75
CA TYR B 355 20.71 16.42 5.13
C TYR B 355 19.51 16.17 6.05
N VAL B 356 18.31 16.25 5.50
CA VAL B 356 17.08 15.91 6.21
C VAL B 356 16.18 15.14 5.26
N ARG B 357 16.66 13.98 4.82
CA ARG B 357 16.05 13.26 3.71
C ARG B 357 14.70 12.62 4.05
N ASP B 358 14.36 12.56 5.33
CA ASP B 358 13.05 12.04 5.73
C ASP B 358 12.00 13.15 5.79
N HIS B 359 12.41 14.37 5.40
CA HIS B 359 11.50 15.51 5.31
C HIS B 359 11.34 15.99 3.87
N LEU B 360 10.12 16.45 3.54
CA LEU B 360 9.89 17.24 2.35
C LEU B 360 9.81 18.70 2.74
N LEU B 361 10.46 19.57 1.97
CA LEU B 361 10.46 21.00 2.26
C LEU B 361 9.62 21.73 1.20
N LEU B 362 8.34 21.92 1.52
CA LEU B 362 7.37 22.42 0.56
C LEU B 362 6.82 23.80 0.93
N GLY B 363 7.44 24.45 1.90
CA GLY B 363 6.98 25.74 2.36
C GLY B 363 7.39 26.86 1.43
N PRO B 364 6.95 28.09 1.74
CA PRO B 364 7.29 29.27 0.94
C PRO B 364 8.76 29.66 1.02
N VAL B 365 9.20 30.43 0.03
CA VAL B 365 10.54 30.98 -0.01
C VAL B 365 10.58 32.35 0.64
N TYR B 366 11.38 32.49 1.70
CA TYR B 366 11.49 33.77 2.41
C TYR B 366 12.81 33.89 3.14
N GLY B 367 13.09 35.07 3.68
CA GLY B 367 14.26 35.31 4.49
C GLY B 367 15.35 36.08 3.76
N ASN B 368 15.26 36.13 2.44
CA ASN B 368 16.26 36.83 1.63
C ASN B 368 15.90 38.29 1.43
N ASP B 369 16.85 39.17 1.73
CA ASP B 369 16.66 40.61 1.58
C ASP B 369 16.19 40.96 0.16
N THR B 370 15.22 41.86 0.09
CA THR B 370 14.57 42.20 -1.17
C THR B 370 15.13 43.47 -1.81
N THR B 371 16.16 44.05 -1.22
CA THR B 371 16.71 45.32 -1.69
C THR B 371 18.16 45.22 -2.17
N ILE B 372 18.69 44.01 -2.28
CA ILE B 372 20.12 43.82 -2.56
C ILE B 372 20.40 43.26 -3.96
N ALA B 373 19.46 43.46 -4.89
CA ALA B 373 19.60 42.96 -6.26
C ALA B 373 20.90 43.42 -6.92
N LYS B 374 21.27 44.68 -6.69
CA LYS B 374 22.48 45.24 -7.29
C LYS B 374 23.75 44.64 -6.69
N GLU B 375 23.60 43.92 -5.59
CA GLU B 375 24.74 43.40 -4.84
C GLU B 375 25.05 41.94 -5.19
N MET B 376 24.28 41.35 -6.09
CA MET B 376 24.50 39.97 -6.51
C MET B 376 24.52 39.82 -8.02
N SER B 377 25.48 39.03 -8.51
CA SER B 377 25.60 38.75 -9.93
C SER B 377 24.54 37.76 -10.39
N GLY B 378 24.20 36.84 -9.50
CA GLY B 378 23.22 35.83 -9.80
C GLY B 378 22.59 35.25 -8.55
N PHE B 379 21.53 34.46 -8.74
CA PHE B 379 20.86 33.79 -7.65
C PHE B 379 20.29 32.47 -8.15
N VAL B 380 20.85 31.37 -7.67
CA VAL B 380 20.35 30.04 -8.02
C VAL B 380 20.00 29.25 -6.76
N THR B 381 18.98 28.41 -6.89
CA THR B 381 18.53 27.56 -5.79
C THR B 381 19.02 26.13 -5.97
N ASN B 382 19.53 25.55 -4.88
CA ASN B 382 19.85 24.13 -4.83
C ASN B 382 18.63 23.37 -4.30
N PRO B 383 17.98 22.55 -5.14
CA PRO B 383 16.70 21.94 -4.78
C PRO B 383 16.80 20.54 -4.16
N MET B 384 15.65 19.94 -3.87
CA MET B 384 15.58 18.55 -3.41
C MET B 384 15.87 17.62 -4.58
N GLU B 385 16.17 16.36 -4.28
CA GLU B 385 16.31 15.37 -5.33
C GLU B 385 14.93 15.01 -5.89
N HIS B 386 13.88 15.46 -5.20
CA HIS B 386 12.52 15.38 -5.72
C HIS B 386 12.24 16.62 -6.59
N ALA B 387 12.34 16.43 -7.90
CA ALA B 387 12.32 17.54 -8.86
C ALA B 387 11.00 18.29 -8.91
N GLU B 388 9.90 17.56 -9.10
CA GLU B 388 8.59 18.20 -9.21
C GLU B 388 8.22 18.93 -7.93
N SER B 389 8.51 18.30 -6.79
CA SER B 389 8.22 18.89 -5.48
C SER B 389 8.99 20.20 -5.29
N SER B 390 10.16 20.28 -5.90
CA SER B 390 11.02 21.46 -5.77
C SER B 390 10.48 22.65 -6.57
N LYS B 391 9.50 22.41 -7.44
CA LYS B 391 8.99 23.47 -8.31
C LYS B 391 8.31 24.58 -7.51
N ILE B 392 7.84 24.26 -6.31
CA ILE B 392 7.22 25.26 -5.45
C ILE B 392 8.24 26.33 -5.10
N ALA B 393 9.40 25.92 -4.62
CA ALA B 393 10.46 26.85 -4.25
C ALA B 393 11.10 27.51 -5.49
N ILE B 394 11.27 26.72 -6.55
CA ILE B 394 11.90 27.21 -7.77
C ILE B 394 11.09 28.35 -8.39
N TYR B 395 9.79 28.11 -8.56
CA TYR B 395 8.83 29.12 -9.00
C TYR B 395 8.95 30.40 -8.18
N SER B 396 9.09 30.24 -6.87
CA SER B 396 9.19 31.39 -5.96
C SER B 396 10.52 32.13 -6.11
N VAL B 397 11.61 31.37 -6.24
CA VAL B 397 12.93 31.98 -6.42
C VAL B 397 12.98 32.76 -7.73
N ALA B 398 12.33 32.23 -8.76
CA ALA B 398 12.26 32.90 -10.05
C ALA B 398 11.57 34.25 -9.91
N SER B 399 10.46 34.26 -9.16
CA SER B 399 9.74 35.50 -8.90
C SER B 399 10.60 36.47 -8.11
N TYR B 400 11.23 35.98 -7.07
CA TYR B 400 12.10 36.79 -6.22
C TYR B 400 13.27 37.38 -7.02
N ALA B 401 13.90 36.57 -7.85
CA ALA B 401 15.11 36.98 -8.56
C ALA B 401 14.82 38.01 -9.65
N TRP B 402 13.68 37.87 -10.32
CA TRP B 402 13.29 38.78 -11.38
C TRP B 402 12.87 40.15 -10.84
N ASN B 403 12.01 40.13 -9.81
CA ASN B 403 11.51 41.37 -9.21
C ASN B 403 11.46 41.28 -7.69
N PRO B 404 12.63 41.37 -7.03
CA PRO B 404 12.68 41.26 -5.56
C PRO B 404 11.93 42.36 -4.83
N ALA B 405 11.90 43.57 -5.39
CA ALA B 405 11.24 44.70 -4.74
C ALA B 405 9.75 44.44 -4.52
N LYS B 406 9.16 43.64 -5.38
CA LYS B 406 7.74 43.31 -5.29
C LYS B 406 7.50 41.87 -4.84
N TYR B 407 8.54 41.21 -4.34
CA TYR B 407 8.41 39.79 -4.01
C TYR B 407 7.40 39.58 -2.88
N ASP B 408 6.41 38.75 -3.17
CA ASP B 408 5.33 38.43 -2.24
C ASP B 408 5.40 36.95 -1.87
N THR B 409 5.98 36.66 -0.70
CA THR B 409 6.22 35.30 -0.25
C THR B 409 5.01 34.37 -0.38
N TRP B 410 3.93 34.72 0.31
CA TRP B 410 2.78 33.84 0.41
C TRP B 410 1.96 33.80 -0.88
N GLN B 411 1.79 34.94 -1.54
CA GLN B 411 1.06 34.97 -2.79
C GLN B 411 1.76 34.11 -3.85
N THR B 412 3.08 34.21 -3.89
CA THR B 412 3.87 33.47 -4.88
C THR B 412 3.86 31.97 -4.56
N TRP B 413 3.90 31.63 -3.27
CA TRP B 413 3.79 30.25 -2.83
C TRP B 413 2.47 29.65 -3.33
N LYS B 414 1.39 30.38 -3.13
CA LYS B 414 0.07 29.93 -3.59
C LYS B 414 -0.01 29.87 -5.11
N ASP B 415 0.55 30.86 -5.80
CA ASP B 415 0.57 30.86 -7.25
C ASP B 415 1.33 29.66 -7.80
N ALA B 416 2.45 29.34 -7.17
CA ALA B 416 3.24 28.17 -7.55
C ALA B 416 2.42 26.89 -7.52
N ILE B 417 1.74 26.67 -6.39
CA ILE B 417 0.95 25.47 -6.18
C ILE B 417 -0.19 25.36 -7.21
N ARG B 418 -0.85 26.48 -7.47
CA ARG B 418 -1.93 26.51 -8.45
C ARG B 418 -1.43 26.25 -9.87
N THR B 419 -0.17 26.57 -10.12
CA THR B 419 0.43 26.34 -11.42
C THR B 419 0.84 24.88 -11.58
N ILE B 420 1.43 24.34 -10.52
CA ILE B 420 1.96 22.98 -10.52
C ILE B 420 0.85 21.93 -10.53
N LEU B 421 -0.23 22.19 -9.78
CA LEU B 421 -1.33 21.23 -9.69
C LEU B 421 -2.68 21.95 -9.58
N PRO B 422 -3.15 22.53 -10.70
CA PRO B 422 -4.40 23.29 -10.68
C PRO B 422 -5.63 22.44 -10.37
N SER B 423 -5.60 21.16 -10.72
CA SER B 423 -6.75 20.29 -10.52
C SER B 423 -6.98 19.97 -9.04
N ALA B 424 -5.97 20.24 -8.21
CA ALA B 424 -6.05 19.95 -6.78
C ALA B 424 -5.17 20.90 -5.98
N ALA B 425 -5.24 22.19 -6.30
CA ALA B 425 -4.37 23.19 -5.68
C ALA B 425 -4.61 23.33 -4.18
N GLU B 426 -5.87 23.37 -3.76
CA GLU B 426 -6.20 23.50 -2.35
C GLU B 426 -5.64 22.32 -1.56
N GLU B 427 -5.68 21.14 -2.15
CA GLU B 427 -5.21 19.92 -1.51
C GLU B 427 -3.69 19.95 -1.34
N LEU B 428 -2.99 20.44 -2.36
CA LEU B 428 -1.53 20.52 -2.30
C LEU B 428 -1.10 21.62 -1.34
N GLU B 429 -1.90 22.69 -1.24
CA GLU B 429 -1.67 23.73 -0.24
C GLU B 429 -1.72 23.15 1.16
N CYS B 430 -2.76 22.38 1.43
CA CYS B 430 -2.93 21.74 2.74
C CYS B 430 -1.73 20.85 3.08
N PHE B 431 -1.34 20.00 2.14
CA PHE B 431 -0.19 19.12 2.32
C PHE B 431 1.11 19.89 2.55
N ALA B 432 1.35 20.90 1.73
CA ALA B 432 2.60 21.66 1.78
C ALA B 432 2.69 22.52 3.04
N MET B 433 1.56 23.07 3.47
CA MET B 433 1.53 23.93 4.65
CA MET B 433 1.47 23.90 4.66
C MET B 433 2.01 23.18 5.89
N HIS B 434 1.84 21.86 5.91
CA HIS B 434 2.25 21.04 7.05
C HIS B 434 3.46 20.17 6.72
N ASN B 435 4.15 20.50 5.63
CA ASN B 435 5.40 19.84 5.27
C ASN B 435 6.42 20.86 4.80
N SER B 436 6.87 21.73 5.72
CA SER B 436 7.75 22.83 5.37
C SER B 436 8.95 22.94 6.31
N ASP B 437 8.79 22.48 7.55
CA ASP B 437 9.88 22.54 8.52
C ASP B 437 10.85 21.37 8.30
N LEU B 438 12.09 21.56 8.70
CA LEU B 438 13.13 20.57 8.46
C LEU B 438 13.30 19.61 9.64
N GLY B 439 12.76 20.00 10.79
CA GLY B 439 13.03 19.28 12.02
C GLY B 439 14.44 19.62 12.48
N PRO B 440 14.84 19.09 13.65
CA PRO B 440 16.21 19.31 14.14
C PRO B 440 17.26 18.81 13.16
N ASN B 441 18.32 19.58 12.97
CA ASN B 441 19.40 19.20 12.07
C ASN B 441 20.71 19.87 12.46
N GLY B 442 21.82 19.37 11.91
CA GLY B 442 23.13 19.87 12.25
C GLY B 442 23.39 21.30 11.83
N HIS B 443 22.60 21.79 10.87
CA HIS B 443 22.76 23.16 10.40
C HIS B 443 21.93 24.14 11.21
N GLY B 444 21.01 23.62 12.03
CA GLY B 444 20.15 24.46 12.85
C GLY B 444 19.21 25.33 12.04
N TYR B 445 18.98 24.93 10.80
CA TYR B 445 18.12 25.68 9.89
C TYR B 445 16.68 25.16 9.97
N ARG B 446 15.74 26.09 10.19
CA ARG B 446 14.33 25.72 10.35
C ARG B 446 13.44 26.63 9.51
N ARG B 447 12.25 26.13 9.20
CA ARG B 447 11.22 26.91 8.50
C ARG B 447 9.90 26.81 9.27
N GLU B 448 9.06 27.83 9.12
CA GLU B 448 7.75 27.82 9.76
C GLU B 448 6.91 26.68 9.20
N GLU B 449 5.91 26.26 9.97
CA GLU B 449 5.03 25.18 9.57
C GLU B 449 3.74 25.22 10.38
N SER B 450 2.60 25.01 9.70
CA SER B 450 1.30 24.95 10.36
C SER B 450 1.00 26.17 11.23
N MET B 451 1.45 27.35 10.80
CA MET B 451 1.23 28.57 11.58
C MET B 451 -0.24 28.93 11.68
N ASP B 452 -1.01 28.55 10.67
CA ASP B 452 -2.44 28.82 10.65
C ASP B 452 -3.17 28.28 11.88
N ILE B 453 -2.91 27.01 12.21
CA ILE B 453 -3.60 26.32 13.29
C ILE B 453 -2.84 26.37 14.61
N GLN B 454 -1.61 26.85 14.58
CA GLN B 454 -0.75 26.88 15.76
C GLN B 454 -1.38 27.59 16.97
N PRO B 455 -2.04 28.74 16.75
CA PRO B 455 -2.62 29.40 17.93
C PRO B 455 -3.75 28.58 18.57
N ALA B 456 -4.57 27.94 17.75
CA ALA B 456 -5.64 27.10 18.25
C ALA B 456 -5.08 25.87 18.97
N ALA B 457 -3.99 25.33 18.43
CA ALA B 457 -3.37 24.13 18.98
C ALA B 457 -2.75 24.40 20.35
N GLU B 458 -2.01 25.51 20.46
CA GLU B 458 -1.28 25.81 21.69
C GLU B 458 -2.23 26.13 22.84
N ARG B 459 -3.33 26.81 22.56
CA ARG B 459 -4.33 27.10 23.57
C ARG B 459 -5.02 25.82 24.02
N PHE B 460 -5.25 24.92 23.07
CA PHE B 460 -5.86 23.64 23.36
C PHE B 460 -4.98 22.83 24.31
N LEU B 461 -3.66 22.84 24.05
CA LEU B 461 -2.72 22.15 24.91
C LEU B 461 -2.72 22.72 26.32
N LYS B 462 -2.66 24.04 26.42
CA LYS B 462 -2.62 24.71 27.72
C LYS B 462 -3.86 24.37 28.53
N ALA B 463 -5.02 24.48 27.90
CA ALA B 463 -6.28 24.16 28.58
C ALA B 463 -6.25 22.75 29.15
N PHE B 464 -5.60 21.83 28.43
CA PHE B 464 -5.52 20.44 28.86
C PHE B 464 -4.55 20.24 30.02
N LYS B 465 -3.31 20.68 29.84
CA LYS B 465 -2.31 20.55 30.89
C LYS B 465 -2.68 21.37 32.12
N GLU B 466 -3.45 22.42 31.93
CA GLU B 466 -3.86 23.30 33.01
C GLU B 466 -5.15 22.81 33.68
N GLY B 467 -5.88 21.94 32.98
CA GLY B 467 -7.10 21.36 33.52
C GLY B 467 -8.35 22.15 33.19
N LYS B 468 -8.17 23.32 32.59
CA LYS B 468 -9.31 24.18 32.25
C LYS B 468 -10.04 23.65 31.01
N ASN B 469 -11.26 24.14 30.80
CA ASN B 469 -12.04 23.73 29.63
C ASN B 469 -11.55 24.40 28.35
N TYR B 470 -11.37 23.61 27.30
CA TYR B 470 -10.92 24.13 26.02
C TYR B 470 -12.07 24.81 25.28
N ASP B 471 -11.72 25.70 24.35
CA ASP B 471 -12.73 26.41 23.55
C ASP B 471 -13.29 25.51 22.46
N LYS B 472 -14.59 25.60 22.25
CA LYS B 472 -15.28 24.78 21.25
C LYS B 472 -14.76 25.08 19.84
N ALA B 473 -14.38 26.34 19.61
CA ALA B 473 -13.90 26.77 18.31
C ALA B 473 -12.53 26.17 17.99
N ASP B 474 -11.68 26.03 19.00
CA ASP B 474 -10.35 25.47 18.81
C ASP B 474 -10.44 23.97 18.56
N PHE B 475 -11.33 23.30 19.27
CA PHE B 475 -11.55 21.87 19.07
C PHE B 475 -12.04 21.62 17.65
N GLU B 476 -12.96 22.47 17.19
CA GLU B 476 -13.52 22.35 15.85
C GLU B 476 -12.49 22.72 14.78
N THR B 477 -11.56 23.61 15.12
CA THR B 477 -10.48 23.97 14.20
C THR B 477 -9.57 22.77 13.95
N LEU B 478 -9.19 22.09 15.01
CA LEU B 478 -8.34 20.91 14.91
C LEU B 478 -9.09 19.80 14.20
N GLN B 479 -10.37 19.67 14.53
CA GLN B 479 -11.27 18.71 13.88
C GLN B 479 -11.32 18.97 12.37
N TYR B 480 -11.60 20.21 12.00
CA TYR B 480 -11.65 20.62 10.60
C TYR B 480 -10.34 20.33 9.87
N THR B 481 -9.22 20.59 10.55
CA THR B 481 -7.91 20.42 9.94
C THR B 481 -7.63 18.96 9.59
N PHE B 482 -7.85 18.07 10.56
CA PHE B 482 -7.60 16.66 10.33
C PHE B 482 -8.48 16.12 9.21
N GLU B 483 -9.72 16.59 9.15
CA GLU B 483 -10.64 16.18 8.09
C GLU B 483 -10.10 16.64 6.73
N ARG B 484 -9.67 17.89 6.67
CA ARG B 484 -9.12 18.46 5.45
C ARG B 484 -7.87 17.70 5.01
N MET B 485 -7.01 17.37 5.97
CA MET B 485 -5.79 16.60 5.69
C MET B 485 -6.13 15.26 5.04
N LYS B 486 -7.13 14.56 5.58
CA LYS B 486 -7.54 13.26 5.03
C LYS B 486 -8.06 13.41 3.61
N GLU B 487 -8.87 14.44 3.38
CA GLU B 487 -9.39 14.72 2.04
C GLU B 487 -8.24 14.94 1.07
N SER B 488 -7.30 15.79 1.48
CA SER B 488 -6.18 16.17 0.62
C SER B 488 -5.30 14.97 0.29
N ALA B 489 -5.05 14.12 1.28
CA ALA B 489 -4.21 12.94 1.09
C ALA B 489 -4.79 12.00 0.04
N ASP B 490 -6.08 11.71 0.16
CA ASP B 490 -6.73 10.76 -0.74
C ASP B 490 -6.87 11.30 -2.16
N ILE B 491 -7.10 12.60 -2.27
CA ILE B 491 -7.22 13.24 -3.58
C ILE B 491 -5.87 13.31 -4.27
N LEU B 492 -4.83 13.63 -3.50
CA LEU B 492 -3.48 13.73 -4.03
C LEU B 492 -2.95 12.37 -4.47
N LEU B 493 -3.25 11.33 -3.71
CA LEU B 493 -2.80 9.98 -4.03
C LEU B 493 -3.27 9.55 -5.42
N MET B 494 -4.47 9.97 -5.79
CA MET B 494 -5.10 9.51 -7.02
C MET B 494 -5.03 10.53 -8.15
N ASN B 495 -4.36 11.65 -7.92
CA ASN B 495 -4.28 12.71 -8.92
C ASN B 495 -3.40 12.29 -10.09
N THR B 496 -3.89 12.52 -11.31
CA THR B 496 -3.20 12.09 -12.52
C THR B 496 -2.73 13.26 -13.39
N GLU B 497 -2.82 14.48 -12.87
CA GLU B 497 -2.40 15.66 -13.63
C GLU B 497 -0.88 15.75 -13.67
N ASN B 498 -0.25 15.45 -12.54
CA ASN B 498 1.21 15.42 -12.44
C ASN B 498 1.65 14.14 -11.72
N LYS B 499 1.70 13.04 -12.48
CA LYS B 499 2.03 11.74 -11.91
C LYS B 499 3.42 11.71 -11.28
N PRO B 500 4.43 12.30 -11.95
CA PRO B 500 5.76 12.30 -11.34
C PRO B 500 5.78 12.96 -9.95
N LEU B 501 5.03 14.04 -9.77
CA LEU B 501 4.93 14.70 -8.47
C LEU B 501 4.38 13.75 -7.42
N ILE B 502 3.33 13.01 -7.79
CA ILE B 502 2.65 12.13 -6.84
C ILE B 502 3.57 10.96 -6.44
N VAL B 503 4.34 10.47 -7.40
CA VAL B 503 5.31 9.41 -7.11
C VAL B 503 6.31 9.89 -6.05
N GLU B 504 6.78 11.13 -6.20
CA GLU B 504 7.75 11.69 -5.27
C GLU B 504 7.23 11.75 -3.83
N ILE B 505 6.02 12.25 -3.65
CA ILE B 505 5.50 12.55 -2.31
C ILE B 505 4.65 11.44 -1.68
N THR B 506 4.32 10.41 -2.46
CA THR B 506 3.35 9.39 -2.04
C THR B 506 3.63 8.79 -0.66
N PRO B 507 4.90 8.44 -0.37
CA PRO B 507 5.22 7.92 0.97
C PRO B 507 4.83 8.89 2.09
N TRP B 508 5.10 10.17 1.90
CA TRP B 508 4.77 11.19 2.90
C TRP B 508 3.27 11.41 2.96
N VAL B 509 2.58 11.22 1.84
CA VAL B 509 1.13 11.40 1.80
C VAL B 509 0.44 10.30 2.61
N HIS B 510 0.99 9.08 2.54
CA HIS B 510 0.48 7.99 3.36
C HIS B 510 0.61 8.32 4.84
N GLN B 511 1.79 8.79 5.22
CA GLN B 511 2.09 9.13 6.61
C GLN B 511 1.24 10.32 7.05
N PHE B 512 0.94 11.19 6.09
CA PHE B 512 0.15 12.38 6.30
C PHE B 512 -1.30 12.03 6.65
N LYS B 513 -1.85 11.06 5.92
CA LYS B 513 -3.23 10.63 6.18
C LYS B 513 -3.33 9.94 7.52
N LEU B 514 -2.34 9.10 7.85
CA LEU B 514 -2.32 8.41 9.13
C LEU B 514 -2.27 9.40 10.28
N THR B 515 -1.47 10.46 10.11
CA THR B 515 -1.39 11.52 11.10
C THR B 515 -2.78 12.13 11.31
N ALA B 516 -3.49 12.38 10.21
CA ALA B 516 -4.82 12.96 10.27
C ALA B 516 -5.81 12.02 10.94
N GLU B 517 -5.77 10.76 10.55
CA GLU B 517 -6.66 9.75 11.14
C GLU B 517 -6.40 9.59 12.63
N MET B 518 -5.12 9.61 13.01
CA MET B 518 -4.74 9.52 14.41
C MET B 518 -5.27 10.74 15.16
N GLY B 519 -5.22 11.90 14.52
CA GLY B 519 -5.72 13.13 15.11
C GLY B 519 -7.20 13.08 15.41
N GLU B 520 -7.98 12.61 14.44
CA GLU B 520 -9.43 12.51 14.59
C GLU B 520 -9.83 11.59 15.73
N GLU B 521 -9.15 10.45 15.85
CA GLU B 521 -9.48 9.47 16.88
C GLU B 521 -9.11 9.97 18.27
N VAL B 522 -7.99 10.67 18.38
CA VAL B 522 -7.56 11.23 19.65
C VAL B 522 -8.54 12.30 20.13
N LEU B 523 -9.09 13.06 19.19
CA LEU B 523 -10.09 14.07 19.52
C LEU B 523 -11.38 13.41 20.00
N LYS B 524 -11.64 12.19 19.53
CA LYS B 524 -12.79 11.44 20.00
C LYS B 524 -12.55 10.91 21.40
N MET B 525 -11.29 10.57 21.71
CA MET B 525 -10.92 10.17 23.06
C MET B 525 -11.12 11.32 24.03
N VAL B 526 -10.87 12.53 23.55
CA VAL B 526 -11.03 13.74 24.37
C VAL B 526 -12.49 13.93 24.77
N GLU B 527 -13.39 13.81 23.80
CA GLU B 527 -14.82 13.96 24.05
C GLU B 527 -15.30 12.88 25.02
N GLY B 528 -14.79 11.66 24.84
CA GLY B 528 -15.04 10.56 25.75
C GLY B 528 -16.51 10.34 26.08
N ARG B 529 -16.89 10.74 27.29
CA ARG B 529 -18.27 10.58 27.77
C ARG B 529 -18.68 9.11 27.80
N ASN B 530 -17.69 8.22 27.80
CA ASN B 530 -17.93 6.79 27.73
C ASN B 530 -16.64 6.03 27.98
N GLU B 531 -16.74 4.82 28.52
CA GLU B 531 -15.57 4.01 28.86
C GLU B 531 -15.22 3.03 27.75
N SER B 532 -16.20 2.25 27.31
CA SER B 532 -15.98 1.27 26.26
C SER B 532 -15.61 1.93 24.95
N TYR B 533 -16.25 3.07 24.68
CA TYR B 533 -15.97 3.84 23.46
C TYR B 533 -14.55 4.38 23.48
N PHE B 534 -14.11 4.86 24.64
CA PHE B 534 -12.76 5.35 24.80
C PHE B 534 -11.74 4.27 24.46
N LEU B 535 -12.03 3.05 24.89
CA LEU B 535 -11.14 1.92 24.69
C LEU B 535 -11.07 1.52 23.22
N ARG B 536 -12.19 1.62 22.52
CA ARG B 536 -12.21 1.38 21.09
C ARG B 536 -11.33 2.40 20.37
N LYS B 537 -11.47 3.67 20.73
CA LYS B 537 -10.67 4.73 20.14
C LYS B 537 -9.19 4.53 20.46
N TYR B 538 -8.91 4.21 21.71
CA TYR B 538 -7.54 3.96 22.16
C TYR B 538 -6.86 2.87 21.34
N ASN B 539 -7.53 1.74 21.18
CA ASN B 539 -6.97 0.62 20.43
C ASN B 539 -6.74 0.97 18.96
N HIS B 540 -7.61 1.84 18.42
CA HIS B 540 -7.49 2.27 17.04
C HIS B 540 -6.25 3.13 16.86
N VAL B 541 -6.01 4.02 17.84
CA VAL B 541 -4.84 4.88 17.80
C VAL B 541 -3.56 4.04 17.87
N LYS B 542 -3.56 3.02 18.73
CA LYS B 542 -2.40 2.14 18.85
C LYS B 542 -2.10 1.47 17.52
N ALA B 543 -3.15 1.06 16.81
CA ALA B 543 -3.00 0.43 15.50
C ALA B 543 -2.45 1.42 14.47
N LEU B 544 -2.83 2.69 14.59
CA LEU B 544 -2.38 3.71 13.66
C LEU B 544 -0.91 4.04 13.91
N GLN B 545 -0.51 4.03 15.18
CA GLN B 545 0.89 4.23 15.54
C GLN B 545 1.75 3.16 14.89
N GLN B 546 1.27 1.92 14.93
CA GLN B 546 1.98 0.80 14.32
C GLN B 546 2.12 1.00 12.82
N GLN B 547 1.07 1.46 12.17
CA GLN B 547 1.08 1.66 10.73
C GLN B 547 2.08 2.74 10.34
N MET B 548 2.15 3.79 11.15
CA MET B 548 3.10 4.88 10.90
C MET B 548 4.53 4.40 11.16
N PHE B 549 4.69 3.53 12.15
CA PHE B 549 6.01 2.97 12.46
C PHE B 549 6.57 2.19 11.28
N TYR B 550 5.74 1.37 10.66
CA TYR B 550 6.20 0.50 9.58
C TYR B 550 6.40 1.27 8.27
N ILE B 551 5.66 2.35 8.07
CA ILE B 551 5.92 3.21 6.92
C ILE B 551 7.27 3.87 7.12
N ASP B 552 7.54 4.32 8.35
CA ASP B 552 8.80 4.98 8.66
C ASP B 552 9.97 4.02 8.53
N GLN B 553 9.72 2.73 8.75
CA GLN B 553 10.78 1.72 8.76
C GLN B 553 10.99 1.05 7.41
N THR B 554 10.05 1.21 6.49
CA THR B 554 10.11 0.52 5.19
C THR B 554 10.21 1.47 3.99
N SER B 555 9.72 2.70 4.14
CA SER B 555 9.79 3.67 3.05
C SER B 555 11.03 4.55 3.17
N ASN B 556 11.58 4.95 2.02
CA ASN B 556 12.68 5.90 1.96
C ASN B 556 13.84 5.49 2.88
N GLN B 557 14.25 4.23 2.77
CA GLN B 557 15.31 3.71 3.64
C GLN B 557 16.69 4.01 3.09
N ASN B 558 17.05 5.29 3.10
CA ASN B 558 18.38 5.72 2.68
C ASN B 558 19.35 5.64 3.86
N PRO B 559 20.66 5.69 3.57
CA PRO B 559 21.66 5.48 4.63
C PRO B 559 21.83 6.64 5.61
N TYR B 560 21.17 7.77 5.37
CA TYR B 560 21.49 9.00 6.11
C TYR B 560 20.36 9.46 7.03
N GLN B 561 19.18 9.70 6.47
CA GLN B 561 17.99 9.97 7.27
C GLN B 561 16.83 9.16 6.73
N PRO B 562 16.78 7.86 7.11
CA PRO B 562 15.74 6.97 6.59
C PRO B 562 14.36 7.29 7.14
N GLY B 563 13.33 6.94 6.39
CA GLY B 563 11.97 7.04 6.87
C GLY B 563 11.19 8.23 6.34
N VAL B 564 10.04 8.46 6.94
CA VAL B 564 9.08 9.42 6.46
C VAL B 564 8.49 10.23 7.61
N LYS B 565 8.89 11.50 7.67
CA LYS B 565 8.41 12.42 8.71
C LYS B 565 7.52 13.47 8.07
N THR B 566 6.42 13.80 8.74
CA THR B 566 5.46 14.76 8.20
C THR B 566 4.69 15.45 9.32
N ALA B 567 4.40 16.73 9.13
CA ALA B 567 3.64 17.51 10.10
C ALA B 567 4.29 17.45 11.47
N THR B 568 5.60 17.69 11.51
CA THR B 568 6.40 17.43 12.70
C THR B 568 6.50 18.60 13.67
N ARG B 569 6.34 19.83 13.18
CA ARG B 569 6.58 21.00 14.01
C ARG B 569 5.46 21.26 15.02
N VAL B 570 4.22 21.07 14.59
CA VAL B 570 3.07 21.42 15.42
C VAL B 570 2.10 20.25 15.61
N ILE B 571 1.64 19.66 14.50
CA ILE B 571 0.54 18.71 14.52
C ILE B 571 0.90 17.40 15.24
N LYS B 572 2.05 16.81 14.91
CA LYS B 572 2.42 15.54 15.52
C LYS B 572 2.68 15.70 17.02
N PRO B 573 3.37 16.78 17.43
CA PRO B 573 3.46 17.06 18.87
C PRO B 573 2.11 17.24 19.55
N LEU B 574 1.19 17.95 18.91
CA LEU B 574 -0.14 18.18 19.46
C LEU B 574 -0.85 16.86 19.73
N ILE B 575 -0.84 15.98 18.74
CA ILE B 575 -1.54 14.70 18.82
C ILE B 575 -0.90 13.79 19.88
N ASP B 576 0.43 13.74 19.88
CA ASP B 576 1.16 12.91 20.83
C ASP B 576 0.92 13.34 22.29
N ARG B 577 0.96 14.65 22.53
CA ARG B 577 0.76 15.17 23.89
C ARG B 577 -0.68 14.99 24.35
N THR B 578 -1.62 15.22 23.44
CA THR B 578 -3.04 15.08 23.75
C THR B 578 -3.38 13.63 24.09
N PHE B 579 -2.77 12.70 23.35
CA PHE B 579 -2.98 11.28 23.58
C PHE B 579 -2.43 10.88 24.95
N ALA B 580 -1.17 11.21 25.20
CA ALA B 580 -0.53 10.89 26.47
C ALA B 580 -1.31 11.45 27.65
N THR B 581 -1.87 12.64 27.48
CA THR B 581 -2.59 13.31 28.56
C THR B 581 -3.91 12.61 28.88
N VAL B 582 -4.73 12.39 27.87
CA VAL B 582 -6.06 11.82 28.07
C VAL B 582 -5.98 10.38 28.58
N VAL B 583 -4.91 9.68 28.18
CA VAL B 583 -4.69 8.31 28.63
C VAL B 583 -4.39 8.31 30.12
N LYS B 584 -3.64 9.31 30.58
CA LYS B 584 -3.28 9.39 31.99
C LYS B 584 -4.47 9.84 32.83
N PHE B 585 -5.32 10.70 32.27
CA PHE B 585 -6.56 11.05 32.93
C PHE B 585 -7.46 9.81 33.04
N PHE B 586 -7.43 8.97 32.01
CA PHE B 586 -8.22 7.75 31.99
C PHE B 586 -7.71 6.76 33.05
N ASN B 587 -6.40 6.56 33.10
CA ASN B 587 -5.80 5.65 34.07
C ASN B 587 -6.12 6.05 35.51
N GLN B 588 -6.35 7.34 35.72
CA GLN B 588 -6.73 7.84 37.02
C GLN B 588 -8.21 7.58 37.30
N LYS B 589 -9.05 7.87 36.32
CA LYS B 589 -10.49 7.82 36.49
C LYS B 589 -11.03 6.39 36.59
N PHE B 590 -10.21 5.42 36.18
CA PHE B 590 -10.63 4.02 36.18
C PHE B 590 -9.58 3.08 36.77
N ASN B 591 -8.50 3.66 37.29
CA ASN B 591 -7.42 2.89 37.91
C ASN B 591 -6.87 1.84 36.94
N ALA B 592 -6.79 2.21 35.66
CA ALA B 592 -6.27 1.33 34.63
C ALA B 592 -4.79 1.61 34.38
N HIS B 593 -4.19 0.85 33.47
CA HIS B 593 -2.78 1.02 33.14
C HIS B 593 -2.56 0.92 31.63
N LEU B 594 -3.27 1.76 30.88
CA LEU B 594 -3.10 1.83 29.44
C LEU B 594 -1.74 2.40 29.10
N ASP B 595 -1.19 1.99 27.97
CA ASP B 595 0.11 2.48 27.52
C ASP B 595 -0.02 3.89 26.96
N ALA B 596 0.66 4.84 27.59
CA ALA B 596 0.62 6.23 27.15
C ALA B 596 1.73 6.55 26.15
N THR B 597 2.51 5.53 25.78
CA THR B 597 3.56 5.70 24.79
C THR B 597 2.97 6.13 23.46
N THR B 598 3.69 7.01 22.76
CA THR B 598 3.21 7.56 21.50
C THR B 598 3.91 6.89 20.31
N ASP B 599 5.19 6.57 20.48
CA ASP B 599 5.96 5.89 19.44
C ASP B 599 5.92 4.37 19.64
N TYR B 600 5.36 3.67 18.67
CA TYR B 600 5.22 2.21 18.76
C TYR B 600 6.57 1.50 18.73
N MET B 601 6.67 0.44 19.52
CA MET B 601 7.87 -0.37 19.60
C MET B 601 7.50 -1.86 19.61
N PRO B 602 7.84 -2.60 18.55
CA PRO B 602 7.43 -4.01 18.49
C PRO B 602 8.14 -4.89 19.50
N HIS B 603 9.34 -4.49 19.90
CA HIS B 603 10.13 -5.26 20.87
C HIS B 603 9.78 -4.85 22.30
N LYS B 604 10.10 -5.71 23.25
CA LYS B 604 9.83 -5.44 24.66
C LYS B 604 11.14 -5.30 25.43
N MET B 605 11.05 -4.82 26.66
CA MET B 605 12.22 -4.73 27.53
C MET B 605 11.81 -4.65 28.99
N ILE B 606 12.56 -5.36 29.84
CA ILE B 606 12.30 -5.40 31.27
C ILE B 606 13.52 -4.91 32.04
N LYS B 613 16.58 2.79 33.59
CA LYS B 613 16.37 1.46 33.05
C LYS B 613 14.99 1.36 32.39
N ASN B 614 13.95 1.68 33.15
CA ASN B 614 12.59 1.64 32.63
C ASN B 614 12.33 2.82 31.68
N LEU B 615 12.81 2.70 30.45
CA LEU B 615 12.69 3.77 29.47
C LEU B 615 12.63 3.20 28.05
N PRO B 616 12.16 4.00 27.08
CA PRO B 616 11.85 3.51 25.72
C PRO B 616 13.02 2.90 24.95
N LEU B 617 12.73 1.88 24.15
CA LEU B 617 13.67 1.35 23.17
C LEU B 617 13.59 2.18 21.89
N GLN B 618 14.45 1.85 20.92
CA GLN B 618 14.43 2.52 19.63
C GLN B 618 14.88 1.56 18.53
N VAL B 619 14.18 1.59 17.40
CA VAL B 619 14.56 0.81 16.22
C VAL B 619 14.81 1.73 15.04
N LYS B 620 15.98 1.58 14.42
CA LYS B 620 16.28 2.28 13.18
C LYS B 620 17.21 1.43 12.33
N ALA B 621 16.78 1.18 11.09
CA ALA B 621 17.49 0.30 10.17
C ALA B 621 17.63 -1.10 10.79
N ASN B 622 18.86 -1.57 10.94
CA ASN B 622 19.12 -2.92 11.44
C ASN B 622 19.62 -2.89 12.88
N ARG B 623 19.14 -1.93 13.65
CA ARG B 623 19.62 -1.71 15.01
C ARG B 623 18.49 -1.51 16.03
N VAL B 624 18.66 -2.11 17.20
CA VAL B 624 17.73 -1.97 18.32
C VAL B 624 18.53 -1.58 19.55
N LEU B 625 18.17 -0.46 20.18
CA LEU B 625 19.01 0.12 21.22
C LEU B 625 18.25 0.81 22.35
N ILE B 626 19.02 1.32 23.31
CA ILE B 626 18.51 2.09 24.44
C ILE B 626 19.20 3.46 24.41
N SER B 627 18.57 4.48 24.99
CA SER B 627 19.04 5.85 24.79
C SER B 627 20.20 6.26 25.70
N PRO B 628 19.99 6.26 27.04
CA PRO B 628 21.08 6.73 27.89
C PRO B 628 22.26 5.76 27.92
N VAL B 641 18.76 -6.40 33.24
CA VAL B 641 17.99 -5.89 32.11
C VAL B 641 17.85 -6.96 31.01
N GLU B 642 16.76 -6.90 30.26
CA GLU B 642 16.49 -7.86 29.21
C GLU B 642 15.73 -7.22 28.05
N ILE B 643 15.93 -7.75 26.85
CA ILE B 643 15.20 -7.32 25.66
C ILE B 643 14.64 -8.55 24.95
N GLU B 644 13.41 -8.41 24.44
CA GLU B 644 12.75 -9.48 23.71
C GLU B 644 12.30 -9.00 22.33
N LEU B 645 13.06 -9.39 21.31
CA LEU B 645 12.70 -9.05 19.94
C LEU B 645 11.42 -9.77 19.54
N ASP B 646 10.66 -9.18 18.62
CA ASP B 646 9.38 -9.72 18.20
C ASP B 646 9.53 -11.02 17.40
N ALA B 647 10.78 -11.38 17.09
CA ALA B 647 11.04 -12.60 16.34
C ALA B 647 12.52 -12.98 16.45
N ILE B 648 12.90 -14.07 15.78
CA ILE B 648 14.28 -14.52 15.76
C ILE B 648 15.04 -13.84 14.63
N TYR B 649 16.08 -13.10 14.99
CA TYR B 649 16.91 -12.38 14.02
C TYR B 649 18.37 -12.80 14.15
N PRO B 650 19.09 -12.90 13.01
CA PRO B 650 20.54 -13.12 13.13
C PRO B 650 21.26 -11.88 13.68
N GLY B 651 21.86 -12.03 14.86
CA GLY B 651 22.55 -10.91 15.50
C GLY B 651 23.97 -10.76 14.99
N GLU B 652 24.43 -9.51 14.87
CA GLU B 652 25.73 -9.22 14.28
C GLU B 652 26.73 -8.67 15.28
N ASN B 653 26.32 -7.73 16.13
CA ASN B 653 27.21 -7.19 17.15
C ASN B 653 26.48 -6.44 18.26
N ILE B 654 27.18 -6.26 19.38
CA ILE B 654 26.68 -5.50 20.51
C ILE B 654 27.81 -4.63 21.07
N GLN B 655 27.47 -3.43 21.53
CA GLN B 655 28.45 -2.52 22.11
C GLN B 655 27.79 -1.70 23.23
N ILE B 656 28.45 -1.67 24.38
CA ILE B 656 27.87 -1.12 25.60
C ILE B 656 28.84 -0.16 26.28
N ASN B 657 28.30 0.78 27.06
CA ASN B 657 29.13 1.72 27.81
C ASN B 657 29.69 1.09 29.08
N ARG B 668 26.82 -11.09 31.81
CA ARG B 668 26.85 -11.99 30.65
C ARG B 668 25.71 -11.64 29.68
N LEU B 669 25.74 -12.29 28.52
CA LEU B 669 24.76 -12.05 27.45
C LEU B 669 24.01 -13.34 27.12
N GLU B 670 22.67 -13.24 27.01
CA GLU B 670 21.81 -14.42 26.83
C GLU B 670 21.53 -14.68 25.34
N ILE B 671 20.77 -15.75 25.08
CA ILE B 671 20.44 -16.21 23.74
C ILE B 671 18.98 -16.70 23.72
N SER B 672 18.39 -16.78 22.53
CA SER B 672 17.00 -17.23 22.36
C SER B 672 16.67 -18.46 23.20
N ASP B 682 32.11 -14.06 25.78
CA ASP B 682 31.22 -13.18 25.01
C ASP B 682 31.39 -11.74 25.45
N LEU B 683 32.51 -11.12 25.08
CA LEU B 683 32.79 -9.74 25.45
C LEU B 683 34.02 -9.23 24.69
N LYS B 684 34.20 -7.92 24.65
CA LYS B 684 35.34 -7.32 23.94
C LYS B 684 35.91 -6.14 24.71
N GLN B 685 37.12 -5.72 24.32
CA GLN B 685 37.88 -4.72 25.06
C GLN B 685 37.14 -3.39 25.26
N LYS B 686 37.58 -2.64 26.26
CA LYS B 686 37.06 -1.30 26.55
C LYS B 686 37.90 -0.31 25.71
N GLU B 687 37.83 1.01 25.89
CA GLU B 687 37.18 1.73 26.99
C GLU B 687 35.67 1.78 26.89
N SER B 688 35.03 1.93 28.06
CA SER B 688 33.58 2.13 28.16
C SER B 688 32.78 1.25 27.22
N SER B 691 31.71 -4.63 23.26
CA SER B 691 31.94 -4.47 21.83
C SER B 691 32.13 -5.82 21.14
N ALA B 692 31.24 -6.76 21.43
CA ALA B 692 31.35 -8.13 20.95
C ALA B 692 30.59 -8.38 19.66
N GLY B 693 31.08 -9.33 18.86
CA GLY B 693 30.41 -9.75 17.64
C GLY B 693 29.57 -10.99 17.89
N LEU B 694 28.56 -11.21 17.06
CA LEU B 694 27.56 -12.25 17.30
C LEU B 694 27.53 -13.33 16.20
N GLN B 695 28.44 -13.23 15.24
CA GLN B 695 28.60 -14.22 14.16
C GLN B 695 27.29 -14.66 13.49
N LYS B 696 26.31 -13.77 13.44
CA LYS B 696 25.04 -14.03 12.76
C LYS B 696 24.24 -15.14 13.44
N ALA B 697 24.55 -15.42 14.70
CA ALA B 697 23.83 -16.45 15.45
C ALA B 697 22.41 -16.00 15.74
N PRO B 698 21.48 -16.96 15.93
CA PRO B 698 20.09 -16.59 16.26
C PRO B 698 19.98 -15.83 17.58
N VAL B 699 19.35 -14.65 17.55
CA VAL B 699 19.14 -13.84 18.74
C VAL B 699 17.68 -13.44 18.87
N LYS B 700 17.16 -13.49 20.09
CA LYS B 700 15.79 -13.10 20.37
C LYS B 700 15.65 -12.60 21.81
N PHE B 701 16.43 -13.19 22.72
CA PHE B 701 16.43 -12.80 24.12
C PHE B 701 17.84 -12.41 24.59
N VAL B 702 18.23 -11.16 24.35
CA VAL B 702 19.50 -10.66 24.86
C VAL B 702 19.28 -10.15 26.29
N ARG B 703 20.28 -10.36 27.15
CA ARG B 703 20.15 -10.10 28.58
C ARG B 703 21.44 -9.56 29.16
N PHE B 704 21.33 -8.75 30.21
CA PHE B 704 22.51 -8.24 30.90
C PHE B 704 22.19 -7.96 32.37
N GLN B 718 25.36 3.93 26.30
CA GLN B 718 25.11 3.26 25.03
C GLN B 718 24.77 1.78 25.24
N PHE B 719 23.79 1.30 24.50
CA PHE B 719 23.40 -0.10 24.53
C PHE B 719 22.64 -0.44 23.27
N VAL B 720 23.33 -1.03 22.30
CA VAL B 720 22.76 -1.27 20.97
C VAL B 720 22.99 -2.70 20.47
N LEU B 721 21.94 -3.28 19.91
CA LEU B 721 22.02 -4.57 19.24
C LEU B 721 21.91 -4.35 17.73
N THR B 722 22.70 -5.10 16.96
CA THR B 722 22.67 -4.99 15.50
C THR B 722 22.27 -6.33 14.89
N ILE B 723 21.11 -6.35 14.22
CA ILE B 723 20.60 -7.55 13.58
C ILE B 723 20.91 -7.56 12.08
N GLU B 724 20.46 -8.59 11.39
CA GLU B 724 20.68 -8.72 9.95
C GLU B 724 19.45 -8.27 9.15
N LYS B 725 19.71 -7.53 8.08
CA LYS B 725 18.65 -7.09 7.17
C LYS B 725 19.19 -6.94 5.75
#